data_7TUF
#
_entry.id   7TUF
#
_cell.length_a   117.422
_cell.length_b   68.988
_cell.length_c   142.981
_cell.angle_alpha   90.000
_cell.angle_beta   108.415
_cell.angle_gamma   90.000
#
_symmetry.space_group_name_H-M   'P 1 21 1'
#
loop_
_entity.id
_entity.type
_entity.pdbx_description
1 polymer Tapasin
2 polymer 'PaSta1 Fab heavy chain'
3 polymer 'PaSta1 Fab kappa light chain'
4 non-polymer 2-acetamido-2-deoxy-beta-D-glucopyranose
5 water water
#
loop_
_entity_poly.entity_id
_entity_poly.type
_entity_poly.pdbx_seq_one_letter_code
_entity_poly.pdbx_strand_id
1 'polypeptide(L)'
;GPAVIECWFVEDASGKGLAKRPGALLLRQGPGEPPPRPDLDPELYLSVHDPAGALQAAFRRYPRGAPAPHCEMSRFVPLP
ASAKWASGLTPAQNCPRALDGAWLMVSISSPVLSLSSLLRPQPEPQQEPVLITMATVVLTVLTHTPAPRVRLGQDALLDL
SFAYMPPTSEAASSLAPGPPPFGLEWRRQHLGKGHLLLAATPGLNGQMPAAQEGAVAFAAWDDDEPWGPWTGNGTFWLPR
VQPFQEGTYLATIHLPYLQGQVTLELAVYKPPKVSLMPATLARAAPGEAPPELLCLVSHFYPSGGLEVEWELRGGPGGRS
QKAEGQRWLSALRHHSDGSVSLSGHLQPPPVTTEQHGARYACRIHHPSLPASGRSAEVTLEGGLEVLFQGPGGGLNDIFE
AQKIEWHEGGHHHHHH
;
D,C
2 'polypeptide(L)'
;DVQLQESGPGLVIPSQSLSLTCTVTGYSITTDYAWNWIRQFPGNRLEWMGYISSSGVTVYNPSLKSRISITRDTSKNQFF
LQLISVTTEDTATYYCARRGYYRYDSIDYWGQGTTLTVSSAKTTPPSVYPLAPGSAAQTNSMVTLGCLVKGYFPEPVTVT
WNSGSLSSGVHTFPAVLQSDLYTLSSSVTVPSSTWPSETVTCNVAHPASSTKVDKKIVPRDCGCKGSHHHHHH
;
H,A
3 'polypeptide(L)'
;QIVLSQSPAILSASPGEKVTMTCRATSSVSYIHWYQQKPGSSPKPWIYATSSLTSGVPVRFSGSGSGTSYSLTISRVEAE
DAATYYCQQWSSNPPTFGGGTKLEIKRADAAPTVSIFPPSSEQLTSGGASVVCFLNNFYPKDINVKWKIDGSERQNGVLN
SWTDQDSKDSTYSMSSTLTLTKDEYERHNSYTCEATHKTSTSPIVKSFNRNEC
;
L,B
#
# COMPACT_ATOMS: atom_id res chain seq x y z
N GLY A 1 31.80 15.42 -15.44
CA GLY A 1 31.64 14.78 -16.73
C GLY A 1 31.45 15.75 -17.88
N PRO A 2 31.47 15.24 -19.11
CA PRO A 2 31.36 16.12 -20.28
C PRO A 2 29.94 16.63 -20.47
N ALA A 3 29.85 17.83 -21.06
CA ALA A 3 28.56 18.46 -21.30
C ALA A 3 28.03 18.21 -22.71
N VAL A 4 28.92 17.89 -23.66
CA VAL A 4 28.52 17.50 -25.00
C VAL A 4 29.32 16.25 -25.38
N ILE A 5 28.73 15.44 -26.26
CA ILE A 5 29.34 14.19 -26.69
C ILE A 5 29.46 14.24 -28.21
N GLU A 6 30.68 14.08 -28.70
CA GLU A 6 30.93 13.92 -30.13
C GLU A 6 30.81 12.46 -30.49
N CYS A 7 30.24 12.18 -31.66
CA CYS A 7 29.96 10.80 -32.08
C CYS A 7 30.18 10.70 -33.58
N TRP A 8 29.77 9.56 -34.15
CA TRP A 8 29.79 9.31 -35.58
C TRP A 8 28.54 8.54 -35.95
N PHE A 9 27.83 9.01 -36.98
CA PHE A 9 26.67 8.30 -37.50
C PHE A 9 27.14 7.36 -38.60
N VAL A 10 27.02 6.06 -38.37
CA VAL A 10 27.53 5.05 -39.28
C VAL A 10 26.39 4.49 -40.12
N GLU A 11 26.72 4.03 -41.33
CA GLU A 11 25.76 3.43 -42.25
C GLU A 11 26.33 2.13 -42.79
N ASP A 12 25.44 1.21 -43.17
CA ASP A 12 25.87 -0.06 -43.72
C ASP A 12 25.27 -0.28 -45.10
N ALA A 13 24.51 -1.37 -45.24
CA ALA A 13 23.73 -1.67 -46.43
C ALA A 13 24.60 -1.82 -47.67
N SER A 14 25.38 -0.77 -48.00
CA SER A 14 26.15 -0.76 -49.24
C SER A 14 27.17 -1.90 -49.27
N GLY A 15 27.69 -2.30 -48.12
CA GLY A 15 28.68 -3.36 -48.06
C GLY A 15 30.07 -2.98 -48.49
N LYS A 16 30.27 -1.73 -48.93
CA LYS A 16 31.59 -1.24 -49.33
C LYS A 16 32.33 -0.57 -48.17
N GLY A 17 32.16 -1.06 -46.96
CA GLY A 17 32.80 -0.43 -45.81
C GLY A 17 31.88 0.55 -45.12
N LEU A 18 32.10 0.70 -43.81
CA LEU A 18 31.27 1.57 -42.99
C LEU A 18 31.42 3.03 -43.40
N ALA A 19 30.36 3.59 -43.99
CA ALA A 19 30.33 5.02 -44.29
C ALA A 19 29.90 5.78 -43.04
N LYS A 20 30.64 6.83 -42.70
CA LYS A 20 30.40 7.55 -41.45
C LYS A 20 30.56 9.05 -41.66
N ARG A 21 29.73 9.82 -40.97
CA ARG A 21 29.75 11.26 -40.97
C ARG A 21 29.72 11.75 -39.54
N PRO A 22 30.19 12.97 -39.27
CA PRO A 22 30.24 13.46 -37.89
C PRO A 22 28.86 13.67 -37.31
N GLY A 23 28.82 13.73 -35.97
CA GLY A 23 27.58 13.94 -35.26
C GLY A 23 27.86 14.12 -33.78
N ALA A 24 26.93 14.80 -33.11
CA ALA A 24 27.11 15.12 -31.70
C ALA A 24 25.79 14.93 -30.96
N LEU A 25 25.91 14.75 -29.64
CA LEU A 25 24.77 14.58 -28.74
C LEU A 25 24.84 15.67 -27.68
N LEU A 26 23.89 16.59 -27.72
CA LEU A 26 23.83 17.72 -26.78
C LEU A 26 22.84 17.37 -25.67
N LEU A 27 23.36 17.18 -24.46
CA LEU A 27 22.53 16.85 -23.31
C LEU A 27 21.73 18.07 -22.84
N PRO A 34 21.91 26.44 -27.47
CA PRO A 34 22.51 25.45 -28.37
C PRO A 34 23.62 26.03 -29.24
N PRO A 35 24.87 25.64 -29.00
CA PRO A 35 25.99 26.14 -29.80
C PRO A 35 25.86 25.69 -31.25
N PRO A 36 26.22 26.55 -32.20
CA PRO A 36 26.06 26.19 -33.62
C PRO A 36 27.16 25.24 -34.07
N ARG A 37 26.75 24.15 -34.71
CA ARG A 37 27.69 23.16 -35.23
C ARG A 37 27.63 23.15 -36.75
N PRO A 38 28.63 23.69 -37.46
CA PRO A 38 28.56 23.72 -38.92
C PRO A 38 29.08 22.44 -39.57
N ASP A 39 30.10 21.83 -38.97
CA ASP A 39 30.65 20.59 -39.50
C ASP A 39 29.70 19.40 -39.38
N LEU A 40 28.61 19.55 -38.63
CA LEU A 40 27.64 18.49 -38.46
C LEU A 40 26.34 18.88 -39.16
N ASP A 41 25.81 17.96 -39.96
CA ASP A 41 24.52 18.17 -40.60
C ASP A 41 23.43 18.30 -39.53
N PRO A 42 22.38 19.07 -39.79
CA PRO A 42 21.34 19.27 -38.76
C PRO A 42 20.59 18.00 -38.40
N GLU A 43 20.64 16.97 -39.25
CA GLU A 43 19.97 15.71 -38.93
C GLU A 43 20.74 14.90 -37.90
N LEU A 44 22.07 15.06 -37.84
CA LEU A 44 22.92 14.33 -36.92
C LEU A 44 23.24 15.10 -35.66
N TYR A 45 22.79 16.35 -35.55
CA TYR A 45 22.98 17.16 -34.35
C TYR A 45 21.71 17.05 -33.52
N LEU A 46 21.73 16.18 -32.50
CA LEU A 46 20.55 15.83 -31.73
C LEU A 46 20.58 16.51 -30.37
N SER A 47 19.48 17.13 -29.99
CA SER A 47 19.27 17.66 -28.64
C SER A 47 18.48 16.60 -27.89
N VAL A 48 19.21 15.74 -27.16
CA VAL A 48 18.59 14.57 -26.55
C VAL A 48 17.77 14.98 -25.33
N HIS A 49 16.65 14.30 -25.14
CA HIS A 49 15.77 14.49 -23.99
C HIS A 49 15.62 13.14 -23.30
N ASP A 50 16.19 13.03 -22.09
CA ASP A 50 16.21 11.77 -21.34
C ASP A 50 15.37 11.91 -20.08
N PRO A 51 14.05 11.67 -20.16
CA PRO A 51 13.23 11.78 -18.94
C PRO A 51 13.55 10.71 -17.91
N ALA A 52 13.98 9.52 -18.34
CA ALA A 52 14.35 8.48 -17.38
C ALA A 52 15.67 8.78 -16.70
N GLY A 53 16.51 9.62 -17.29
CA GLY A 53 17.72 10.08 -16.63
C GLY A 53 18.80 9.04 -16.47
N ALA A 54 18.86 8.05 -17.34
CA ALA A 54 19.93 7.05 -17.29
C ALA A 54 21.12 7.48 -18.14
N LEU A 55 20.86 7.90 -19.38
CA LEU A 55 21.93 8.39 -20.24
C LEU A 55 22.54 9.67 -19.68
N GLN A 56 21.71 10.54 -19.12
CA GLN A 56 22.22 11.80 -18.58
C GLN A 56 23.04 11.59 -17.31
N ALA A 57 22.57 10.72 -16.41
CA ALA A 57 23.28 10.50 -15.16
C ALA A 57 24.62 9.83 -15.38
N ALA A 58 24.73 8.95 -16.38
CA ALA A 58 25.99 8.29 -16.67
C ALA A 58 27.08 9.29 -17.03
N PHE A 59 26.72 10.46 -17.54
CA PHE A 59 27.69 11.49 -17.86
C PHE A 59 27.94 12.45 -16.69
N ARG A 60 26.93 12.67 -15.85
CA ARG A 60 27.15 13.51 -14.67
C ARG A 60 28.06 12.82 -13.67
N ARG A 61 27.92 11.50 -13.52
CA ARG A 61 28.78 10.72 -12.65
C ARG A 61 30.05 10.23 -13.34
N TYR A 62 30.29 10.67 -14.57
CA TYR A 62 31.49 10.28 -15.29
C TYR A 62 32.73 10.79 -14.56
N PRO A 63 33.82 10.03 -14.56
CA PRO A 63 35.03 10.47 -13.86
C PRO A 63 35.58 11.77 -14.43
N ARG A 64 36.07 12.63 -13.55
CA ARG A 64 36.62 13.91 -13.97
C ARG A 64 37.94 13.70 -14.70
N GLY A 65 38.17 14.53 -15.72
CA GLY A 65 39.35 14.42 -16.54
C GLY A 65 39.43 13.19 -17.41
N ALA A 66 38.38 12.36 -17.43
CA ALA A 66 38.38 11.17 -18.25
C ALA A 66 38.30 11.54 -19.73
N PRO A 67 38.87 10.71 -20.60
CA PRO A 67 38.81 11.00 -22.04
C PRO A 67 37.41 10.85 -22.59
N ALA A 68 37.21 11.36 -23.80
CA ALA A 68 35.92 11.28 -24.46
C ALA A 68 35.63 9.85 -24.86
N PRO A 69 34.51 9.27 -24.43
CA PRO A 69 34.21 7.88 -24.82
C PRO A 69 33.76 7.79 -26.27
N HIS A 70 34.04 6.63 -26.87
CA HIS A 70 33.60 6.38 -28.24
C HIS A 70 32.08 6.27 -28.28
N CYS A 71 31.50 6.80 -29.35
CA CYS A 71 30.04 6.87 -29.48
C CYS A 71 29.66 6.83 -30.95
N GLU A 72 28.66 6.01 -31.27
CA GLU A 72 28.21 5.86 -32.65
C GLU A 72 26.72 5.58 -32.66
N MET A 73 26.01 6.25 -33.58
CA MET A 73 24.59 6.02 -33.79
C MET A 73 24.37 5.19 -35.04
N SER A 74 23.31 4.39 -35.03
CA SER A 74 22.96 3.52 -36.15
C SER A 74 21.46 3.49 -36.31
N ARG A 75 21.02 3.20 -37.54
CA ARG A 75 19.59 3.11 -37.83
C ARG A 75 19.02 1.85 -37.20
N PHE A 76 18.02 2.01 -36.34
CA PHE A 76 17.39 0.89 -35.66
C PHE A 76 16.29 0.30 -36.54
N ALA A 102 12.36 6.72 -37.98
CA ALA A 102 13.77 7.07 -37.90
C ALA A 102 14.33 6.78 -36.50
N TRP A 103 14.24 5.52 -36.09
CA TRP A 103 14.73 5.11 -34.79
C TRP A 103 16.25 5.13 -34.78
N LEU A 104 16.83 5.87 -33.83
CA LEU A 104 18.27 6.01 -33.70
C LEU A 104 18.74 5.26 -32.46
N MET A 105 19.77 4.43 -32.63
CA MET A 105 20.35 3.66 -31.52
C MET A 105 21.74 4.19 -31.23
N VAL A 106 21.95 4.65 -30.01
CA VAL A 106 23.23 5.23 -29.59
C VAL A 106 24.00 4.17 -28.79
N SER A 107 25.24 3.93 -29.20
CA SER A 107 26.12 2.96 -28.55
C SER A 107 27.35 3.71 -28.06
N ILE A 108 27.46 3.86 -26.74
CA ILE A 108 28.59 4.54 -26.11
C ILE A 108 29.45 3.49 -25.42
N SER A 109 30.74 3.49 -25.73
CA SER A 109 31.67 2.50 -25.21
C SER A 109 32.85 3.20 -24.53
N SER A 110 33.34 2.59 -23.46
CA SER A 110 34.43 3.11 -22.66
C SER A 110 34.85 2.04 -21.66
N PRO A 111 36.10 2.05 -21.20
CA PRO A 111 36.51 1.08 -20.16
C PRO A 111 35.72 1.21 -18.87
N VAL A 112 34.99 2.31 -18.68
CA VAL A 112 34.19 2.51 -17.48
C VAL A 112 32.75 2.05 -17.68
N LEU A 113 32.17 2.30 -18.84
CA LEU A 113 30.77 1.97 -19.06
C LEU A 113 30.54 1.55 -20.50
N SER A 114 29.57 0.66 -20.69
CA SER A 114 29.03 0.31 -22.00
C SER A 114 27.54 0.62 -21.98
N LEU A 115 27.10 1.51 -22.86
CA LEU A 115 25.75 2.03 -22.84
C LEU A 115 25.08 1.82 -24.20
N SER A 116 23.78 1.52 -24.17
CA SER A 116 22.97 1.40 -25.37
C SER A 116 21.67 2.17 -25.13
N SER A 117 21.34 3.07 -26.05
CA SER A 117 20.15 3.91 -25.93
C SER A 117 19.42 3.97 -27.26
N LEU A 118 18.10 4.04 -27.19
CA LEU A 118 17.23 4.17 -28.36
C LEU A 118 16.53 5.52 -28.30
N LEU A 119 16.61 6.28 -29.39
CA LEU A 119 16.05 7.63 -29.45
C LEU A 119 14.93 7.67 -30.48
N ARG A 120 13.89 8.44 -30.17
CA ARG A 120 12.75 8.63 -31.04
C ARG A 120 12.67 10.08 -31.49
N PRO A 121 12.50 10.35 -32.78
CA PRO A 121 12.37 11.75 -33.24
C PRO A 121 10.92 12.22 -33.20
N GLN A 122 10.70 13.48 -33.60
CA GLN A 122 9.36 14.05 -33.64
C GLN A 122 9.18 14.97 -34.83
N VAL A 130 20.68 27.59 -35.99
CA VAL A 130 20.47 26.53 -36.96
C VAL A 130 19.42 25.55 -36.46
N LEU A 131 19.05 24.60 -37.33
CA LEU A 131 18.05 23.60 -36.99
C LEU A 131 18.69 22.43 -36.25
N ILE A 132 17.98 21.91 -35.25
CA ILE A 132 18.45 20.79 -34.45
C ILE A 132 17.30 19.80 -34.31
N THR A 133 17.51 18.57 -34.79
CA THR A 133 16.50 17.53 -34.67
C THR A 133 16.38 17.08 -33.22
N MET A 134 15.19 17.24 -32.64
CA MET A 134 14.93 16.85 -31.27
C MET A 134 14.60 15.37 -31.18
N ALA A 135 15.17 14.71 -30.17
CA ALA A 135 14.97 13.27 -29.97
C ALA A 135 14.76 13.00 -28.49
N THR A 136 14.13 11.85 -28.20
CA THR A 136 13.79 11.46 -26.84
C THR A 136 14.24 10.04 -26.60
N VAL A 137 14.93 9.82 -25.48
CA VAL A 137 15.44 8.50 -25.13
C VAL A 137 14.30 7.66 -24.59
N VAL A 138 14.07 6.50 -25.21
CA VAL A 138 12.99 5.60 -24.83
C VAL A 138 13.49 4.46 -23.95
N LEU A 139 14.57 3.80 -24.36
CA LEU A 139 15.13 2.68 -23.63
C LEU A 139 16.64 2.87 -23.52
N THR A 140 17.17 2.65 -22.32
CA THR A 140 18.60 2.77 -22.07
C THR A 140 19.06 1.59 -21.24
N VAL A 141 19.97 0.78 -21.79
CA VAL A 141 20.55 -0.35 -21.09
C VAL A 141 22.03 -0.09 -20.94
N LEU A 142 22.54 -0.22 -19.72
CA LEU A 142 23.87 0.26 -19.38
C LEU A 142 24.54 -0.68 -18.40
N THR A 143 25.85 -0.89 -18.58
CA THR A 143 26.67 -1.61 -17.62
C THR A 143 27.91 -0.79 -17.29
N HIS A 144 28.36 -0.89 -16.04
CA HIS A 144 29.56 -0.22 -15.58
C HIS A 144 30.75 -1.16 -15.43
N THR A 145 30.59 -2.43 -15.78
CA THR A 145 31.68 -3.41 -15.78
C THR A 145 31.74 -4.05 -17.17
N PRO A 146 32.18 -3.30 -18.18
CA PRO A 146 32.22 -3.87 -19.53
C PRO A 146 33.30 -4.92 -19.72
N ALA A 147 34.40 -4.81 -18.98
CA ALA A 147 35.50 -5.77 -19.05
C ALA A 147 35.84 -6.24 -17.64
N PRO A 148 35.00 -7.09 -17.05
CA PRO A 148 35.30 -7.59 -15.71
C PRO A 148 36.47 -8.56 -15.72
N ARG A 149 37.29 -8.48 -14.68
CA ARG A 149 38.45 -9.34 -14.52
C ARG A 149 38.29 -10.11 -13.21
N VAL A 150 38.06 -11.42 -13.32
CA VAL A 150 37.77 -12.26 -12.16
C VAL A 150 38.92 -13.24 -11.94
N ARG A 151 39.22 -13.50 -10.67
CA ARG A 151 40.23 -14.49 -10.31
C ARG A 151 39.63 -15.89 -10.37
N LEU A 152 40.41 -16.84 -10.88
CA LEU A 152 39.96 -18.21 -11.02
C LEU A 152 39.51 -18.77 -9.67
N GLY A 153 38.28 -19.31 -9.63
CA GLY A 153 37.71 -19.87 -8.44
C GLY A 153 36.75 -18.97 -7.71
N GLN A 154 36.82 -17.66 -7.94
CA GLN A 154 35.93 -16.71 -7.30
C GLN A 154 34.64 -16.57 -8.09
N ASP A 155 33.70 -15.81 -7.52
CA ASP A 155 32.40 -15.56 -8.14
C ASP A 155 32.45 -14.25 -8.91
N ALA A 156 31.91 -14.27 -10.12
CA ALA A 156 31.81 -13.08 -10.95
C ALA A 156 30.42 -12.47 -10.80
N LEU A 157 30.36 -11.14 -10.84
CA LEU A 157 29.11 -10.40 -10.65
C LEU A 157 28.97 -9.40 -11.80
N LEU A 158 28.17 -9.75 -12.80
CA LEU A 158 27.90 -8.86 -13.93
C LEU A 158 26.71 -7.98 -13.57
N ASP A 159 26.94 -6.67 -13.54
CA ASP A 159 25.94 -5.71 -13.09
C ASP A 159 25.54 -4.78 -14.23
N LEU A 160 24.25 -4.71 -14.52
CA LEU A 160 23.72 -3.75 -15.47
C LEU A 160 22.51 -3.05 -14.87
N SER A 161 22.07 -1.98 -15.54
CA SER A 161 20.88 -1.24 -15.16
C SER A 161 20.19 -0.77 -16.43
N PHE A 162 18.89 -0.49 -16.31
CA PHE A 162 18.09 -0.14 -17.47
C PHE A 162 17.01 0.86 -17.07
N ALA A 163 16.61 1.69 -18.04
CA ALA A 163 15.58 2.70 -17.83
C ALA A 163 14.66 2.72 -19.05
N TYR A 164 13.36 2.87 -18.80
CA TYR A 164 12.35 2.75 -19.85
C TYR A 164 11.38 3.91 -19.75
N MET A 165 11.24 4.66 -20.85
CA MET A 165 10.28 5.76 -20.94
C MET A 165 9.14 5.33 -21.86
N PRO A 166 7.95 5.03 -21.34
CA PRO A 166 6.90 4.46 -22.18
C PRO A 166 6.19 5.53 -22.97
N PRO A 167 5.55 5.18 -24.08
CA PRO A 167 4.66 6.12 -24.76
C PRO A 167 3.34 6.25 -24.03
N THR A 168 2.61 7.33 -24.35
CA THR A 168 1.32 7.56 -23.72
C THR A 168 0.31 6.47 -24.09
N SER A 169 0.47 5.85 -25.26
CA SER A 169 -0.44 4.79 -25.69
C SER A 169 -0.38 3.56 -24.79
N GLU A 170 0.72 3.38 -24.05
CA GLU A 170 0.81 2.24 -23.15
C GLU A 170 0.05 2.48 -21.86
N ALA A 171 0.17 3.68 -21.29
CA ALA A 171 -0.59 3.99 -20.08
C ALA A 171 -2.08 4.09 -20.37
N ALA A 172 -2.44 4.63 -21.54
CA ALA A 172 -3.84 4.83 -21.88
C ALA A 172 -4.58 3.52 -22.08
N SER A 173 -3.86 2.41 -22.24
CA SER A 173 -4.49 1.11 -22.50
C SER A 173 -4.22 0.12 -21.38
N SER A 174 -3.86 0.58 -20.19
CA SER A 174 -3.52 -0.30 -19.08
C SER A 174 -4.52 -0.09 -17.95
N LEU A 175 -5.42 -1.06 -17.77
CA LEU A 175 -6.26 -1.09 -16.58
C LEU A 175 -5.45 -1.70 -15.45
N ALA A 176 -5.42 -1.00 -14.31
CA ALA A 176 -4.45 -1.24 -13.24
C ALA A 176 -3.05 -1.12 -13.83
N PRO A 177 -2.57 0.10 -14.05
CA PRO A 177 -1.31 0.29 -14.79
C PRO A 177 -0.10 0.19 -13.87
N GLY A 178 1.06 0.14 -14.51
CA GLY A 178 2.32 0.03 -13.81
C GLY A 178 3.46 -0.35 -14.74
N PRO A 179 4.60 -0.72 -14.17
CA PRO A 179 5.74 -1.12 -15.00
C PRO A 179 5.47 -2.44 -15.71
N PRO A 180 5.87 -2.57 -16.96
CA PRO A 180 5.56 -3.77 -17.73
C PRO A 180 6.44 -4.93 -17.31
N PRO A 181 5.95 -6.16 -17.43
CA PRO A 181 6.83 -7.31 -17.20
C PRO A 181 7.89 -7.38 -18.28
N PHE A 182 9.12 -7.71 -17.87
CA PHE A 182 10.24 -7.76 -18.78
C PHE A 182 10.96 -9.09 -18.64
N GLY A 183 11.81 -9.37 -19.62
CA GLY A 183 12.69 -10.53 -19.60
C GLY A 183 14.13 -10.07 -19.69
N LEU A 184 15.01 -10.78 -19.00
CA LEU A 184 16.43 -10.44 -18.96
C LEU A 184 17.22 -11.72 -19.16
N GLU A 185 17.64 -11.98 -20.39
CA GLU A 185 18.37 -13.20 -20.73
C GLU A 185 19.86 -12.93 -20.76
N TRP A 186 20.65 -13.96 -20.42
CA TRP A 186 22.10 -13.88 -20.37
C TRP A 186 22.68 -14.97 -21.25
N ARG A 187 23.49 -14.58 -22.23
CA ARG A 187 24.10 -15.52 -23.16
C ARG A 187 25.59 -15.26 -23.27
N ARG A 188 26.37 -16.34 -23.27
CA ARG A 188 27.81 -16.29 -23.51
C ARG A 188 28.07 -16.66 -24.96
N GLN A 189 28.74 -15.77 -25.69
CA GLN A 189 28.92 -15.93 -27.12
C GLN A 189 30.24 -16.63 -27.42
N HIS A 190 30.19 -17.63 -28.29
CA HIS A 190 31.36 -18.26 -28.85
C HIS A 190 30.95 -19.01 -30.13
N LEU A 191 31.87 -19.04 -31.10
CA LEU A 191 31.60 -19.64 -32.39
C LEU A 191 31.13 -21.09 -32.26
N GLY A 192 29.85 -21.34 -32.51
CA GLY A 192 29.29 -22.67 -32.40
C GLY A 192 27.78 -22.65 -32.22
N LYS A 193 27.31 -22.00 -31.16
CA LYS A 193 25.89 -21.91 -30.87
C LYS A 193 25.67 -20.85 -29.79
N GLY A 194 24.50 -20.24 -29.82
CA GLY A 194 24.13 -19.32 -28.75
C GLY A 194 23.85 -20.08 -27.47
N HIS A 195 24.40 -19.58 -26.36
CA HIS A 195 24.40 -20.30 -25.09
C HIS A 195 23.72 -19.45 -24.02
N LEU A 196 22.41 -19.65 -23.86
CA LEU A 196 21.66 -18.93 -22.83
C LEU A 196 21.92 -19.57 -21.47
N LEU A 197 22.41 -18.78 -20.51
CA LEU A 197 22.79 -19.27 -19.20
C LEU A 197 21.72 -19.06 -18.15
N LEU A 198 21.18 -17.85 -18.04
CA LEU A 198 20.14 -17.53 -17.08
C LEU A 198 19.18 -16.54 -17.70
N ALA A 199 18.00 -16.42 -17.10
CA ALA A 199 16.98 -15.52 -17.60
C ALA A 199 16.04 -15.12 -16.47
N ALA A 200 15.41 -13.96 -16.61
CA ALA A 200 14.37 -13.56 -15.69
C ALA A 200 13.12 -14.38 -15.95
N THR A 201 12.41 -14.72 -14.87
CA THR A 201 11.23 -15.57 -14.99
C THR A 201 10.13 -14.83 -15.73
N PRO A 202 9.56 -15.41 -16.80
CA PRO A 202 8.47 -14.80 -17.56
C PRO A 202 7.09 -15.14 -17.00
N MET A 208 12.91 -18.78 -13.38
CA MET A 208 13.88 -18.90 -14.46
C MET A 208 13.82 -20.28 -15.10
N PRO A 209 13.53 -20.33 -16.40
CA PRO A 209 13.51 -21.62 -17.10
C PRO A 209 14.83 -21.96 -17.76
N ALA A 210 15.93 -21.51 -17.16
CA ALA A 210 17.26 -21.76 -17.70
C ALA A 210 18.18 -22.33 -16.64
N ALA A 211 18.95 -21.46 -15.97
CA ALA A 211 19.82 -21.84 -14.88
C ALA A 211 20.88 -22.86 -15.28
N GLN A 212 21.95 -22.44 -15.93
CA GLN A 212 23.04 -23.34 -16.30
C GLN A 212 24.32 -22.95 -15.56
N GLU A 213 25.17 -23.94 -15.31
CA GLU A 213 26.47 -23.74 -14.64
C GLU A 213 26.31 -23.08 -13.27
N GLY A 214 25.17 -23.31 -12.61
CA GLY A 214 24.92 -22.71 -11.32
C GLY A 214 24.72 -21.21 -11.33
N ALA A 215 24.50 -20.61 -12.49
CA ALA A 215 24.32 -19.16 -12.56
C ALA A 215 22.93 -18.77 -12.07
N VAL A 216 22.85 -17.59 -11.47
CA VAL A 216 21.60 -17.05 -10.95
C VAL A 216 21.41 -15.64 -11.52
N ALA A 217 20.16 -15.33 -11.88
CA ALA A 217 19.81 -14.04 -12.44
C ALA A 217 19.02 -13.22 -11.43
N PHE A 218 19.31 -11.92 -11.38
CA PHE A 218 18.62 -10.99 -10.50
C PHE A 218 18.15 -9.80 -11.31
N ALA A 219 16.86 -9.49 -11.22
CA ALA A 219 16.29 -8.37 -11.95
C ALA A 219 15.02 -7.91 -11.26
N ALA A 220 14.83 -6.60 -11.20
CA ALA A 220 13.66 -6.00 -10.56
C ALA A 220 13.60 -4.52 -10.89
N TRP A 221 12.38 -4.02 -11.14
CA TRP A 221 12.19 -2.58 -11.27
C TRP A 221 12.51 -1.89 -9.95
N ASP A 222 12.87 -0.61 -10.03
CA ASP A 222 13.17 0.13 -8.81
C ASP A 222 11.93 0.39 -7.98
N ASP A 223 10.77 0.49 -8.63
CA ASP A 223 9.48 0.55 -7.95
C ASP A 223 8.43 0.01 -8.90
N ASP A 224 7.17 0.03 -8.45
CA ASP A 224 6.05 -0.42 -9.28
C ASP A 224 5.00 0.66 -9.48
N GLU A 225 5.37 1.93 -9.31
CA GLU A 225 4.50 3.08 -9.47
C GLU A 225 3.71 3.00 -10.77
N PRO A 226 2.48 3.53 -10.80
CA PRO A 226 1.66 3.37 -12.02
C PRO A 226 2.21 4.12 -13.22
N TRP A 227 2.77 5.31 -13.02
CA TRP A 227 3.08 6.21 -14.12
C TRP A 227 4.58 6.38 -14.31
N GLY A 228 4.95 7.36 -15.12
CA GLY A 228 6.31 7.80 -15.26
C GLY A 228 7.21 6.79 -15.92
N PRO A 229 8.46 7.18 -16.16
CA PRO A 229 9.47 6.22 -16.57
C PRO A 229 9.93 5.39 -15.39
N TRP A 230 10.26 4.14 -15.66
CA TRP A 230 10.73 3.21 -14.64
C TRP A 230 12.20 2.88 -14.84
N THR A 231 12.87 2.55 -13.75
CA THR A 231 14.26 2.12 -13.76
C THR A 231 14.37 0.79 -13.03
N GLY A 232 15.37 0.00 -13.41
CA GLY A 232 15.58 -1.29 -12.79
C GLY A 232 17.04 -1.71 -12.90
N ASN A 233 17.37 -2.75 -12.15
CA ASN A 233 18.71 -3.31 -12.12
C ASN A 233 18.69 -4.74 -12.64
N GLY A 234 19.85 -5.20 -13.07
CA GLY A 234 20.00 -6.56 -13.55
C GLY A 234 21.39 -7.11 -13.29
N THR A 235 21.52 -7.95 -12.27
CA THR A 235 22.80 -8.53 -11.91
C THR A 235 22.87 -9.99 -12.32
N PHE A 236 24.08 -10.45 -12.62
CA PHE A 236 24.34 -11.83 -13.04
C PHE A 236 25.41 -12.43 -12.15
N TRP A 237 25.14 -13.61 -11.61
CA TRP A 237 26.05 -14.28 -10.70
C TRP A 237 26.58 -15.56 -11.35
N LEU A 238 27.90 -15.74 -11.29
CA LEU A 238 28.56 -16.95 -11.79
C LEU A 238 29.43 -17.53 -10.69
N PRO A 239 29.07 -18.69 -10.14
CA PRO A 239 29.84 -19.24 -9.02
C PRO A 239 31.07 -19.98 -9.50
N ARG A 240 32.20 -19.71 -8.84
CA ARG A 240 33.47 -20.41 -9.06
C ARG A 240 33.82 -20.45 -10.55
N VAL A 241 34.12 -19.26 -11.08
CA VAL A 241 34.37 -19.11 -12.51
C VAL A 241 35.60 -19.90 -12.91
N GLN A 242 35.43 -20.76 -13.91
CA GLN A 242 36.49 -21.58 -14.47
C GLN A 242 36.90 -21.05 -15.84
N PRO A 243 38.08 -21.43 -16.34
CA PRO A 243 38.56 -20.88 -17.61
C PRO A 243 37.64 -21.12 -18.80
N PHE A 244 36.81 -22.17 -18.78
CA PHE A 244 35.95 -22.43 -19.92
C PHE A 244 34.78 -21.45 -19.98
N GLN A 245 34.48 -20.74 -18.89
CA GLN A 245 33.42 -19.76 -18.86
C GLN A 245 33.87 -18.38 -19.35
N GLU A 246 35.12 -18.25 -19.79
CA GLU A 246 35.58 -17.00 -20.35
C GLU A 246 34.93 -16.76 -21.70
N GLY A 247 34.75 -15.49 -22.05
CA GLY A 247 34.23 -15.13 -23.35
C GLY A 247 33.40 -13.86 -23.28
N THR A 248 32.58 -13.67 -24.31
CA THR A 248 31.72 -12.51 -24.43
C THR A 248 30.33 -12.83 -23.89
N TYR A 249 29.81 -11.96 -23.04
CA TYR A 249 28.50 -12.11 -22.44
C TYR A 249 27.56 -11.04 -22.97
N LEU A 250 26.41 -11.45 -23.49
CA LEU A 250 25.39 -10.54 -24.01
C LEU A 250 24.19 -10.56 -23.09
N ALA A 251 23.78 -9.37 -22.63
CA ALA A 251 22.60 -9.20 -21.81
C ALA A 251 21.50 -8.56 -22.64
N THR A 252 20.32 -9.16 -22.64
CA THR A 252 19.20 -8.70 -23.45
C THR A 252 18.02 -8.37 -22.55
N ILE A 253 17.48 -7.16 -22.70
CA ILE A 253 16.26 -6.76 -22.01
C ILE A 253 15.07 -7.03 -22.94
N HIS A 254 14.08 -7.75 -22.42
CA HIS A 254 12.91 -8.17 -23.19
C HIS A 254 11.71 -7.34 -22.75
N LEU A 255 11.54 -6.18 -23.37
CA LEU A 255 10.35 -5.37 -23.15
C LEU A 255 9.37 -5.56 -24.30
N PRO A 256 8.06 -5.32 -24.06
CA PRO A 256 7.08 -5.47 -25.15
C PRO A 256 7.40 -4.61 -26.36
N TYR A 257 7.72 -5.28 -27.47
CA TYR A 257 8.10 -4.61 -28.73
C TYR A 257 9.31 -3.71 -28.54
N LEU A 258 10.31 -4.19 -27.79
CA LEU A 258 11.52 -3.43 -27.56
C LEU A 258 12.66 -4.37 -27.22
N GLN A 259 13.89 -3.96 -27.57
CA GLN A 259 15.08 -4.80 -27.40
C GLN A 259 16.25 -3.94 -26.95
N GLY A 260 16.85 -4.30 -25.84
CA GLY A 260 18.06 -3.64 -25.38
C GLY A 260 19.17 -4.64 -25.13
N GLN A 261 20.40 -4.25 -25.47
CA GLN A 261 21.51 -5.18 -25.44
C GLN A 261 22.81 -4.46 -25.09
N VAL A 262 23.60 -5.08 -24.20
CA VAL A 262 24.99 -4.68 -23.97
C VAL A 262 25.86 -5.94 -23.94
N THR A 263 27.14 -5.74 -24.20
CA THR A 263 28.12 -6.81 -24.23
C THR A 263 29.15 -6.63 -23.13
N LEU A 264 29.57 -7.75 -22.52
CA LEU A 264 30.58 -7.75 -21.49
C LEU A 264 31.66 -8.75 -21.86
N GLU A 265 32.90 -8.44 -21.46
CA GLU A 265 34.07 -9.26 -21.78
C GLU A 265 34.68 -9.79 -20.48
N LEU A 266 34.26 -10.99 -20.09
CA LEU A 266 34.74 -11.58 -18.85
C LEU A 266 36.06 -12.30 -19.08
N ALA A 267 37.08 -11.94 -18.30
CA ALA A 267 38.41 -12.52 -18.39
C ALA A 267 38.82 -13.11 -17.06
N VAL A 268 39.52 -14.24 -17.11
CA VAL A 268 39.95 -14.97 -15.92
C VAL A 268 41.47 -14.95 -15.85
N TYR A 269 42.01 -14.82 -14.63
CA TYR A 269 43.44 -14.80 -14.40
C TYR A 269 43.78 -15.62 -13.18
N LYS A 270 45.05 -15.98 -13.06
CA LYS A 270 45.55 -16.73 -11.93
C LYS A 270 47.03 -16.43 -11.71
N PRO A 271 47.39 -15.73 -10.64
CA PRO A 271 48.81 -15.52 -10.33
C PRO A 271 49.51 -16.83 -10.05
N PRO A 272 50.59 -17.13 -10.78
CA PRO A 272 51.30 -18.39 -10.54
C PRO A 272 52.13 -18.36 -9.27
N LYS A 273 52.47 -19.56 -8.81
CA LYS A 273 53.39 -19.75 -7.69
C LYS A 273 54.77 -20.07 -8.24
N VAL A 274 55.78 -19.33 -7.77
CA VAL A 274 57.14 -19.43 -8.28
C VAL A 274 58.03 -20.07 -7.22
N SER A 275 58.92 -20.95 -7.66
CA SER A 275 59.85 -21.64 -6.76
C SER A 275 61.07 -22.06 -7.54
N LEU A 276 62.20 -22.15 -6.84
CA LEU A 276 63.48 -22.53 -7.45
C LEU A 276 64.10 -23.67 -6.66
N MET A 277 64.73 -24.61 -7.38
CA MET A 277 65.31 -25.79 -6.75
C MET A 277 66.25 -26.52 -7.70
N PRO A 278 67.25 -27.24 -7.17
CA PRO A 278 68.13 -28.03 -8.06
C PRO A 278 67.46 -29.33 -8.50
N ALA A 279 67.73 -29.72 -9.74
CA ALA A 279 67.07 -30.87 -10.35
C ALA A 279 67.94 -31.39 -11.49
N THR A 280 67.58 -32.56 -12.01
CA THR A 280 68.37 -33.18 -13.06
C THR A 280 67.47 -34.07 -13.92
N LEU A 281 68.05 -34.60 -15.00
CA LEU A 281 67.35 -35.45 -15.94
C LEU A 281 67.17 -36.86 -15.36
N ALA A 282 66.20 -37.59 -15.90
CA ALA A 282 65.80 -38.89 -15.38
C ALA A 282 66.35 -40.06 -16.20
N ARG A 283 66.12 -40.05 -17.50
CA ARG A 283 66.50 -41.17 -18.36
C ARG A 283 67.86 -40.96 -19.01
N ALA A 284 68.87 -40.63 -18.20
CA ALA A 284 70.20 -40.36 -18.72
C ALA A 284 71.25 -41.19 -18.00
N ALA A 285 72.53 -40.95 -18.29
CA ALA A 285 73.62 -41.67 -17.67
C ALA A 285 73.91 -41.12 -16.26
N PRO A 286 74.26 -41.99 -15.31
CA PRO A 286 74.51 -41.52 -13.94
C PRO A 286 75.64 -40.50 -13.85
N GLY A 287 75.29 -39.25 -13.56
CA GLY A 287 76.26 -38.20 -13.37
C GLY A 287 76.72 -37.48 -14.63
N GLU A 288 76.15 -37.82 -15.78
CA GLU A 288 76.60 -37.20 -17.04
C GLU A 288 75.98 -35.82 -17.23
N ALA A 289 74.69 -35.67 -16.94
CA ALA A 289 74.01 -34.40 -17.16
C ALA A 289 74.53 -33.34 -16.21
N PRO A 290 74.60 -32.08 -16.66
CA PRO A 290 75.10 -31.00 -15.80
C PRO A 290 74.15 -30.70 -14.66
N PRO A 291 74.56 -29.83 -13.70
CA PRO A 291 73.68 -29.50 -12.56
C PRO A 291 72.26 -29.12 -12.95
N GLU A 292 72.08 -27.95 -13.56
CA GLU A 292 70.79 -27.53 -14.11
C GLU A 292 69.75 -27.20 -13.03
N LEU A 293 69.45 -25.91 -12.86
CA LEU A 293 68.44 -25.48 -11.89
C LEU A 293 67.03 -25.66 -12.46
N LEU A 294 66.04 -25.56 -11.58
CA LEU A 294 64.64 -25.79 -11.93
C LEU A 294 63.77 -24.69 -11.35
N CYS A 295 63.12 -23.92 -12.22
CA CYS A 295 62.17 -22.88 -11.84
C CYS A 295 60.76 -23.38 -12.14
N LEU A 296 59.98 -23.60 -11.09
CA LEU A 296 58.64 -24.14 -11.22
C LEU A 296 57.62 -23.00 -11.17
N VAL A 297 56.79 -22.91 -12.20
CA VAL A 297 55.74 -21.91 -12.29
C VAL A 297 54.41 -22.65 -12.19
N SER A 298 53.76 -22.56 -11.02
CA SER A 298 52.66 -23.44 -10.66
C SER A 298 51.33 -22.71 -10.71
N HIS A 299 50.36 -23.31 -11.41
CA HIS A 299 48.95 -22.96 -11.32
C HIS A 299 48.68 -21.51 -11.72
N PHE A 300 48.67 -21.26 -13.03
CA PHE A 300 48.25 -20.00 -13.61
C PHE A 300 47.40 -20.32 -14.83
N TYR A 301 46.48 -19.41 -15.19
CA TYR A 301 45.67 -19.78 -16.34
C TYR A 301 46.17 -19.16 -17.64
N PRO A 302 46.21 -17.81 -17.80
CA PRO A 302 46.57 -17.26 -19.11
C PRO A 302 47.93 -17.77 -19.55
N SER A 303 47.91 -18.85 -20.33
CA SER A 303 49.13 -19.56 -20.69
C SER A 303 50.10 -18.66 -21.44
N GLY A 304 49.59 -17.83 -22.34
CA GLY A 304 50.44 -16.92 -23.08
C GLY A 304 50.98 -15.79 -22.21
N GLY A 305 51.98 -15.10 -22.76
CA GLY A 305 52.53 -13.93 -22.13
C GLY A 305 53.46 -14.19 -20.96
N LEU A 306 53.68 -15.45 -20.58
CA LEU A 306 54.53 -15.79 -19.45
C LEU A 306 55.93 -16.12 -19.97
N GLU A 307 56.93 -15.38 -19.49
CA GLU A 307 58.32 -15.64 -19.85
C GLU A 307 59.14 -15.77 -18.57
N VAL A 308 60.11 -16.69 -18.59
CA VAL A 308 61.00 -16.94 -17.48
C VAL A 308 62.35 -16.30 -17.79
N GLU A 309 62.97 -15.71 -16.77
CA GLU A 309 64.25 -15.05 -16.94
C GLU A 309 65.12 -15.29 -15.71
N TRP A 310 66.43 -15.35 -15.93
CA TRP A 310 67.38 -15.76 -14.91
C TRP A 310 68.36 -14.65 -14.61
N GLU A 311 68.75 -14.55 -13.34
CA GLU A 311 69.74 -13.59 -12.90
C GLU A 311 70.62 -14.23 -11.83
N LEU A 312 71.72 -13.55 -11.52
CA LEU A 312 72.67 -13.97 -10.49
C LEU A 312 72.85 -12.78 -9.55
N ARG A 313 72.08 -12.75 -8.46
CA ARG A 313 72.16 -11.65 -7.51
C ARG A 313 73.30 -11.90 -6.53
N GLY A 314 74.15 -10.89 -6.36
CA GLY A 314 75.28 -11.00 -5.46
C GLY A 314 75.02 -10.42 -4.08
N GLY A 317 81.52 -5.22 -10.54
CA GLY A 317 80.70 -6.36 -10.17
C GLY A 317 79.47 -5.98 -9.36
N GLY A 318 78.95 -6.94 -8.60
CA GLY A 318 77.79 -6.66 -7.77
C GLY A 318 76.66 -7.67 -7.93
N ARG A 319 75.43 -7.17 -7.86
CA ARG A 319 74.23 -8.02 -7.94
C ARG A 319 73.65 -8.12 -9.34
N SER A 320 73.63 -7.01 -10.09
CA SER A 320 73.07 -7.01 -11.43
C SER A 320 73.89 -7.92 -12.34
N GLN A 321 73.36 -9.10 -12.65
CA GLN A 321 74.06 -10.08 -13.47
C GLN A 321 73.08 -11.14 -13.96
N LYS A 322 72.57 -10.99 -15.19
CA LYS A 322 71.71 -12.02 -15.75
C LYS A 322 72.48 -13.31 -15.92
N ALA A 323 71.86 -14.43 -15.52
CA ALA A 323 72.55 -15.71 -15.51
C ALA A 323 72.94 -16.12 -16.93
N GLU A 324 74.08 -16.81 -17.03
CA GLU A 324 74.61 -17.29 -18.29
C GLU A 324 74.48 -18.81 -18.34
N GLY A 325 74.33 -19.32 -19.56
CA GLY A 325 74.23 -20.75 -19.79
C GLY A 325 72.99 -21.11 -20.59
N GLN A 326 72.92 -22.39 -20.94
CA GLN A 326 71.78 -22.89 -21.71
C GLN A 326 70.51 -22.90 -20.87
N ARG A 327 69.42 -22.45 -21.48
CA ARG A 327 68.12 -22.42 -20.82
C ARG A 327 67.04 -22.85 -21.81
N TRP A 328 65.99 -23.45 -21.28
CA TRP A 328 64.86 -23.88 -22.10
C TRP A 328 63.60 -23.89 -21.24
N LEU A 329 62.48 -24.23 -21.86
CA LEU A 329 61.17 -24.22 -21.22
C LEU A 329 60.47 -25.53 -21.48
N SER A 330 59.82 -26.06 -20.44
CA SER A 330 59.09 -27.32 -20.54
C SER A 330 57.72 -27.09 -21.20
N ALA A 331 56.93 -28.15 -21.26
CA ALA A 331 55.58 -28.07 -21.80
C ALA A 331 54.60 -27.64 -20.72
N LEU A 332 53.38 -27.34 -21.14
CA LEU A 332 52.34 -26.89 -20.22
C LEU A 332 51.65 -28.08 -19.59
N ARG A 333 51.53 -28.07 -18.26
CA ARG A 333 50.84 -29.11 -17.51
C ARG A 333 49.43 -28.63 -17.20
N HIS A 334 48.45 -29.19 -17.90
CA HIS A 334 47.06 -28.77 -17.75
C HIS A 334 46.43 -29.43 -16.53
N HIS A 335 45.85 -28.63 -15.66
CA HIS A 335 45.15 -29.13 -14.48
C HIS A 335 43.66 -29.29 -14.77
N SER A 336 42.95 -29.88 -13.81
CA SER A 336 41.52 -30.08 -13.96
C SER A 336 40.74 -28.77 -13.82
N ASP A 337 41.33 -27.75 -13.21
CA ASP A 337 40.69 -26.46 -13.04
C ASP A 337 41.04 -25.48 -14.16
N GLY A 338 41.55 -25.97 -15.28
CA GLY A 338 41.89 -25.13 -16.41
C GLY A 338 43.21 -24.42 -16.33
N SER A 339 43.79 -24.27 -15.14
CA SER A 339 45.08 -23.63 -15.01
C SER A 339 46.20 -24.54 -15.53
N VAL A 340 47.36 -23.94 -15.77
CA VAL A 340 48.50 -24.67 -16.31
C VAL A 340 49.71 -24.44 -15.40
N SER A 341 50.70 -25.32 -15.56
CA SER A 341 51.96 -25.22 -14.84
C SER A 341 53.11 -25.32 -15.84
N LEU A 342 54.30 -24.93 -15.38
CA LEU A 342 55.44 -24.84 -16.28
C LEU A 342 56.73 -24.92 -15.47
N SER A 343 57.76 -25.51 -16.10
CA SER A 343 59.09 -25.61 -15.50
C SER A 343 60.09 -24.82 -16.34
N GLY A 344 60.94 -24.08 -15.64
CA GLY A 344 62.06 -23.39 -16.27
C GLY A 344 63.36 -24.09 -15.87
N HIS A 345 64.31 -24.12 -16.80
CA HIS A 345 65.59 -24.76 -16.57
C HIS A 345 66.73 -23.83 -16.96
N LEU A 346 67.86 -24.00 -16.29
CA LEU A 346 69.05 -23.20 -16.55
C LEU A 346 70.28 -24.02 -16.17
N GLN A 347 71.22 -24.14 -17.09
CA GLN A 347 72.48 -24.82 -16.83
C GLN A 347 73.59 -23.78 -16.65
N PRO A 348 73.83 -23.31 -15.43
CA PRO A 348 74.82 -22.25 -15.23
C PRO A 348 76.23 -22.81 -15.26
N PRO A 349 77.23 -21.96 -15.46
CA PRO A 349 78.62 -22.42 -15.39
C PRO A 349 78.98 -22.82 -13.98
N PRO A 350 80.08 -23.56 -13.79
CA PRO A 350 80.49 -23.92 -12.43
C PRO A 350 80.69 -22.69 -11.57
N VAL A 351 80.22 -22.77 -10.33
CA VAL A 351 80.30 -21.66 -9.39
C VAL A 351 81.72 -21.56 -8.85
N THR A 352 82.31 -20.38 -9.00
CA THR A 352 83.66 -20.12 -8.51
C THR A 352 83.61 -19.70 -7.05
N THR A 353 84.79 -19.58 -6.44
CA THR A 353 84.87 -19.11 -5.07
C THR A 353 84.51 -17.64 -4.92
N GLU A 354 84.42 -16.90 -6.03
CA GLU A 354 83.99 -15.50 -5.93
C GLU A 354 82.48 -15.37 -5.94
N GLN A 355 81.77 -16.27 -6.61
CA GLN A 355 80.32 -16.28 -6.59
C GLN A 355 79.75 -16.84 -5.30
N HIS A 356 80.60 -17.13 -4.31
CA HIS A 356 80.12 -17.57 -3.00
C HIS A 356 79.39 -16.43 -2.30
N GLY A 357 78.27 -16.75 -1.67
CA GLY A 357 77.41 -15.79 -1.05
C GLY A 357 76.33 -15.24 -1.96
N ALA A 358 76.56 -15.23 -3.27
CA ALA A 358 75.54 -14.84 -4.23
C ALA A 358 74.48 -15.93 -4.33
N ARG A 359 73.45 -15.65 -5.14
CA ARG A 359 72.35 -16.60 -5.30
C ARG A 359 71.73 -16.43 -6.68
N TYR A 360 71.31 -17.55 -7.26
CA TYR A 360 70.62 -17.55 -8.53
C TYR A 360 69.12 -17.39 -8.32
N ALA A 361 68.46 -16.82 -9.32
CA ALA A 361 67.04 -16.52 -9.19
C ALA A 361 66.38 -16.48 -10.56
N CYS A 362 65.13 -16.89 -10.62
CA CYS A 362 64.33 -16.81 -11.84
C CYS A 362 63.22 -15.79 -11.62
N ARG A 363 63.18 -14.79 -12.50
CA ARG A 363 62.13 -13.77 -12.48
C ARG A 363 61.02 -14.19 -13.44
N ILE A 364 59.78 -14.15 -12.95
CA ILE A 364 58.62 -14.58 -13.71
C ILE A 364 57.77 -13.35 -14.02
N HIS A 365 57.40 -13.18 -15.28
CA HIS A 365 56.54 -12.10 -15.72
C HIS A 365 55.32 -12.66 -16.44
N HIS A 366 54.17 -12.05 -16.19
CA HIS A 366 52.89 -12.53 -16.69
C HIS A 366 51.89 -11.39 -16.59
N PRO A 367 50.89 -11.33 -17.48
CA PRO A 367 49.89 -10.26 -17.35
C PRO A 367 49.15 -10.27 -16.03
N SER A 368 48.97 -11.43 -15.40
CA SER A 368 48.30 -11.53 -14.11
C SER A 368 49.20 -11.13 -12.94
N LEU A 369 50.37 -10.58 -13.22
CA LEU A 369 51.38 -10.25 -12.22
C LEU A 369 51.67 -8.75 -12.22
N PRO A 370 52.24 -8.23 -11.13
CA PRO A 370 52.69 -6.84 -11.13
C PRO A 370 53.85 -6.64 -12.11
N ALA A 371 54.20 -5.37 -12.33
CA ALA A 371 55.28 -5.04 -13.25
C ALA A 371 56.61 -5.65 -12.78
N SER A 372 56.82 -5.73 -11.47
CA SER A 372 58.04 -6.35 -10.95
C SER A 372 58.03 -7.86 -11.09
N GLY A 373 56.86 -8.47 -11.24
CA GLY A 373 56.76 -9.90 -11.34
C GLY A 373 57.07 -10.59 -10.02
N ARG A 374 57.18 -11.91 -10.10
CA ARG A 374 57.54 -12.74 -8.96
C ARG A 374 58.95 -13.29 -9.13
N SER A 375 59.64 -13.47 -8.01
CA SER A 375 61.04 -13.89 -8.03
C SER A 375 61.27 -14.92 -6.93
N ALA A 376 61.95 -16.00 -7.27
CA ALA A 376 62.35 -17.03 -6.32
C ALA A 376 63.84 -17.29 -6.48
N GLU A 377 64.53 -17.51 -5.36
CA GLU A 377 65.98 -17.65 -5.39
C GLU A 377 66.41 -18.80 -4.47
N VAL A 378 67.48 -19.48 -4.88
CA VAL A 378 68.15 -20.49 -4.07
C VAL A 378 69.57 -20.00 -3.81
N THR A 379 70.08 -20.29 -2.61
CA THR A 379 71.33 -19.72 -2.14
C THR A 379 72.50 -20.67 -2.41
N LEU A 380 73.64 -20.08 -2.81
CA LEU A 380 74.86 -20.85 -3.03
C LEU A 380 75.68 -20.82 -1.74
N GLU A 381 75.23 -21.61 -0.77
CA GLU A 381 75.90 -21.69 0.51
C GLU A 381 75.63 -23.07 1.11
N GLY A 382 76.69 -23.74 1.54
CA GLY A 382 76.57 -25.06 2.15
C GLY A 382 76.66 -26.17 1.11
N GLY A 383 75.59 -26.96 1.00
CA GLY A 383 75.59 -28.09 0.08
C GLY A 383 75.34 -27.73 -1.36
N LEU A 384 74.79 -26.55 -1.63
CA LEU A 384 74.51 -26.14 -3.00
C LEU A 384 75.78 -25.74 -3.75
N GLU A 385 76.77 -25.18 -3.06
CA GLU A 385 78.04 -24.87 -3.72
C GLU A 385 78.74 -26.13 -4.19
N VAL A 386 78.51 -27.26 -3.51
CA VAL A 386 79.10 -28.52 -3.92
C VAL A 386 78.42 -29.06 -5.17
N LEU A 387 77.10 -28.83 -5.30
CA LEU A 387 76.37 -29.29 -6.47
C LEU A 387 76.61 -28.42 -7.69
N PHE A 388 76.99 -27.16 -7.50
CA PHE A 388 77.15 -26.23 -8.61
C PHE A 388 78.57 -25.67 -8.66
N ASP B 1 -6.95 26.41 -24.29
CA ASP B 1 -7.45 26.84 -23.00
C ASP B 1 -7.86 25.65 -22.15
N VAL B 2 -8.24 24.56 -22.83
CA VAL B 2 -8.64 23.28 -22.25
C VAL B 2 -9.35 23.46 -20.92
N GLN B 3 -10.61 23.86 -20.97
CA GLN B 3 -11.45 24.02 -19.79
C GLN B 3 -12.35 22.80 -19.61
N LEU B 4 -12.89 22.67 -18.40
CA LEU B 4 -13.77 21.57 -18.03
C LEU B 4 -15.02 22.13 -17.35
N GLN B 5 -16.13 21.44 -17.56
CA GLN B 5 -17.43 21.93 -17.10
C GLN B 5 -18.24 20.78 -16.53
N GLU B 6 -18.47 20.79 -15.22
CA GLU B 6 -19.31 19.79 -14.59
C GLU B 6 -20.78 20.14 -14.77
N SER B 7 -21.60 19.11 -14.96
CA SER B 7 -23.04 19.27 -15.16
C SER B 7 -23.76 18.17 -14.39
N GLY B 8 -24.59 18.56 -13.43
CA GLY B 8 -25.31 17.62 -12.62
C GLY B 8 -26.59 18.18 -12.07
N PRO B 9 -27.44 17.31 -11.50
CA PRO B 9 -28.73 17.77 -10.97
C PRO B 9 -28.59 18.54 -9.66
N GLY B 10 -27.64 18.18 -8.80
CA GLY B 10 -27.49 18.79 -7.51
C GLY B 10 -28.27 18.13 -6.40
N LEU B 11 -29.25 17.31 -6.73
CA LEU B 11 -30.09 16.65 -5.73
C LEU B 11 -30.44 15.25 -6.24
N VAL B 12 -30.32 14.26 -5.36
CA VAL B 12 -30.69 12.89 -5.67
C VAL B 12 -31.27 12.24 -4.42
N ILE B 13 -32.25 11.36 -4.62
CA ILE B 13 -32.90 10.65 -3.53
C ILE B 13 -32.01 9.50 -3.09
N PRO B 14 -31.92 9.20 -1.79
CA PRO B 14 -31.16 8.03 -1.36
C PRO B 14 -31.62 6.75 -2.06
N SER B 15 -30.69 5.80 -2.17
CA SER B 15 -30.84 4.51 -2.85
C SER B 15 -30.99 4.65 -4.36
N GLN B 16 -31.03 5.86 -4.90
CA GLN B 16 -31.09 6.07 -6.34
C GLN B 16 -29.68 6.27 -6.89
N SER B 17 -29.60 6.40 -8.21
CA SER B 17 -28.33 6.55 -8.91
C SER B 17 -28.19 7.98 -9.43
N LEU B 18 -26.99 8.54 -9.28
CA LEU B 18 -26.69 9.86 -9.82
C LEU B 18 -25.90 9.73 -11.11
N SER B 19 -26.02 10.74 -11.96
CA SER B 19 -25.32 10.78 -13.24
C SER B 19 -24.74 12.18 -13.41
N LEU B 20 -23.41 12.27 -13.42
CA LEU B 20 -22.73 13.54 -13.63
C LEU B 20 -22.08 13.56 -15.01
N THR B 21 -21.83 14.76 -15.51
CA THR B 21 -21.30 14.95 -16.84
C THR B 21 -20.21 16.02 -16.81
N CYS B 22 -19.17 15.81 -17.60
CA CYS B 22 -18.08 16.76 -17.73
C CYS B 22 -17.87 17.05 -19.21
N THR B 23 -18.07 18.32 -19.59
CA THR B 23 -17.86 18.76 -20.95
C THR B 23 -16.55 19.54 -21.01
N VAL B 24 -15.63 19.10 -21.85
CA VAL B 24 -14.33 19.76 -22.00
C VAL B 24 -14.26 20.39 -23.38
N THR B 25 -13.64 21.57 -23.44
CA THR B 25 -13.54 22.34 -24.68
C THR B 25 -12.09 22.76 -24.88
N GLY B 26 -11.71 22.94 -26.14
CA GLY B 26 -10.34 23.30 -26.44
C GLY B 26 -9.36 22.15 -26.37
N TYR B 27 -9.85 20.92 -26.25
CA TYR B 27 -9.01 19.73 -26.20
C TYR B 27 -9.89 18.50 -26.37
N SER B 28 -9.37 17.49 -27.05
CA SER B 28 -10.10 16.26 -27.33
C SER B 28 -9.72 15.19 -26.31
N ILE B 29 -10.74 14.49 -25.79
CA ILE B 29 -10.54 13.54 -24.70
C ILE B 29 -10.02 12.22 -25.23
N THR B 30 -9.70 12.18 -26.52
CA THR B 30 -9.23 10.96 -27.16
C THR B 30 -7.77 11.04 -27.58
N THR B 31 -7.07 12.12 -27.25
CA THR B 31 -5.68 12.24 -27.62
C THR B 31 -4.74 11.80 -26.51
N ASP B 32 -4.99 12.25 -25.28
CA ASP B 32 -4.05 12.05 -24.18
C ASP B 32 -4.78 12.40 -22.89
N TYR B 33 -4.04 12.30 -21.78
CA TYR B 33 -4.43 12.86 -20.50
C TYR B 33 -5.65 12.16 -19.91
N ALA B 34 -5.44 11.26 -18.96
CA ALA B 34 -6.55 10.59 -18.30
C ALA B 34 -7.50 11.59 -17.64
N TRP B 35 -8.80 11.33 -17.76
CA TRP B 35 -9.84 12.26 -17.34
C TRP B 35 -10.54 11.69 -16.11
N ASN B 36 -10.36 12.36 -14.97
CA ASN B 36 -10.67 11.81 -13.67
C ASN B 36 -11.92 12.43 -13.07
N TRP B 37 -12.35 11.85 -11.95
CA TRP B 37 -13.43 12.37 -11.12
C TRP B 37 -12.94 12.43 -9.68
N ILE B 38 -13.04 13.61 -9.08
CA ILE B 38 -12.59 13.82 -7.70
C ILE B 38 -13.69 14.56 -6.95
N ARG B 39 -14.01 14.11 -5.75
CA ARG B 39 -15.04 14.73 -4.93
C ARG B 39 -14.45 15.17 -3.59
N GLN B 40 -15.04 16.24 -3.03
CA GLN B 40 -14.61 16.82 -1.78
C GLN B 40 -15.77 16.82 -0.79
N PHE B 41 -15.62 16.06 0.30
CA PHE B 41 -16.70 15.93 1.27
C PHE B 41 -16.82 17.20 2.12
N PRO B 42 -17.95 17.37 2.80
CA PRO B 42 -18.03 18.40 3.84
C PRO B 42 -16.95 18.16 4.89
N GLY B 43 -16.14 19.18 5.12
CA GLY B 43 -14.92 19.03 5.91
C GLY B 43 -13.65 19.10 5.09
N ASN B 44 -13.76 19.21 3.76
CA ASN B 44 -12.62 19.40 2.87
C ASN B 44 -11.68 18.19 2.89
N ARG B 45 -12.23 17.04 2.54
CA ARG B 45 -11.47 15.81 2.39
C ARG B 45 -11.59 15.34 0.96
N LEU B 46 -10.52 15.51 0.19
CA LEU B 46 -10.51 15.07 -1.20
C LEU B 46 -10.50 13.55 -1.29
N GLU B 47 -11.05 13.03 -2.39
CA GLU B 47 -11.01 11.59 -2.65
C GLU B 47 -11.09 11.36 -4.15
N TRP B 48 -10.05 10.73 -4.70
CA TRP B 48 -10.07 10.33 -6.09
C TRP B 48 -11.04 9.17 -6.28
N MET B 49 -11.74 9.17 -7.42
CA MET B 49 -12.76 8.18 -7.71
C MET B 49 -12.36 7.23 -8.84
N GLY B 50 -11.90 7.77 -9.95
CA GLY B 50 -11.59 6.95 -11.10
C GLY B 50 -11.37 7.83 -12.31
N TYR B 51 -11.03 7.18 -13.42
CA TYR B 51 -10.85 7.90 -14.67
C TYR B 51 -11.16 7.00 -15.85
N ILE B 52 -11.48 7.64 -16.97
CA ILE B 52 -11.49 7.01 -18.29
C ILE B 52 -10.24 7.48 -19.03
N SER B 53 -9.61 6.58 -19.77
CA SER B 53 -8.24 6.78 -20.19
C SER B 53 -8.07 7.06 -21.68
N SER B 54 -8.72 8.10 -22.19
CA SER B 54 -8.50 8.58 -23.56
C SER B 54 -8.72 7.53 -24.64
N SER B 55 -8.76 6.26 -24.27
CA SER B 55 -9.04 5.15 -25.19
C SER B 55 -9.92 4.13 -24.50
N GLY B 56 -10.83 4.61 -23.64
CA GLY B 56 -11.60 3.72 -22.79
C GLY B 56 -10.76 3.32 -21.60
N VAL B 57 -10.85 2.06 -21.20
CA VAL B 57 -10.08 1.53 -20.08
C VAL B 57 -10.38 2.35 -18.84
N THR B 58 -11.34 1.88 -18.05
CA THR B 58 -11.67 2.55 -16.80
C THR B 58 -10.79 2.02 -15.67
N VAL B 59 -10.32 2.92 -14.82
CA VAL B 59 -9.58 2.56 -13.62
C VAL B 59 -10.24 3.26 -12.45
N TYR B 60 -10.58 2.48 -11.41
CA TYR B 60 -11.38 2.98 -10.30
C TYR B 60 -10.61 2.86 -8.99
N ASN B 61 -11.09 3.62 -8.00
CA ASN B 61 -10.65 3.43 -6.62
C ASN B 61 -11.15 2.07 -6.13
N PRO B 62 -10.29 1.26 -5.49
CA PRO B 62 -10.74 -0.05 -5.03
C PRO B 62 -11.92 -0.01 -4.08
N SER B 63 -12.10 1.08 -3.34
CA SER B 63 -13.20 1.18 -2.39
C SER B 63 -14.54 1.46 -3.06
N LEU B 64 -14.55 1.86 -4.33
CA LEU B 64 -15.79 2.21 -5.02
C LEU B 64 -16.09 1.31 -6.22
N LYS B 65 -15.23 0.33 -6.53
CA LYS B 65 -15.34 -0.42 -7.78
C LYS B 65 -16.73 -1.03 -7.94
N SER B 66 -17.31 -1.54 -6.85
CA SER B 66 -18.62 -2.17 -6.91
C SER B 66 -19.77 -1.18 -7.03
N ARG B 67 -19.48 0.10 -7.22
CA ARG B 67 -20.51 1.12 -7.18
C ARG B 67 -20.31 2.23 -8.20
N ILE B 68 -19.24 2.20 -9.00
CA ILE B 68 -18.86 3.30 -9.86
C ILE B 68 -18.79 2.81 -11.30
N SER B 69 -19.16 3.68 -12.23
CA SER B 69 -19.01 3.41 -13.66
C SER B 69 -18.78 4.72 -14.37
N ILE B 70 -17.69 4.80 -15.13
CA ILE B 70 -17.32 6.00 -15.87
C ILE B 70 -17.35 5.65 -17.36
N THR B 71 -18.00 6.49 -18.15
CA THR B 71 -18.08 6.32 -19.59
C THR B 71 -17.73 7.64 -20.25
N ARG B 72 -17.67 7.63 -21.58
CA ARG B 72 -17.35 8.84 -22.30
C ARG B 72 -18.10 8.86 -23.63
N ASP B 73 -18.35 10.06 -24.13
CA ASP B 73 -19.01 10.26 -25.42
C ASP B 73 -18.00 10.92 -26.35
N THR B 74 -17.45 10.15 -27.28
CA THR B 74 -16.43 10.67 -28.18
C THR B 74 -17.00 11.76 -29.09
N SER B 75 -18.24 11.59 -29.54
CA SER B 75 -18.82 12.53 -30.50
C SER B 75 -19.06 13.90 -29.89
N LYS B 76 -19.27 13.97 -28.58
CA LYS B 76 -19.57 15.23 -27.91
C LYS B 76 -18.48 15.71 -26.97
N ASN B 77 -17.35 14.99 -26.89
CA ASN B 77 -16.23 15.36 -26.03
C ASN B 77 -16.65 15.47 -24.57
N GLN B 78 -17.54 14.57 -24.15
CA GLN B 78 -17.98 14.50 -22.76
C GLN B 78 -17.63 13.12 -22.19
N PHE B 79 -17.46 13.09 -20.86
CA PHE B 79 -17.38 11.84 -20.14
C PHE B 79 -18.23 11.96 -18.89
N PHE B 80 -18.71 10.83 -18.39
CA PHE B 80 -19.73 10.81 -17.36
C PHE B 80 -19.28 10.01 -16.15
N LEU B 81 -19.89 10.31 -15.01
CA LEU B 81 -19.70 9.58 -13.77
C LEU B 81 -21.03 9.02 -13.32
N GLN B 82 -21.05 7.75 -12.92
CA GLN B 82 -22.25 7.10 -12.44
C GLN B 82 -21.96 6.44 -11.09
N LEU B 83 -22.80 6.75 -10.10
CA LEU B 83 -22.72 6.14 -8.78
C LEU B 83 -24.06 5.51 -8.44
N ILE B 84 -24.04 4.31 -7.90
CA ILE B 84 -25.22 3.49 -7.70
C ILE B 84 -25.54 3.38 -6.22
N SER B 85 -26.83 3.43 -5.89
CA SER B 85 -27.30 3.26 -4.52
C SER B 85 -26.60 4.22 -3.57
N VAL B 86 -26.81 5.53 -3.83
CA VAL B 86 -26.12 6.55 -3.05
C VAL B 86 -26.70 6.65 -1.65
N THR B 87 -25.93 7.27 -0.76
CA THR B 87 -26.32 7.42 0.64
C THR B 87 -25.96 8.82 1.11
N THR B 88 -26.29 9.12 2.36
CA THR B 88 -25.96 10.41 2.95
C THR B 88 -24.46 10.67 2.98
N GLU B 89 -23.64 9.61 2.94
CA GLU B 89 -22.20 9.77 2.93
C GLU B 89 -21.65 10.17 1.57
N ASP B 90 -22.50 10.27 0.54
CA ASP B 90 -22.05 10.55 -0.81
C ASP B 90 -22.24 12.02 -1.21
N THR B 91 -22.83 12.84 -0.34
CA THR B 91 -23.01 14.25 -0.67
C THR B 91 -21.67 14.96 -0.59
N ALA B 92 -21.27 15.60 -1.68
CA ALA B 92 -19.98 16.27 -1.76
C ALA B 92 -19.97 17.15 -3.00
N THR B 93 -18.88 17.90 -3.16
CA THR B 93 -18.62 18.67 -4.38
C THR B 93 -17.81 17.81 -5.34
N TYR B 94 -18.36 17.57 -6.52
CA TYR B 94 -17.75 16.66 -7.48
C TYR B 94 -17.01 17.44 -8.55
N TYR B 95 -15.73 17.10 -8.75
CA TYR B 95 -14.89 17.72 -9.76
C TYR B 95 -14.47 16.69 -10.79
N CYS B 96 -14.44 17.09 -12.05
CA CYS B 96 -13.72 16.35 -13.07
C CYS B 96 -12.40 17.06 -13.35
N ALA B 97 -11.40 16.31 -13.76
CA ALA B 97 -10.07 16.88 -13.85
C ALA B 97 -9.21 16.09 -14.83
N ARG B 98 -8.13 16.73 -15.28
CA ARG B 98 -7.19 16.15 -16.21
C ARG B 98 -5.91 15.74 -15.49
N ARG B 99 -5.25 14.71 -16.02
CA ARG B 99 -4.01 14.20 -15.44
C ARG B 99 -3.23 13.48 -16.51
N GLY B 100 -1.94 13.81 -16.62
CA GLY B 100 -1.06 13.16 -17.57
C GLY B 100 -0.73 11.73 -17.17
N TYR B 101 0.04 11.06 -18.03
CA TYR B 101 0.33 9.65 -17.88
C TYR B 101 1.67 9.37 -17.21
N TYR B 102 2.35 10.39 -16.69
CA TYR B 102 3.68 10.21 -16.13
C TYR B 102 3.72 10.65 -14.67
N ARG B 103 4.78 10.24 -13.98
CA ARG B 103 4.86 10.42 -12.53
C ARG B 103 5.09 11.87 -12.15
N TYR B 104 5.74 12.66 -13.01
CA TYR B 104 5.89 14.07 -12.75
C TYR B 104 4.67 14.89 -13.16
N ASP B 105 3.70 14.26 -13.81
CA ASP B 105 2.48 14.96 -14.23
C ASP B 105 1.53 15.13 -13.05
N SER B 106 0.97 16.32 -12.94
CA SER B 106 0.00 16.63 -11.91
C SER B 106 -1.40 16.73 -12.50
N ILE B 107 -2.37 16.87 -11.61
CA ILE B 107 -3.74 17.16 -12.00
C ILE B 107 -3.81 18.63 -12.42
N ASP B 108 -3.54 18.90 -13.69
CA ASP B 108 -3.24 20.24 -14.17
C ASP B 108 -4.47 21.10 -14.45
N TYR B 109 -5.62 20.49 -14.68
CA TYR B 109 -6.83 21.24 -14.98
C TYR B 109 -8.01 20.65 -14.23
N TRP B 110 -8.78 21.51 -13.57
CA TRP B 110 -9.96 21.10 -12.81
C TRP B 110 -11.19 21.81 -13.37
N GLY B 111 -12.35 21.23 -13.08
CA GLY B 111 -13.60 21.87 -13.40
C GLY B 111 -14.00 22.88 -12.33
N GLN B 112 -15.15 23.52 -12.57
CA GLN B 112 -15.66 24.46 -11.58
C GLN B 112 -16.30 23.75 -10.40
N GLY B 113 -16.79 22.53 -10.61
CA GLY B 113 -17.39 21.76 -9.54
C GLY B 113 -18.88 21.97 -9.41
N THR B 114 -19.62 20.89 -9.14
CA THR B 114 -21.05 20.94 -8.90
C THR B 114 -21.33 20.39 -7.52
N THR B 115 -22.12 21.11 -6.74
CA THR B 115 -22.56 20.60 -5.44
C THR B 115 -23.65 19.56 -5.65
N LEU B 116 -23.59 18.50 -4.85
CA LEU B 116 -24.58 17.42 -4.92
C LEU B 116 -24.86 16.91 -3.52
N THR B 117 -26.11 17.01 -3.10
CA THR B 117 -26.55 16.51 -1.81
C THR B 117 -27.56 15.39 -2.01
N VAL B 118 -27.68 14.55 -0.99
CA VAL B 118 -28.58 13.39 -1.00
C VAL B 118 -29.51 13.51 0.19
N SER B 119 -30.80 13.70 -0.08
CA SER B 119 -31.78 13.86 0.98
C SER B 119 -33.17 13.54 0.42
N SER B 120 -34.14 13.44 1.33
CA SER B 120 -35.53 13.27 0.91
C SER B 120 -36.06 14.53 0.24
N ALA B 121 -35.62 15.70 0.73
CA ALA B 121 -35.56 16.93 -0.06
C ALA B 121 -36.91 17.58 -0.35
N LYS B 122 -37.43 17.34 -1.56
CA LYS B 122 -38.49 18.14 -2.17
C LYS B 122 -37.96 19.55 -2.39
N THR B 123 -37.29 19.75 -3.53
CA THR B 123 -36.62 21.02 -3.80
C THR B 123 -37.63 22.16 -3.91
N THR B 124 -37.29 23.31 -3.31
CA THR B 124 -38.12 24.49 -3.29
C THR B 124 -37.36 25.70 -3.81
N PRO B 125 -37.98 26.50 -4.68
CA PRO B 125 -37.41 27.80 -5.06
C PRO B 125 -37.30 28.72 -3.86
N PRO B 126 -36.37 29.68 -3.88
CA PRO B 126 -36.22 30.61 -2.76
C PRO B 126 -37.20 31.77 -2.85
N SER B 127 -37.17 32.60 -1.79
CA SER B 127 -37.94 33.83 -1.72
C SER B 127 -36.98 34.95 -1.36
N VAL B 128 -36.76 35.87 -2.28
CA VAL B 128 -35.78 36.94 -2.11
C VAL B 128 -36.47 38.18 -1.56
N TYR B 129 -35.95 38.69 -0.45
CA TYR B 129 -36.53 39.85 0.23
C TYR B 129 -35.50 40.96 0.30
N PRO B 130 -35.84 42.18 -0.13
CA PRO B 130 -34.89 43.29 -0.04
C PRO B 130 -34.60 43.66 1.40
N LEU B 131 -33.48 44.39 1.57
CA LEU B 131 -33.04 44.82 2.90
C LEU B 131 -32.53 46.24 2.79
N ALA B 132 -33.29 47.19 3.35
CA ALA B 132 -32.94 48.60 3.36
C ALA B 132 -32.88 49.11 4.78
N PRO B 133 -32.07 50.13 5.06
CA PRO B 133 -31.98 50.67 6.42
C PRO B 133 -33.25 51.38 6.84
N GLY B 134 -33.36 51.62 8.15
CA GLY B 134 -34.51 52.30 8.68
C GLY B 134 -34.56 53.76 8.28
N SER B 135 -35.78 54.31 8.31
CA SER B 135 -35.97 55.71 7.94
C SER B 135 -35.36 56.66 8.97
N ALA B 136 -35.30 56.24 10.23
CA ALA B 136 -34.71 57.05 11.29
C ALA B 136 -33.33 56.53 11.66
N ALA B 137 -32.50 56.25 10.66
CA ALA B 137 -31.14 55.77 10.88
C ALA B 137 -30.13 56.90 10.71
N GLN B 138 -29.03 56.80 11.45
CA GLN B 138 -27.99 57.82 11.38
C GLN B 138 -27.33 57.83 10.01
N THR B 139 -26.89 59.02 9.59
CA THR B 139 -26.36 59.23 8.25
C THR B 139 -24.83 59.15 8.28
N ASN B 140 -24.29 58.19 7.53
CA ASN B 140 -22.87 58.12 7.25
C ASN B 140 -22.66 58.29 5.75
N SER B 141 -21.45 58.65 5.36
CA SER B 141 -21.14 58.90 3.95
C SER B 141 -20.89 57.61 3.16
N MET B 142 -21.31 56.47 3.70
CA MET B 142 -21.21 55.20 2.97
C MET B 142 -22.24 54.24 3.55
N VAL B 143 -23.33 54.01 2.81
CA VAL B 143 -24.43 53.18 3.27
C VAL B 143 -24.23 51.75 2.80
N THR B 144 -24.75 50.80 3.57
CA THR B 144 -24.67 49.38 3.24
C THR B 144 -26.07 48.81 3.07
N LEU B 145 -26.20 47.91 2.09
CA LEU B 145 -27.48 47.31 1.73
C LEU B 145 -27.31 45.80 1.64
N GLY B 146 -28.40 45.12 1.28
CA GLY B 146 -28.35 43.67 1.16
C GLY B 146 -29.69 43.14 0.69
N CYS B 147 -29.73 41.81 0.52
CA CYS B 147 -30.95 41.13 0.15
C CYS B 147 -30.93 39.73 0.76
N LEU B 148 -31.98 39.40 1.50
CA LEU B 148 -32.08 38.12 2.18
C LEU B 148 -32.67 37.08 1.24
N VAL B 149 -32.08 35.87 1.26
CA VAL B 149 -32.53 34.77 0.42
C VAL B 149 -32.84 33.59 1.32
N LYS B 150 -34.10 33.14 1.29
CA LYS B 150 -34.54 32.04 2.13
C LYS B 150 -35.60 31.24 1.40
N GLY B 151 -35.90 30.06 1.93
CA GLY B 151 -36.95 29.22 1.39
C GLY B 151 -36.53 28.20 0.36
N TYR B 152 -35.24 28.06 0.09
CA TYR B 152 -34.76 27.15 -0.93
C TYR B 152 -34.01 25.99 -0.30
N PHE B 153 -33.90 24.90 -1.04
CA PHE B 153 -33.16 23.76 -0.55
C PHE B 153 -32.05 23.39 -1.53
N PRO B 154 -32.36 22.63 -2.62
CA PRO B 154 -31.32 21.83 -3.32
C PRO B 154 -29.92 21.91 -2.73
N GLU B 155 -29.07 22.79 -3.25
CA GLU B 155 -27.79 23.01 -2.60
C GLU B 155 -27.26 24.44 -2.84
N PRO B 156 -26.81 24.80 -4.05
CA PRO B 156 -26.12 26.08 -4.20
C PRO B 156 -27.06 27.21 -4.63
N VAL B 157 -26.61 28.43 -4.33
CA VAL B 157 -27.28 29.64 -4.78
C VAL B 157 -26.22 30.68 -5.10
N THR B 158 -26.51 31.52 -6.10
CA THR B 158 -25.60 32.56 -6.53
C THR B 158 -26.23 33.92 -6.30
N VAL B 159 -25.39 34.90 -5.97
CA VAL B 159 -25.82 36.28 -5.78
C VAL B 159 -24.85 37.19 -6.53
N THR B 160 -25.39 38.04 -7.39
CA THR B 160 -24.60 38.99 -8.16
C THR B 160 -25.26 40.36 -8.06
N TRP B 161 -24.48 41.36 -7.66
CA TRP B 161 -25.01 42.71 -7.50
C TRP B 161 -24.80 43.49 -8.79
N ASN B 162 -25.89 44.04 -9.32
CA ASN B 162 -25.87 44.82 -10.57
C ASN B 162 -25.31 43.99 -11.72
N SER B 163 -25.71 42.72 -11.78
CA SER B 163 -25.26 41.79 -12.82
C SER B 163 -23.74 41.76 -12.91
N GLY B 164 -23.08 41.84 -11.76
CA GLY B 164 -21.64 41.82 -11.68
C GLY B 164 -20.97 43.18 -11.71
N SER B 165 -21.73 44.26 -11.93
CA SER B 165 -21.11 45.58 -11.98
C SER B 165 -20.57 46.01 -10.61
N LEU B 166 -21.18 45.54 -9.53
CA LEU B 166 -20.74 45.87 -8.18
C LEU B 166 -19.98 44.67 -7.63
N SER B 167 -18.65 44.74 -7.65
CA SER B 167 -17.79 43.66 -7.21
C SER B 167 -17.19 43.91 -5.83
N SER B 168 -16.66 45.11 -5.60
CA SER B 168 -16.06 45.44 -4.31
C SER B 168 -17.14 45.81 -3.30
N GLY B 169 -16.79 45.64 -2.02
CA GLY B 169 -17.74 45.90 -0.96
C GLY B 169 -18.82 44.87 -0.81
N VAL B 170 -18.74 43.76 -1.54
CA VAL B 170 -19.76 42.72 -1.53
C VAL B 170 -19.37 41.63 -0.54
N HIS B 171 -20.32 41.24 0.30
CA HIS B 171 -20.13 40.17 1.27
C HIS B 171 -21.31 39.22 1.18
N THR B 172 -21.05 37.99 0.73
CA THR B 172 -22.07 36.95 0.64
C THR B 172 -21.76 35.88 1.67
N PHE B 173 -22.67 35.69 2.61
CA PHE B 173 -22.45 34.75 3.70
C PHE B 173 -22.97 33.36 3.35
N PRO B 174 -22.35 32.32 3.91
CA PRO B 174 -22.83 30.96 3.65
C PRO B 174 -24.24 30.73 4.21
N ALA B 175 -24.87 29.67 3.74
CA ALA B 175 -26.24 29.36 4.14
C ALA B 175 -26.26 28.55 5.43
N VAL B 176 -27.44 28.53 6.06
CA VAL B 176 -27.66 27.76 7.28
C VAL B 176 -28.93 26.93 7.09
N LEU B 177 -29.06 25.89 7.91
CA LEU B 177 -30.18 24.97 7.85
C LEU B 177 -31.15 25.24 8.99
N GLN B 178 -32.44 25.37 8.64
CA GLN B 178 -33.50 25.56 9.61
C GLN B 178 -34.28 24.27 9.84
N SER B 179 -34.88 23.72 8.78
CA SER B 179 -35.55 22.43 8.85
C SER B 179 -35.16 21.60 7.63
N ASP B 180 -35.70 21.98 6.48
CA ASP B 180 -35.30 21.42 5.19
C ASP B 180 -35.09 22.52 4.17
N LEU B 181 -34.78 23.73 4.63
CA LEU B 181 -34.61 24.90 3.79
C LEU B 181 -33.31 25.59 4.12
N TYR B 182 -32.64 26.09 3.09
CA TYR B 182 -31.42 26.86 3.28
C TYR B 182 -31.74 28.35 3.31
N THR B 183 -30.84 29.12 3.92
CA THR B 183 -31.04 30.56 4.08
C THR B 183 -29.68 31.24 4.19
N LEU B 184 -29.41 32.16 3.27
CA LEU B 184 -28.22 33.00 3.34
C LEU B 184 -28.59 34.44 3.01
N SER B 185 -27.70 35.36 3.38
CA SER B 185 -27.86 36.77 3.11
C SER B 185 -26.62 37.32 2.44
N SER B 186 -26.79 38.38 1.66
CA SER B 186 -25.70 39.05 0.98
C SER B 186 -25.67 40.51 1.39
N SER B 187 -24.48 41.10 1.37
CA SER B 187 -24.27 42.48 1.77
C SER B 187 -23.52 43.22 0.67
N VAL B 188 -23.83 44.51 0.54
CA VAL B 188 -23.14 45.39 -0.40
C VAL B 188 -23.05 46.77 0.25
N THR B 189 -21.87 47.38 0.16
CA THR B 189 -21.64 48.72 0.68
C THR B 189 -21.39 49.66 -0.50
N VAL B 190 -22.04 50.82 -0.48
CA VAL B 190 -22.01 51.74 -1.61
C VAL B 190 -22.03 53.16 -1.05
N PRO B 191 -21.35 54.13 -1.67
CA PRO B 191 -21.44 55.51 -1.19
C PRO B 191 -22.87 56.02 -1.11
N SER B 192 -23.13 56.88 -0.12
CA SER B 192 -24.48 57.41 0.09
C SER B 192 -24.93 58.29 -1.07
N SER B 193 -23.98 58.93 -1.78
CA SER B 193 -24.35 59.79 -2.89
C SER B 193 -24.92 59.00 -4.06
N THR B 194 -24.41 57.79 -4.28
CA THR B 194 -24.82 56.99 -5.43
C THR B 194 -26.02 56.09 -5.15
N TRP B 195 -26.63 56.18 -3.97
CA TRP B 195 -27.87 55.44 -3.78
C TRP B 195 -29.03 56.39 -4.11
N PRO B 196 -30.24 56.26 -3.49
CA PRO B 196 -31.47 56.45 -4.27
C PRO B 196 -31.26 56.45 -5.78
N SER B 197 -30.68 57.51 -6.31
CA SER B 197 -30.39 57.60 -7.73
C SER B 197 -29.41 56.51 -8.14
N GLU B 198 -29.77 55.78 -9.19
CA GLU B 198 -28.98 54.74 -9.84
C GLU B 198 -29.09 53.39 -9.14
N THR B 199 -30.10 52.61 -9.53
CA THR B 199 -30.23 51.17 -9.32
C THR B 199 -29.77 50.65 -7.96
N VAL B 200 -28.73 49.81 -7.98
CA VAL B 200 -28.38 48.86 -6.93
C VAL B 200 -29.55 47.89 -6.84
N THR B 201 -29.48 46.81 -7.63
CA THR B 201 -30.46 45.73 -7.61
C THR B 201 -29.76 44.42 -7.29
N CYS B 202 -30.47 43.52 -6.64
CA CYS B 202 -29.91 42.26 -6.16
C CYS B 202 -30.38 41.14 -7.08
N ASN B 203 -29.47 40.65 -7.92
CA ASN B 203 -29.78 39.55 -8.82
C ASN B 203 -29.43 38.22 -8.14
N VAL B 204 -30.40 37.31 -8.11
CA VAL B 204 -30.25 36.02 -7.46
C VAL B 204 -30.68 34.93 -8.42
N ALA B 205 -29.81 33.94 -8.62
CA ALA B 205 -30.11 32.78 -9.45
C ALA B 205 -30.02 31.52 -8.60
N HIS B 206 -30.76 30.49 -9.01
CA HIS B 206 -30.81 29.25 -8.26
C HIS B 206 -31.24 28.09 -9.17
N PRO B 207 -30.31 27.23 -9.58
CA PRO B 207 -30.66 26.14 -10.49
C PRO B 207 -31.49 25.05 -9.82
N ALA B 208 -31.37 23.82 -10.31
CA ALA B 208 -32.16 22.69 -9.83
C ALA B 208 -33.65 22.99 -9.93
N SER B 209 -34.15 23.90 -9.10
CA SER B 209 -35.52 24.40 -9.23
C SER B 209 -35.67 25.38 -10.38
N SER B 210 -34.56 25.81 -10.99
CA SER B 210 -34.56 26.66 -12.19
C SER B 210 -35.34 27.95 -11.95
N THR B 211 -34.70 28.84 -11.21
CA THR B 211 -35.26 30.15 -10.92
C THR B 211 -34.15 31.19 -10.95
N LYS B 212 -34.52 32.41 -11.33
CA LYS B 212 -33.57 33.52 -11.40
C LYS B 212 -34.38 34.81 -11.33
N VAL B 213 -34.31 35.51 -10.19
CA VAL B 213 -35.11 36.69 -9.95
C VAL B 213 -34.20 37.86 -9.61
N ASP B 214 -34.78 39.06 -9.67
CA ASP B 214 -34.08 40.30 -9.34
C ASP B 214 -34.89 41.07 -8.31
N LYS B 215 -34.20 41.80 -7.44
CA LYS B 215 -34.84 42.55 -6.37
C LYS B 215 -34.21 43.92 -6.27
N LYS B 216 -35.02 44.97 -6.40
CA LYS B 216 -34.56 46.34 -6.31
C LYS B 216 -34.77 46.85 -4.89
N ILE B 217 -33.70 47.44 -4.33
CA ILE B 217 -33.75 48.01 -2.99
C ILE B 217 -34.05 49.50 -3.12
N VAL B 218 -35.07 49.98 -2.40
CA VAL B 218 -35.46 51.38 -2.56
C VAL B 218 -35.99 52.02 -1.28
N PRO B 219 -37.23 51.75 -0.82
CA PRO B 219 -37.92 52.73 0.04
C PRO B 219 -37.54 52.68 1.50
N ARG B 220 -38.36 52.01 2.31
CA ARG B 220 -38.31 52.04 3.77
C ARG B 220 -38.69 53.42 4.29
N ASP B 221 -39.91 53.86 3.97
CA ASP B 221 -40.40 55.18 4.39
C ASP B 221 -40.66 55.23 5.89
N GLN C 1 -2.61 1.48 0.55
CA GLN C 1 -3.00 2.87 0.39
C GLN C 1 -2.04 3.81 1.15
N ILE C 2 -1.25 4.57 0.39
CA ILE C 2 -0.34 5.54 0.99
C ILE C 2 -1.15 6.67 1.62
N VAL C 3 -0.86 6.98 2.87
CA VAL C 3 -1.54 8.05 3.61
C VAL C 3 -0.59 9.24 3.70
N LEU C 4 -1.11 10.43 3.40
CA LEU C 4 -0.36 11.67 3.53
C LEU C 4 -0.84 12.43 4.77
N SER C 5 0.11 13.01 5.50
CA SER C 5 -0.19 13.77 6.71
C SER C 5 0.49 15.13 6.65
N GLN C 6 -0.29 16.18 6.83
CA GLN C 6 0.22 17.54 6.85
C GLN C 6 0.22 18.04 8.30
N SER C 7 1.37 18.53 8.74
CA SER C 7 1.60 18.77 10.16
C SER C 7 0.96 20.05 10.69
N PRO C 8 1.19 21.21 10.09
CA PRO C 8 0.73 22.46 10.74
C PRO C 8 -0.78 22.56 10.92
N ALA C 9 -1.58 21.85 10.12
CA ALA C 9 -3.03 21.94 10.18
C ALA C 9 -3.52 23.37 9.91
N ILE C 10 -3.33 24.27 10.88
CA ILE C 10 -3.48 25.70 10.67
C ILE C 10 -2.22 26.39 11.16
N LEU C 11 -1.81 27.45 10.47
CA LEU C 11 -0.64 28.20 10.87
C LEU C 11 -0.89 29.69 10.62
N SER C 12 -0.56 30.51 11.60
CA SER C 12 -0.73 31.95 11.52
C SER C 12 0.59 32.62 11.16
N ALA C 13 0.49 33.76 10.49
CA ALA C 13 1.68 34.50 10.07
C ALA C 13 1.29 35.93 9.75
N SER C 14 2.17 36.86 10.09
CA SER C 14 1.99 38.26 9.72
C SER C 14 2.51 38.47 8.29
N PRO C 15 1.91 39.40 7.54
CA PRO C 15 2.37 39.65 6.17
C PRO C 15 3.85 40.00 6.09
N GLY C 16 4.69 38.98 5.95
CA GLY C 16 6.13 39.20 5.82
C GLY C 16 7.01 38.13 6.42
N GLU C 17 6.42 37.08 6.98
CA GLU C 17 7.20 36.01 7.57
C GLU C 17 7.43 34.88 6.58
N LYS C 18 8.48 34.09 6.84
CA LYS C 18 8.76 32.88 6.09
C LYS C 18 8.07 31.71 6.79
N VAL C 19 7.24 30.99 6.06
CA VAL C 19 6.47 29.89 6.63
C VAL C 19 6.75 28.62 5.83
N THR C 20 6.51 27.48 6.47
CA THR C 20 6.74 26.18 5.86
C THR C 20 5.78 25.17 6.46
N MET C 21 5.04 24.48 5.60
CA MET C 21 4.27 23.30 5.98
C MET C 21 4.90 22.06 5.39
N THR C 22 4.61 20.92 6.03
CA THR C 22 5.23 19.65 5.65
C THR C 22 4.16 18.64 5.28
N CYS C 23 4.55 17.69 4.42
CA CYS C 23 3.69 16.58 3.99
C CYS C 23 4.51 15.30 4.11
N ARG C 24 4.17 14.46 5.08
CA ARG C 24 4.90 13.24 5.37
C ARG C 24 4.09 12.04 4.88
N ALA C 25 4.65 11.27 3.96
CA ALA C 25 4.01 10.09 3.41
C ALA C 25 4.36 8.85 4.24
N THR C 26 3.49 7.85 4.17
CA THR C 26 3.75 6.60 4.87
C THR C 26 4.79 5.75 4.16
N SER C 27 4.83 5.83 2.83
CA SER C 27 5.79 5.09 2.02
C SER C 27 6.60 6.07 1.17
N SER C 28 7.65 5.56 0.56
CA SER C 28 8.42 6.37 -0.37
C SER C 28 7.55 6.82 -1.53
N VAL C 29 7.81 8.04 -2.01
CA VAL C 29 7.02 8.65 -3.07
C VAL C 29 7.97 9.43 -3.97
N SER C 30 7.83 9.26 -5.28
CA SER C 30 8.73 9.93 -6.23
C SER C 30 8.49 11.43 -6.24
N TYR C 31 7.24 11.85 -6.41
CA TYR C 31 6.89 13.26 -6.49
C TYR C 31 5.62 13.51 -5.70
N ILE C 32 5.54 14.67 -5.06
CA ILE C 32 4.34 15.13 -4.38
C ILE C 32 3.97 16.50 -4.94
N HIS C 33 2.70 16.66 -5.31
CA HIS C 33 2.20 17.88 -5.92
C HIS C 33 1.30 18.62 -4.93
N TRP C 34 1.27 19.95 -5.06
CA TRP C 34 0.53 20.80 -4.14
C TRP C 34 -0.57 21.56 -4.86
N TYR C 35 -1.64 21.88 -4.12
CA TYR C 35 -2.79 22.59 -4.66
C TYR C 35 -3.27 23.63 -3.65
N GLN C 36 -3.51 24.84 -4.12
CA GLN C 36 -4.06 25.92 -3.29
C GLN C 36 -5.54 26.04 -3.57
N GLN C 37 -6.34 25.99 -2.50
CA GLN C 37 -7.79 26.05 -2.63
C GLN C 37 -8.34 27.13 -1.71
N LYS C 38 -8.99 28.13 -2.31
CA LYS C 38 -9.73 29.11 -1.55
C LYS C 38 -11.19 28.66 -1.44
N PRO C 39 -11.90 29.08 -0.39
CA PRO C 39 -13.28 28.62 -0.20
C PRO C 39 -14.18 29.01 -1.37
N GLY C 40 -14.98 28.04 -1.82
CA GLY C 40 -15.94 28.27 -2.87
C GLY C 40 -15.45 28.02 -4.28
N SER C 41 -14.16 27.77 -4.47
CA SER C 41 -13.60 27.53 -5.78
C SER C 41 -12.85 26.21 -5.78
N SER C 42 -12.58 25.70 -6.98
CA SER C 42 -11.86 24.45 -7.13
C SER C 42 -10.38 24.63 -6.77
N PRO C 43 -9.71 23.54 -6.34
CA PRO C 43 -8.29 23.65 -6.02
C PRO C 43 -7.45 23.98 -7.25
N LYS C 44 -6.53 24.93 -7.08
CA LYS C 44 -5.67 25.34 -8.19
C LYS C 44 -4.36 24.58 -8.14
N PRO C 45 -3.87 24.05 -9.26
CA PRO C 45 -2.54 23.42 -9.27
C PRO C 45 -1.48 24.46 -8.96
N TRP C 46 -0.76 24.24 -7.85
CA TRP C 46 0.22 25.21 -7.38
C TRP C 46 1.64 24.83 -7.77
N ILE C 47 2.11 23.63 -7.38
CA ILE C 47 3.40 23.15 -7.82
C ILE C 47 3.31 21.66 -8.12
N TYR C 48 3.97 21.25 -9.20
CA TYR C 48 4.06 19.86 -9.60
C TYR C 48 5.51 19.42 -9.58
N ALA C 49 5.72 18.11 -9.60
CA ALA C 49 7.06 17.52 -9.54
C ALA C 49 7.85 18.08 -8.36
N THR C 50 7.21 18.09 -7.19
CA THR C 50 7.84 18.44 -5.91
C THR C 50 8.24 19.91 -5.82
N SER C 51 8.87 20.46 -6.86
CA SER C 51 9.46 21.79 -6.76
C SER C 51 9.22 22.70 -7.94
N SER C 52 8.44 22.30 -8.94
CA SER C 52 8.20 23.10 -10.13
C SER C 52 6.93 23.92 -9.97
N LEU C 53 7.06 25.25 -10.06
CA LEU C 53 5.91 26.13 -9.95
C LEU C 53 5.04 26.04 -11.20
N THR C 54 3.72 26.03 -11.00
CA THR C 54 2.80 26.15 -12.12
C THR C 54 2.74 27.60 -12.60
N SER C 55 2.62 27.77 -13.91
CA SER C 55 2.64 29.11 -14.51
C SER C 55 1.59 30.00 -13.85
N GLY C 56 2.02 31.17 -13.40
CA GLY C 56 1.16 32.10 -12.70
C GLY C 56 1.35 32.14 -11.20
N VAL C 57 2.04 31.17 -10.63
CA VAL C 57 2.28 31.15 -9.18
C VAL C 57 3.47 32.07 -8.87
N PRO C 58 3.37 32.93 -7.86
CA PRO C 58 4.48 33.83 -7.55
C PRO C 58 5.74 33.06 -7.15
N VAL C 59 6.89 33.63 -7.50
CA VAL C 59 8.18 32.99 -7.23
C VAL C 59 8.49 32.89 -5.75
N ARG C 60 7.72 33.56 -4.90
CA ARG C 60 7.91 33.45 -3.45
C ARG C 60 7.46 32.11 -2.91
N PHE C 61 6.89 31.24 -3.74
CA PHE C 61 6.57 29.87 -3.37
C PHE C 61 7.68 28.93 -3.82
N SER C 62 7.83 27.83 -3.10
CA SER C 62 8.85 26.85 -3.43
C SER C 62 8.52 25.53 -2.74
N GLY C 63 8.80 24.43 -3.42
CA GLY C 63 8.59 23.11 -2.87
C GLY C 63 9.91 22.36 -2.75
N SER C 64 9.95 21.43 -1.80
CA SER C 64 11.13 20.62 -1.59
C SER C 64 10.72 19.33 -0.89
N GLY C 65 11.64 18.38 -0.85
CA GLY C 65 11.41 17.10 -0.21
C GLY C 65 11.84 15.95 -1.11
N SER C 66 11.80 14.77 -0.52
CA SER C 66 12.30 13.57 -1.18
C SER C 66 11.77 12.34 -0.46
N GLY C 67 11.63 11.25 -1.20
CA GLY C 67 11.27 9.96 -0.64
C GLY C 67 9.98 9.95 0.16
N THR C 68 10.08 10.24 1.45
CA THR C 68 8.95 10.12 2.35
C THR C 68 8.56 11.43 3.05
N SER C 69 9.36 12.49 2.90
CA SER C 69 9.12 13.75 3.59
C SER C 69 9.27 14.89 2.61
N TYR C 70 8.28 15.79 2.57
CA TYR C 70 8.27 16.92 1.65
C TYR C 70 7.82 18.17 2.40
N SER C 71 7.87 19.31 1.71
CA SER C 71 7.53 20.58 2.33
C SER C 71 7.19 21.62 1.27
N LEU C 72 6.47 22.66 1.70
CA LEU C 72 6.16 23.82 0.87
C LEU C 72 6.45 25.09 1.65
N THR C 73 7.10 26.05 1.00
CA THR C 73 7.65 27.22 1.67
C THR C 73 7.21 28.50 0.97
N ILE C 74 6.84 29.49 1.78
CA ILE C 74 6.58 30.85 1.31
C ILE C 74 7.61 31.76 1.94
N SER C 75 8.43 32.41 1.10
CA SER C 75 9.52 33.23 1.62
C SER C 75 8.99 34.39 2.46
N ARG C 76 7.93 35.05 1.99
CA ARG C 76 7.25 36.07 2.78
C ARG C 76 5.76 35.97 2.48
N VAL C 77 4.97 35.67 3.52
CA VAL C 77 3.55 35.42 3.34
C VAL C 77 2.85 36.69 2.86
N GLU C 78 1.71 36.50 2.22
CA GLU C 78 0.93 37.59 1.64
C GLU C 78 -0.54 37.38 1.94
N ALA C 79 -1.27 38.49 2.09
CA ALA C 79 -2.70 38.41 2.36
C ALA C 79 -3.44 37.61 1.31
N GLU C 80 -3.00 37.71 0.05
CA GLU C 80 -3.65 36.96 -1.02
C GLU C 80 -3.37 35.47 -0.97
N ASP C 81 -2.50 35.02 -0.06
CA ASP C 81 -2.17 33.60 0.08
C ASP C 81 -3.02 32.89 1.13
N ALA C 82 -4.04 33.56 1.67
CA ALA C 82 -4.90 32.96 2.68
C ALA C 82 -5.78 31.90 2.03
N ALA C 83 -5.44 30.64 2.23
CA ALA C 83 -6.17 29.52 1.65
C ALA C 83 -5.71 28.25 2.33
N THR C 84 -6.22 27.11 1.86
CA THR C 84 -5.80 25.80 2.33
C THR C 84 -5.02 25.10 1.23
N TYR C 85 -3.89 24.50 1.61
CA TYR C 85 -2.99 23.84 0.67
C TYR C 85 -3.00 22.35 0.90
N TYR C 86 -3.12 21.58 -0.18
CA TYR C 86 -3.19 20.13 -0.13
C TYR C 86 -2.04 19.53 -0.91
N CYS C 87 -1.43 18.50 -0.34
CA CYS C 87 -0.40 17.72 -1.02
C CYS C 87 -1.00 16.43 -1.53
N GLN C 88 -0.55 15.98 -2.71
CA GLN C 88 -1.12 14.82 -3.37
C GLN C 88 -0.02 13.99 -4.01
N GLN C 89 -0.17 12.67 -3.95
CA GLN C 89 0.74 11.74 -4.60
C GLN C 89 -0.03 10.80 -5.51
N TRP C 90 0.70 10.15 -6.42
CA TRP C 90 0.16 9.08 -7.25
C TRP C 90 1.24 8.02 -7.46
N SER C 91 1.75 7.48 -6.36
CA SER C 91 2.74 6.41 -6.41
C SER C 91 2.13 5.04 -6.19
N SER C 92 0.92 4.96 -5.65
CA SER C 92 0.18 3.71 -5.48
C SER C 92 -1.07 3.74 -6.36
N ASN C 93 -1.86 2.67 -6.30
CA ASN C 93 -3.04 2.58 -7.15
C ASN C 93 -4.08 3.65 -6.85
N PRO C 94 -4.47 3.90 -5.59
CA PRO C 94 -5.37 5.01 -5.32
C PRO C 94 -4.61 6.25 -4.89
N PRO C 95 -4.52 7.25 -5.77
CA PRO C 95 -3.87 8.51 -5.36
C PRO C 95 -4.65 9.16 -4.24
N THR C 96 -3.92 9.65 -3.23
CA THR C 96 -4.55 10.26 -2.07
C THR C 96 -4.12 11.72 -1.94
N PHE C 97 -4.78 12.41 -1.01
CA PHE C 97 -4.45 13.78 -0.65
C PHE C 97 -4.17 13.86 0.83
N GLY C 98 -3.56 14.97 1.24
CA GLY C 98 -3.46 15.26 2.66
C GLY C 98 -4.70 15.94 3.18
N GLY C 99 -4.80 16.01 4.51
CA GLY C 99 -5.92 16.66 5.15
C GLY C 99 -5.98 18.17 4.94
N GLY C 100 -4.95 18.76 4.34
CA GLY C 100 -4.90 20.18 4.12
C GLY C 100 -4.22 20.93 5.26
N THR C 101 -3.74 22.13 4.94
CA THR C 101 -3.14 23.02 5.91
C THR C 101 -3.60 24.44 5.59
N LYS C 102 -4.45 25.00 6.44
CA LYS C 102 -4.96 26.34 6.22
C LYS C 102 -3.95 27.38 6.70
N LEU C 103 -3.76 28.42 5.90
CA LEU C 103 -2.83 29.50 6.21
C LEU C 103 -3.64 30.73 6.60
N GLU C 104 -3.79 30.93 7.91
CA GLU C 104 -4.53 32.08 8.44
C GLU C 104 -3.60 33.27 8.60
N ILE C 105 -4.03 34.42 8.12
CA ILE C 105 -3.20 35.63 8.13
C ILE C 105 -3.46 36.40 9.42
N LYS C 106 -2.38 36.82 10.09
CA LYS C 106 -2.48 37.70 11.23
C LYS C 106 -2.61 39.15 10.75
N ARG C 107 -3.27 39.97 11.57
CA ARG C 107 -3.62 41.32 11.15
C ARG C 107 -3.90 42.16 12.39
N ALA C 108 -3.69 43.47 12.26
CA ALA C 108 -4.03 44.39 13.34
C ALA C 108 -5.52 44.32 13.65
N ASP C 109 -5.84 44.37 14.94
CA ASP C 109 -7.23 44.26 15.37
C ASP C 109 -8.04 45.44 14.86
N ALA C 110 -9.19 45.15 14.25
CA ALA C 110 -10.07 46.15 13.69
C ALA C 110 -11.49 45.93 14.17
N ALA C 111 -12.21 47.03 14.40
CA ALA C 111 -13.58 46.98 14.88
C ALA C 111 -14.55 46.68 13.75
N PRO C 112 -15.69 46.07 14.04
CA PRO C 112 -16.68 45.78 13.00
C PRO C 112 -17.61 46.95 12.73
N THR C 113 -18.03 47.05 11.46
CA THR C 113 -19.04 48.01 11.04
C THR C 113 -20.39 47.28 11.04
N VAL C 114 -21.27 47.67 11.96
CA VAL C 114 -22.53 46.98 12.15
C VAL C 114 -23.66 47.79 11.54
N SER C 115 -24.74 47.10 11.18
CA SER C 115 -25.91 47.73 10.59
C SER C 115 -27.07 46.76 10.68
N ILE C 116 -28.24 47.26 11.09
CA ILE C 116 -29.43 46.44 11.24
C ILE C 116 -30.37 46.72 10.06
N PHE C 117 -31.35 45.84 9.89
CA PHE C 117 -32.28 45.96 8.77
C PHE C 117 -33.67 45.46 9.16
N PRO C 118 -34.71 46.26 8.93
CA PRO C 118 -36.08 45.82 9.22
C PRO C 118 -36.56 44.82 8.17
N PRO C 119 -37.64 44.08 8.46
CA PRO C 119 -38.15 43.12 7.48
C PRO C 119 -38.71 43.81 6.25
N SER C 120 -38.71 43.09 5.13
CA SER C 120 -39.19 43.62 3.87
C SER C 120 -40.71 43.58 3.81
N SER C 121 -41.25 44.34 2.84
CA SER C 121 -42.69 44.34 2.64
C SER C 121 -43.17 43.05 2.01
N GLU C 122 -42.40 42.49 1.08
CA GLU C 122 -42.76 41.21 0.47
C GLU C 122 -42.69 40.07 1.46
N GLN C 123 -41.92 40.21 2.54
CA GLN C 123 -41.84 39.17 3.55
C GLN C 123 -43.04 39.18 4.47
N LEU C 124 -43.51 40.37 4.85
CA LEU C 124 -44.69 40.46 5.72
C LEU C 124 -45.94 39.97 5.01
N THR C 125 -46.03 40.16 3.68
CA THR C 125 -47.16 39.63 2.93
C THR C 125 -47.15 38.10 2.94
N SER C 126 -45.98 37.49 3.12
CA SER C 126 -45.89 36.04 3.16
C SER C 126 -46.33 35.49 4.50
N GLY C 127 -46.03 36.21 5.58
CA GLY C 127 -46.45 35.78 6.91
C GLY C 127 -45.32 35.76 7.93
N GLY C 128 -44.08 35.88 7.46
CA GLY C 128 -42.92 35.86 8.32
C GLY C 128 -42.23 37.22 8.38
N ALA C 129 -41.31 37.33 9.34
CA ALA C 129 -40.53 38.55 9.54
C ALA C 129 -39.17 38.18 10.05
N SER C 130 -38.13 38.49 9.28
CA SER C 130 -36.74 38.24 9.68
C SER C 130 -35.98 39.55 9.72
N VAL C 131 -35.35 39.83 10.85
CA VAL C 131 -34.52 41.02 11.04
C VAL C 131 -33.07 40.56 11.02
N VAL C 132 -32.29 41.11 10.10
CA VAL C 132 -30.91 40.72 9.92
C VAL C 132 -30.00 41.76 10.57
N CYS C 133 -28.71 41.42 10.68
CA CYS C 133 -27.74 42.31 11.30
C CYS C 133 -26.37 41.93 10.77
N PHE C 134 -25.72 42.85 10.06
CA PHE C 134 -24.43 42.61 9.44
C PHE C 134 -23.32 43.21 10.29
N LEU C 135 -22.27 42.43 10.52
CA LEU C 135 -21.06 42.88 11.22
C LEU C 135 -19.90 42.63 10.27
N ASN C 136 -19.38 43.69 9.67
CA ASN C 136 -18.44 43.58 8.56
C ASN C 136 -17.06 44.10 8.95
N ASN C 137 -16.03 43.38 8.49
CA ASN C 137 -14.64 43.82 8.52
C ASN C 137 -14.10 43.99 9.94
N PHE C 138 -13.95 42.88 10.65
CA PHE C 138 -13.28 42.84 11.95
C PHE C 138 -12.31 41.68 11.95
N TYR C 139 -11.15 41.86 12.59
CA TYR C 139 -10.13 40.82 12.47
C TYR C 139 -10.28 39.72 13.52
N PRO C 140 -10.31 40.04 14.84
CA PRO C 140 -10.47 38.96 15.83
C PRO C 140 -11.72 38.14 15.57
N LYS C 141 -11.51 36.88 15.18
CA LYS C 141 -12.61 36.05 14.66
C LYS C 141 -13.69 35.84 15.71
N ASP C 142 -13.30 35.71 16.98
CA ASP C 142 -14.27 35.47 18.03
C ASP C 142 -15.10 36.72 18.30
N ILE C 143 -16.42 36.56 18.36
CA ILE C 143 -17.33 37.67 18.53
C ILE C 143 -18.72 37.14 18.89
N ASN C 144 -19.38 37.79 19.85
CA ASN C 144 -20.71 37.40 20.29
C ASN C 144 -21.73 38.45 19.87
N VAL C 145 -22.92 38.01 19.49
CA VAL C 145 -24.00 38.89 19.06
C VAL C 145 -25.25 38.50 19.85
N LYS C 146 -25.76 39.42 20.66
CA LYS C 146 -26.91 39.19 21.52
C LYS C 146 -28.09 40.02 21.04
N TRP C 147 -29.23 39.37 20.85
CA TRP C 147 -30.47 40.04 20.43
C TRP C 147 -31.29 40.33 21.67
N LYS C 148 -31.17 41.56 22.19
CA LYS C 148 -31.88 41.99 23.38
C LYS C 148 -33.13 42.74 22.98
N ILE C 149 -34.29 42.23 23.37
CA ILE C 149 -35.57 42.90 23.16
C ILE C 149 -36.02 43.42 24.52
N ASP C 150 -35.78 44.71 24.78
CA ASP C 150 -36.11 45.36 26.03
C ASP C 150 -35.35 44.78 27.21
N GLY C 151 -34.31 43.98 26.96
CA GLY C 151 -33.50 43.44 28.03
C GLY C 151 -33.01 42.03 27.80
N SER C 152 -33.94 41.08 27.71
CA SER C 152 -33.58 39.67 27.61
C SER C 152 -33.01 39.34 26.23
N GLU C 153 -31.94 38.55 26.22
CA GLU C 153 -31.38 38.03 24.98
C GLU C 153 -32.27 36.88 24.51
N ARG C 154 -33.09 37.16 23.49
CA ARG C 154 -34.06 36.17 22.98
C ARG C 154 -33.39 35.18 22.02
N GLN C 155 -33.59 33.90 22.30
CA GLN C 155 -33.03 32.85 21.45
C GLN C 155 -34.15 31.98 20.87
N ASN C 156 -33.83 30.74 20.52
CA ASN C 156 -34.80 29.80 19.94
C ASN C 156 -35.48 30.41 18.71
N GLY C 157 -34.65 30.89 17.78
CA GLY C 157 -35.16 31.54 16.59
C GLY C 157 -34.17 32.53 16.01
N VAL C 158 -32.89 32.18 16.02
CA VAL C 158 -31.83 33.03 15.50
C VAL C 158 -30.76 32.15 14.86
N LEU C 159 -30.02 32.73 13.92
CA LEU C 159 -28.96 32.00 13.22
C LEU C 159 -27.98 33.01 12.64
N ASN C 160 -26.70 32.65 12.65
CA ASN C 160 -25.64 33.53 12.17
C ASN C 160 -24.65 32.72 11.33
N SER C 161 -24.04 33.39 10.37
CA SER C 161 -23.05 32.80 9.47
C SER C 161 -21.75 33.60 9.56
N TRP C 162 -20.69 33.02 9.00
CA TRP C 162 -19.36 33.59 9.10
C TRP C 162 -18.68 33.60 7.73
N THR C 163 -17.83 34.60 7.52
CA THR C 163 -16.96 34.68 6.36
C THR C 163 -15.59 34.12 6.71
N ASP C 164 -15.03 33.32 5.80
CA ASP C 164 -13.75 32.68 6.05
C ASP C 164 -12.65 33.69 6.37
N GLN C 165 -12.15 34.39 5.34
CA GLN C 165 -11.20 35.47 5.54
C GLN C 165 -10.97 36.21 4.23
N ASP C 166 -10.97 37.54 4.27
CA ASP C 166 -10.79 38.32 3.05
C ASP C 166 -9.37 38.18 2.54
N SER C 167 -9.25 38.08 1.21
CA SER C 167 -7.94 37.97 0.58
C SER C 167 -7.21 39.30 0.52
N LYS C 168 -7.89 40.42 0.75
CA LYS C 168 -7.28 41.73 0.76
C LYS C 168 -7.32 42.39 2.13
N ASP C 169 -8.49 42.42 2.77
CA ASP C 169 -8.61 42.99 4.11
C ASP C 169 -7.97 42.10 5.16
N SER C 170 -7.87 40.80 4.90
CA SER C 170 -7.48 39.80 5.90
C SER C 170 -8.41 39.87 7.11
N THR C 171 -9.70 40.05 6.84
CA THR C 171 -10.69 40.31 7.87
C THR C 171 -11.83 39.30 7.78
N TYR C 172 -12.73 39.37 8.74
CA TYR C 172 -13.86 38.47 8.86
C TYR C 172 -15.16 39.28 8.86
N SER C 173 -16.28 38.57 8.68
CA SER C 173 -17.59 39.21 8.69
C SER C 173 -18.64 38.21 9.16
N MET C 174 -19.62 38.72 9.90
CA MET C 174 -20.69 37.90 10.45
C MET C 174 -22.05 38.43 9.99
N SER C 175 -23.06 37.58 10.10
CA SER C 175 -24.41 37.94 9.67
C SER C 175 -25.41 37.20 10.57
N SER C 176 -25.87 37.89 11.62
CA SER C 176 -26.89 37.34 12.49
C SER C 176 -28.28 37.64 11.93
N THR C 177 -29.19 36.69 12.09
CA THR C 177 -30.54 36.80 11.56
C THR C 177 -31.53 36.20 12.54
N LEU C 178 -32.41 37.03 13.08
CA LEU C 178 -33.45 36.59 14.00
C LEU C 178 -34.77 36.47 13.23
N THR C 179 -35.29 35.25 13.13
CA THR C 179 -36.53 34.99 12.44
C THR C 179 -37.67 34.91 13.44
N LEU C 180 -38.74 35.66 13.19
CA LEU C 180 -39.88 35.74 14.08
C LEU C 180 -41.17 35.46 13.32
N THR C 181 -42.26 35.29 14.07
CA THR C 181 -43.59 35.22 13.50
C THR C 181 -44.22 36.60 13.51
N LYS C 182 -45.07 36.86 12.52
CA LYS C 182 -45.66 38.18 12.37
C LYS C 182 -46.50 38.56 13.58
N ASP C 183 -47.17 37.59 14.21
CA ASP C 183 -47.94 37.88 15.41
C ASP C 183 -47.04 38.34 16.55
N GLU C 184 -45.81 37.82 16.60
CA GLU C 184 -44.84 38.22 17.62
C GLU C 184 -43.94 39.37 17.16
N TYR C 185 -44.02 39.76 15.88
CA TYR C 185 -43.17 40.84 15.39
C TYR C 185 -43.77 42.20 15.69
N GLU C 186 -45.03 42.42 15.28
CA GLU C 186 -45.67 43.71 15.49
C GLU C 186 -46.11 43.93 16.93
N ARG C 187 -46.02 42.92 17.78
CA ARG C 187 -46.39 43.05 19.19
C ARG C 187 -45.28 43.67 20.03
N HIS C 188 -44.10 43.89 19.46
CA HIS C 188 -42.97 44.48 20.17
C HIS C 188 -42.53 45.76 19.45
N ASN C 189 -41.63 46.49 20.10
CA ASN C 189 -41.20 47.78 19.56
C ASN C 189 -39.68 47.87 19.48
N SER C 190 -38.97 47.18 20.37
CA SER C 190 -37.51 47.25 20.44
C SER C 190 -36.89 46.07 19.73
N TYR C 191 -35.84 46.35 18.95
CA TYR C 191 -35.06 45.32 18.26
C TYR C 191 -33.61 45.78 18.24
N THR C 192 -32.78 45.18 19.08
CA THR C 192 -31.40 45.60 19.26
C THR C 192 -30.45 44.48 18.85
N CYS C 193 -29.38 44.86 18.16
CA CYS C 193 -28.32 43.94 17.75
C CYS C 193 -27.05 44.33 18.52
N GLU C 194 -26.80 43.65 19.63
CA GLU C 194 -25.64 43.93 20.46
C GLU C 194 -24.43 43.13 19.98
N ALA C 195 -23.26 43.74 20.11
CA ALA C 195 -22.00 43.13 19.69
C ALA C 195 -21.11 42.85 20.90
N THR C 196 -20.00 42.19 20.63
CA THR C 196 -19.02 41.87 21.66
C THR C 196 -17.68 41.61 20.97
N HIS C 197 -16.72 42.50 21.18
CA HIS C 197 -15.44 42.41 20.49
C HIS C 197 -14.32 42.80 21.44
N LYS C 198 -13.10 42.42 21.06
CA LYS C 198 -11.90 42.73 21.83
C LYS C 198 -11.35 44.13 21.53
N THR C 199 -12.18 45.02 20.99
CA THR C 199 -11.76 46.38 20.68
C THR C 199 -12.43 47.43 21.55
N SER C 200 -13.63 47.15 22.07
CA SER C 200 -14.34 48.08 22.94
C SER C 200 -15.34 47.28 23.78
N THR C 201 -16.22 47.99 24.48
CA THR C 201 -17.25 47.37 25.29
C THR C 201 -18.55 48.13 25.09
N SER C 202 -19.61 47.42 24.63
CA SER C 202 -21.00 47.79 24.36
C SER C 202 -21.33 47.73 22.87
N PRO C 203 -20.76 48.65 22.01
CA PRO C 203 -21.31 48.91 20.67
C PRO C 203 -22.60 48.22 20.25
N ILE C 204 -23.72 48.95 20.32
CA ILE C 204 -25.03 48.43 19.95
C ILE C 204 -25.62 49.29 18.83
N VAL C 205 -26.60 48.71 18.13
CA VAL C 205 -27.33 49.39 17.07
C VAL C 205 -28.74 48.80 17.03
N LYS C 206 -29.76 49.66 16.99
CA LYS C 206 -31.14 49.22 17.11
C LYS C 206 -32.02 49.93 16.09
N SER C 207 -33.26 49.48 16.01
CA SER C 207 -34.26 50.04 15.11
C SER C 207 -35.63 49.96 15.77
N PHE C 208 -36.39 51.06 15.72
CA PHE C 208 -37.69 51.14 16.36
C PHE C 208 -38.79 50.83 15.34
N ASN C 209 -39.76 50.03 15.78
CA ASN C 209 -40.84 49.61 14.87
C ASN C 209 -41.74 50.79 14.51
N ARG C 210 -42.01 51.68 15.46
CA ARG C 210 -42.87 52.82 15.20
C ARG C 210 -42.16 53.86 14.32
N GLY D 1 -31.48 -20.36 11.39
CA GLY D 1 -32.21 -21.19 10.45
C GLY D 1 -32.05 -22.68 10.70
N PRO D 2 -32.26 -23.49 9.66
CA PRO D 2 -32.11 -24.94 9.80
C PRO D 2 -30.69 -25.41 9.54
N ALA D 3 -30.30 -26.46 10.27
CA ALA D 3 -28.98 -27.04 10.12
C ALA D 3 -28.92 -28.13 9.05
N VAL D 4 -30.07 -28.65 8.63
CA VAL D 4 -30.16 -29.72 7.65
C VAL D 4 -31.07 -29.29 6.51
N ILE D 5 -30.74 -29.69 5.29
CA ILE D 5 -31.53 -29.39 4.10
C ILE D 5 -31.75 -30.68 3.34
N GLU D 6 -33.01 -31.09 3.19
CA GLU D 6 -33.31 -32.23 2.34
C GLU D 6 -33.21 -31.82 0.88
N CYS D 7 -32.92 -32.80 0.01
CA CYS D 7 -32.67 -32.47 -1.39
C CYS D 7 -32.73 -33.74 -2.23
N TRP D 8 -32.64 -33.54 -3.55
CA TRP D 8 -32.71 -34.64 -4.51
C TRP D 8 -31.61 -34.47 -5.55
N PHE D 9 -30.98 -35.59 -5.89
CA PHE D 9 -29.93 -35.62 -6.90
C PHE D 9 -30.51 -36.13 -8.21
N VAL D 10 -30.34 -35.35 -9.27
CA VAL D 10 -30.84 -35.71 -10.60
C VAL D 10 -29.66 -35.96 -11.52
N GLU D 11 -29.87 -36.84 -12.50
CA GLU D 11 -28.86 -37.16 -13.51
C GLU D 11 -29.23 -36.42 -14.78
N ASP D 12 -28.44 -35.41 -15.15
CA ASP D 12 -28.74 -34.61 -16.33
C ASP D 12 -28.75 -35.47 -17.59
N ALA D 13 -27.88 -36.48 -17.66
CA ALA D 13 -27.85 -37.41 -18.78
C ALA D 13 -28.90 -38.50 -18.53
N SER D 14 -30.16 -38.12 -18.72
CA SER D 14 -31.29 -39.01 -18.48
C SER D 14 -31.72 -39.67 -19.79
N GLY D 15 -32.83 -40.41 -19.74
CA GLY D 15 -33.33 -41.10 -20.90
C GLY D 15 -33.49 -42.59 -20.69
N ALA D 19 -33.31 -40.02 -13.79
CA ALA D 19 -33.99 -40.34 -12.54
C ALA D 19 -33.68 -39.30 -11.48
N LYS D 20 -34.08 -39.60 -10.24
CA LYS D 20 -33.85 -38.70 -9.12
C LYS D 20 -33.79 -39.50 -7.83
N ARG D 21 -32.70 -39.36 -7.09
CA ARG D 21 -32.48 -40.04 -5.82
C ARG D 21 -32.57 -39.06 -4.66
N PRO D 22 -32.86 -39.53 -3.45
CA PRO D 22 -32.92 -38.63 -2.29
C PRO D 22 -31.51 -38.29 -1.79
N GLY D 23 -31.47 -37.28 -0.91
CA GLY D 23 -30.21 -36.91 -0.29
C GLY D 23 -30.42 -35.82 0.74
N ALA D 24 -29.39 -35.62 1.57
CA ALA D 24 -29.44 -34.63 2.63
C ALA D 24 -28.15 -33.82 2.63
N LEU D 25 -28.23 -32.64 3.24
CA LEU D 25 -27.10 -31.72 3.32
C LEU D 25 -27.02 -31.18 4.74
N LEU D 26 -25.92 -31.49 5.43
CA LEU D 26 -25.69 -31.04 6.80
C LEU D 26 -24.84 -29.78 6.76
N LEU D 27 -25.44 -28.66 7.16
CA LEU D 27 -24.73 -27.38 7.19
C LEU D 27 -24.12 -27.14 8.57
N GLU D 33 -20.43 -37.23 16.37
CA GLU D 33 -21.59 -37.93 15.82
C GLU D 33 -22.68 -36.96 15.39
N PRO D 34 -23.09 -37.03 14.13
CA PRO D 34 -24.15 -36.16 13.63
C PRO D 34 -25.50 -36.84 13.77
N PRO D 35 -26.59 -36.16 13.42
CA PRO D 35 -27.87 -36.85 13.25
C PRO D 35 -27.77 -37.92 12.18
N PRO D 36 -28.06 -39.19 12.51
CA PRO D 36 -27.87 -40.28 11.53
C PRO D 36 -28.88 -40.23 10.40
N ARG D 37 -30.07 -40.79 10.62
CA ARG D 37 -31.12 -40.97 9.62
C ARG D 37 -30.59 -41.82 8.48
N PRO D 38 -30.75 -43.15 8.53
CA PRO D 38 -30.09 -44.03 7.55
C PRO D 38 -30.91 -44.22 6.28
N ASP D 39 -31.79 -43.28 5.98
CA ASP D 39 -32.59 -43.35 4.75
C ASP D 39 -31.84 -42.88 3.52
N LEU D 40 -30.56 -42.50 3.66
CA LEU D 40 -29.76 -42.02 2.56
C LEU D 40 -28.42 -42.75 2.54
N ASP D 41 -27.89 -42.98 1.34
CA ASP D 41 -26.61 -43.66 1.18
C ASP D 41 -25.47 -42.66 1.16
N PRO D 42 -24.31 -43.02 1.73
CA PRO D 42 -23.17 -42.09 1.74
C PRO D 42 -22.64 -41.78 0.35
N GLU D 43 -23.45 -41.08 -0.44
CA GLU D 43 -23.07 -40.64 -1.78
C GLU D 43 -23.92 -39.44 -2.16
N LEU D 44 -25.08 -39.32 -1.51
CA LEU D 44 -25.94 -38.16 -1.63
C LEU D 44 -26.17 -37.46 -0.29
N TYR D 45 -25.69 -38.03 0.81
CA TYR D 45 -25.78 -37.42 2.14
C TYR D 45 -24.45 -36.71 2.39
N LEU D 46 -24.44 -35.40 2.17
CA LEU D 46 -23.20 -34.62 2.20
C LEU D 46 -23.16 -33.74 3.44
N SER D 47 -22.02 -33.75 4.12
CA SER D 47 -21.73 -32.81 5.20
C SER D 47 -20.88 -31.68 4.63
N VAL D 48 -21.43 -30.47 4.62
CA VAL D 48 -20.83 -29.35 3.92
C VAL D 48 -19.85 -28.64 4.84
N HIS D 49 -18.74 -28.19 4.26
CA HIS D 49 -17.76 -27.34 4.93
C HIS D 49 -17.60 -26.08 4.07
N ASP D 50 -18.06 -24.96 4.60
CA ASP D 50 -18.03 -23.67 3.91
C ASP D 50 -17.05 -22.73 4.61
N PRO D 51 -15.75 -22.81 4.29
CA PRO D 51 -14.80 -21.88 4.91
C PRO D 51 -14.95 -20.45 4.40
N ALA D 52 -15.49 -20.26 3.19
CA ALA D 52 -15.75 -18.91 2.72
C ALA D 52 -16.88 -18.26 3.52
N GLY D 53 -17.81 -19.06 4.05
CA GLY D 53 -18.86 -18.57 4.91
C GLY D 53 -20.11 -18.06 4.20
N ALA D 54 -20.13 -18.06 2.86
CA ALA D 54 -21.28 -17.53 2.15
C ALA D 54 -22.49 -18.45 2.25
N LEU D 55 -22.25 -19.76 2.41
CA LEU D 55 -23.36 -20.71 2.48
C LEU D 55 -23.97 -20.76 3.87
N GLN D 56 -23.13 -20.77 4.91
CA GLN D 56 -23.64 -20.83 6.28
C GLN D 56 -24.37 -19.54 6.65
N ALA D 57 -23.85 -18.40 6.21
CA ALA D 57 -24.47 -17.12 6.53
C ALA D 57 -25.84 -17.00 5.88
N ALA D 58 -26.05 -17.63 4.72
CA ALA D 58 -27.35 -17.58 4.06
C ALA D 58 -28.43 -18.19 4.92
N PHE D 59 -28.18 -19.37 5.48
CA PHE D 59 -29.16 -20.02 6.34
C PHE D 59 -29.16 -19.46 7.75
N ARG D 60 -28.09 -18.78 8.16
CA ARG D 60 -28.13 -18.06 9.44
C ARG D 60 -29.05 -16.86 9.35
N ARG D 61 -28.98 -16.10 8.25
CA ARG D 61 -29.85 -14.96 8.02
C ARG D 61 -31.21 -15.37 7.46
N TYR D 62 -31.51 -16.67 7.39
CA TYR D 62 -32.78 -17.12 6.90
C TYR D 62 -33.91 -16.69 7.85
N PRO D 63 -35.08 -16.37 7.31
CA PRO D 63 -36.20 -15.98 8.17
C PRO D 63 -36.56 -17.10 9.14
N ARG D 64 -36.88 -16.70 10.38
CA ARG D 64 -37.19 -17.67 11.43
C ARG D 64 -38.51 -18.36 11.14
N GLY D 65 -38.48 -19.69 11.08
CA GLY D 65 -39.68 -20.45 10.84
C GLY D 65 -40.20 -20.43 9.42
N ALA D 66 -39.34 -20.13 8.46
CA ALA D 66 -39.75 -20.10 7.07
C ALA D 66 -39.81 -21.52 6.50
N PRO D 67 -40.66 -21.75 5.50
CA PRO D 67 -40.73 -23.09 4.89
C PRO D 67 -39.39 -23.49 4.26
N ALA D 68 -39.26 -24.79 4.00
CA ALA D 68 -38.03 -25.32 3.45
C ALA D 68 -37.88 -24.92 1.98
N PRO D 69 -36.67 -24.57 1.54
CA PRO D 69 -36.46 -24.20 0.14
C PRO D 69 -36.19 -25.39 -0.76
N HIS D 70 -36.51 -25.22 -2.03
CA HIS D 70 -36.26 -26.26 -3.01
C HIS D 70 -34.77 -26.36 -3.32
N CYS D 71 -34.33 -27.57 -3.70
CA CYS D 71 -32.92 -27.83 -3.89
C CYS D 71 -32.75 -28.95 -4.91
N GLU D 72 -31.56 -28.98 -5.53
CA GLU D 72 -31.24 -30.03 -6.49
C GLU D 72 -29.73 -30.09 -6.71
N MET D 73 -29.16 -31.30 -6.69
CA MET D 73 -27.77 -31.51 -7.03
C MET D 73 -27.60 -32.04 -8.45
N SER D 74 -26.40 -31.85 -8.98
CA SER D 74 -26.03 -32.39 -10.28
C SER D 74 -24.54 -32.66 -10.30
N ARG D 75 -24.12 -33.48 -11.26
CA ARG D 75 -22.71 -33.82 -11.42
C ARG D 75 -22.07 -32.80 -12.35
N PHE D 76 -21.32 -31.85 -11.78
CA PHE D 76 -20.68 -30.81 -12.56
C PHE D 76 -19.42 -31.35 -13.22
N VAL D 77 -19.16 -30.87 -14.43
CA VAL D 77 -17.95 -31.24 -15.17
C VAL D 77 -17.23 -29.96 -15.59
N PRO D 78 -16.07 -29.65 -15.00
CA PRO D 78 -15.35 -28.43 -15.41
C PRO D 78 -14.90 -28.53 -16.86
N LEU D 79 -15.07 -27.43 -17.59
CA LEU D 79 -14.77 -27.37 -19.01
C LEU D 79 -14.40 -25.93 -19.36
N PRO D 80 -13.60 -25.73 -20.43
CA PRO D 80 -13.24 -24.37 -20.88
C PRO D 80 -14.45 -23.53 -21.24
N GLY D 101 -11.17 -34.12 -8.34
CA GLY D 101 -12.03 -35.30 -8.34
C GLY D 101 -13.42 -35.01 -8.85
N ALA D 102 -14.43 -35.52 -8.15
CA ALA D 102 -15.81 -35.29 -8.53
C ALA D 102 -16.25 -33.88 -8.12
N TRP D 103 -17.39 -33.47 -8.64
CA TRP D 103 -17.91 -32.12 -8.39
C TRP D 103 -19.42 -32.17 -8.35
N LEU D 104 -19.99 -31.64 -7.27
CA LEU D 104 -21.44 -31.63 -7.07
C LEU D 104 -21.93 -30.19 -7.07
N MET D 105 -22.80 -29.86 -8.02
CA MET D 105 -23.42 -28.54 -8.07
C MET D 105 -24.75 -28.57 -7.33
N VAL D 106 -24.96 -27.61 -6.44
CA VAL D 106 -26.15 -27.51 -5.63
C VAL D 106 -26.88 -26.23 -5.99
N SER D 107 -28.13 -26.36 -6.46
CA SER D 107 -28.98 -25.23 -6.76
C SER D 107 -30.12 -25.18 -5.76
N ILE D 108 -30.28 -24.05 -5.09
CA ILE D 108 -31.32 -23.84 -4.09
C ILE D 108 -32.20 -22.67 -4.54
N SER D 109 -33.50 -22.90 -4.59
CA SER D 109 -34.47 -21.89 -4.99
C SER D 109 -35.47 -21.67 -3.87
N SER D 110 -35.81 -20.40 -3.63
CA SER D 110 -36.75 -20.02 -2.59
C SER D 110 -37.20 -18.59 -2.85
N PRO D 111 -38.37 -18.20 -2.32
CA PRO D 111 -38.76 -16.79 -2.41
C PRO D 111 -37.87 -15.88 -1.58
N VAL D 112 -37.08 -16.43 -0.67
CA VAL D 112 -36.16 -15.64 0.13
C VAL D 112 -34.84 -15.41 -0.60
N LEU D 113 -34.31 -16.45 -1.24
CA LEU D 113 -33.02 -16.33 -1.90
C LEU D 113 -32.87 -17.43 -2.95
N SER D 114 -31.98 -17.18 -3.91
CA SER D 114 -31.58 -18.16 -4.91
C SER D 114 -30.07 -18.33 -4.84
N LEU D 115 -29.61 -19.58 -4.84
CA LEU D 115 -28.22 -19.89 -4.56
C LEU D 115 -27.70 -20.99 -5.47
N SER D 116 -26.44 -20.86 -5.88
CA SER D 116 -25.73 -21.90 -6.60
C SER D 116 -24.39 -22.12 -5.91
N SER D 117 -24.03 -23.39 -5.70
CA SER D 117 -22.83 -23.73 -4.97
C SER D 117 -22.14 -24.91 -5.64
N LEU D 118 -20.81 -24.93 -5.53
CA LEU D 118 -20.00 -26.04 -6.00
C LEU D 118 -19.37 -26.74 -4.81
N LEU D 119 -19.38 -28.07 -4.81
CA LEU D 119 -18.84 -28.87 -3.73
C LEU D 119 -17.89 -29.92 -4.27
N ARG D 120 -16.81 -30.14 -3.55
CA ARG D 120 -15.82 -31.16 -3.89
C ARG D 120 -15.63 -32.10 -2.72
N PRO D 121 -15.77 -33.41 -2.91
CA PRO D 121 -15.56 -34.35 -1.79
C PRO D 121 -14.09 -34.67 -1.55
N GLN D 122 -13.83 -35.64 -0.68
CA GLN D 122 -12.46 -36.06 -0.38
C GLN D 122 -12.38 -37.56 -0.21
N ILE D 132 -21.63 -40.54 6.56
CA ILE D 132 -21.90 -39.38 5.70
C ILE D 132 -20.61 -38.87 5.10
N THR D 133 -20.60 -38.71 3.77
CA THR D 133 -19.43 -38.20 3.08
C THR D 133 -19.34 -36.68 3.24
N MET D 134 -18.12 -36.21 3.51
CA MET D 134 -17.87 -34.79 3.73
C MET D 134 -17.38 -34.14 2.44
N ALA D 135 -17.75 -32.86 2.27
CA ALA D 135 -17.37 -32.11 1.08
C ALA D 135 -17.08 -30.67 1.47
N THR D 136 -16.30 -30.00 0.63
CA THR D 136 -15.93 -28.60 0.84
C THR D 136 -16.52 -27.74 -0.27
N VAL D 137 -16.92 -26.52 0.09
CA VAL D 137 -17.57 -25.60 -0.84
C VAL D 137 -16.50 -24.75 -1.52
N VAL D 138 -16.51 -24.76 -2.85
CA VAL D 138 -15.51 -24.05 -3.65
C VAL D 138 -16.04 -22.68 -4.07
N LEU D 139 -17.14 -22.68 -4.82
CA LEU D 139 -17.71 -21.45 -5.35
C LEU D 139 -19.18 -21.34 -4.93
N THR D 140 -19.61 -20.13 -4.59
CA THR D 140 -21.00 -19.90 -4.21
C THR D 140 -21.47 -18.58 -4.79
N VAL D 141 -22.61 -18.60 -5.49
CA VAL D 141 -23.28 -17.42 -6.00
C VAL D 141 -24.63 -17.32 -5.32
N LEU D 142 -24.97 -16.13 -4.84
CA LEU D 142 -26.15 -15.94 -4.00
C LEU D 142 -26.85 -14.64 -4.37
N THR D 143 -28.18 -14.63 -4.22
CA THR D 143 -28.94 -13.39 -4.25
C THR D 143 -30.10 -13.52 -3.28
N HIS D 144 -30.35 -12.45 -2.53
CA HIS D 144 -31.41 -12.43 -1.54
C HIS D 144 -32.67 -11.72 -2.02
N THR D 145 -32.72 -11.37 -3.31
CA THR D 145 -33.89 -10.74 -3.91
C THR D 145 -34.17 -11.39 -5.26
N PRO D 146 -34.63 -12.64 -5.26
CA PRO D 146 -34.88 -13.32 -6.54
C PRO D 146 -36.17 -12.89 -7.22
N ALA D 147 -37.00 -12.07 -6.56
CA ALA D 147 -38.24 -11.58 -7.13
C ALA D 147 -38.31 -10.06 -6.96
N PRO D 148 -37.50 -9.32 -7.72
CA PRO D 148 -37.55 -7.86 -7.63
C PRO D 148 -38.72 -7.30 -8.43
N ARG D 149 -39.45 -6.37 -7.81
CA ARG D 149 -40.63 -5.76 -8.43
C ARG D 149 -40.36 -4.26 -8.60
N VAL D 150 -40.15 -3.83 -9.85
CA VAL D 150 -39.83 -2.44 -10.14
C VAL D 150 -41.08 -1.75 -10.68
N ARG D 151 -41.18 -0.45 -10.42
CA ARG D 151 -42.27 0.37 -10.93
C ARG D 151 -41.93 0.87 -12.32
N LEU D 152 -42.91 0.83 -13.21
CA LEU D 152 -42.72 1.22 -14.61
C LEU D 152 -42.04 2.57 -14.73
N GLY D 153 -41.01 2.63 -15.58
CA GLY D 153 -40.28 3.86 -15.82
C GLY D 153 -39.18 4.17 -14.84
N GLN D 154 -39.01 3.37 -13.79
CA GLN D 154 -37.97 3.58 -12.81
C GLN D 154 -36.79 2.65 -13.09
N ASP D 155 -35.72 2.81 -12.32
CA ASP D 155 -34.50 2.03 -12.50
C ASP D 155 -34.54 0.77 -11.66
N ALA D 156 -34.19 -0.36 -12.28
CA ALA D 156 -34.13 -1.64 -11.59
C ALA D 156 -32.69 -1.96 -11.20
N LEU D 157 -32.54 -2.56 -10.02
CA LEU D 157 -31.23 -2.86 -9.45
C LEU D 157 -31.22 -4.31 -8.98
N LEU D 158 -30.55 -5.17 -9.73
CA LEU D 158 -30.41 -6.58 -9.36
C LEU D 158 -29.11 -6.75 -8.59
N ASP D 159 -29.17 -7.49 -7.47
CA ASP D 159 -28.04 -7.63 -6.56
C ASP D 159 -27.70 -9.10 -6.36
N LEU D 160 -26.41 -9.41 -6.40
CA LEU D 160 -25.92 -10.72 -6.03
C LEU D 160 -24.58 -10.58 -5.33
N SER D 161 -24.14 -11.67 -4.71
CA SER D 161 -22.82 -11.77 -4.11
C SER D 161 -22.25 -13.14 -4.42
N PHE D 162 -20.95 -13.30 -4.18
CA PHE D 162 -20.29 -14.56 -4.49
C PHE D 162 -19.07 -14.73 -3.61
N ALA D 163 -18.64 -15.99 -3.48
CA ALA D 163 -17.51 -16.33 -2.63
C ALA D 163 -16.77 -17.52 -3.23
N TYR D 164 -15.44 -17.43 -3.23
CA TYR D 164 -14.58 -18.43 -3.85
C TYR D 164 -13.48 -18.84 -2.88
N MET D 165 -13.34 -20.15 -2.70
CA MET D 165 -12.28 -20.73 -1.88
C MET D 165 -11.32 -21.50 -2.78
N PRO D 166 -10.11 -21.01 -3.02
CA PRO D 166 -9.24 -21.63 -4.03
C PRO D 166 -8.50 -22.82 -3.45
N PRO D 167 -8.16 -23.81 -4.28
CA PRO D 167 -7.32 -24.91 -3.81
C PRO D 167 -5.87 -24.47 -3.66
N THR D 168 -5.12 -25.26 -2.89
CA THR D 168 -3.71 -24.93 -2.67
C THR D 168 -2.92 -24.91 -3.97
N SER D 169 -3.37 -25.66 -4.99
CA SER D 169 -2.68 -25.65 -6.27
C SER D 169 -2.67 -24.26 -6.91
N GLU D 170 -3.70 -23.46 -6.63
CA GLU D 170 -3.79 -22.12 -7.23
C GLU D 170 -2.85 -21.13 -6.56
N ALA D 171 -2.78 -21.14 -5.23
CA ALA D 171 -1.88 -20.23 -4.53
C ALA D 171 -0.43 -20.64 -4.74
N ALA D 172 -0.15 -21.94 -4.72
CA ALA D 172 1.22 -22.42 -4.86
C ALA D 172 1.78 -22.08 -6.24
N SER D 173 0.94 -22.05 -7.26
CA SER D 173 1.38 -21.79 -8.62
C SER D 173 1.35 -20.31 -9.00
N SER D 174 0.87 -19.45 -8.11
CA SER D 174 0.62 -18.05 -8.45
C SER D 174 1.85 -17.21 -8.17
N LEU D 175 2.33 -16.52 -9.19
CA LEU D 175 3.30 -15.44 -9.02
C LEU D 175 2.55 -14.20 -8.57
N ALA D 176 2.90 -13.67 -7.40
CA ALA D 176 2.16 -12.59 -6.75
C ALA D 176 0.69 -13.01 -6.60
N PRO D 177 0.37 -13.84 -5.61
CA PRO D 177 -1.00 -14.36 -5.48
C PRO D 177 -1.99 -13.26 -5.15
N GLY D 178 -3.27 -13.61 -5.31
CA GLY D 178 -4.35 -12.68 -5.10
C GLY D 178 -5.65 -13.23 -5.64
N PRO D 179 -6.69 -12.38 -5.69
CA PRO D 179 -7.98 -12.83 -6.19
C PRO D 179 -7.95 -13.03 -7.69
N PRO D 180 -8.56 -14.09 -8.19
CA PRO D 180 -8.52 -14.37 -9.64
C PRO D 180 -9.42 -13.43 -10.41
N PRO D 181 -9.18 -13.26 -11.71
CA PRO D 181 -10.09 -12.45 -12.52
C PRO D 181 -11.34 -13.24 -12.87
N PHE D 182 -12.48 -12.57 -12.83
CA PHE D 182 -13.77 -13.21 -13.03
C PHE D 182 -14.57 -12.42 -14.05
N GLY D 183 -15.51 -13.11 -14.69
CA GLY D 183 -16.46 -12.50 -15.61
C GLY D 183 -17.85 -12.56 -15.02
N LEU D 184 -18.65 -11.55 -15.32
CA LEU D 184 -20.03 -11.47 -14.82
C LEU D 184 -20.94 -11.10 -15.98
N GLU D 185 -21.74 -12.05 -16.44
CA GLU D 185 -22.64 -11.85 -17.56
C GLU D 185 -24.09 -11.84 -17.08
N TRP D 186 -24.92 -11.06 -17.76
CA TRP D 186 -26.34 -10.94 -17.45
C TRP D 186 -27.14 -11.20 -18.72
N ARG D 187 -28.07 -12.15 -18.64
CA ARG D 187 -28.92 -12.50 -19.77
C ARG D 187 -30.38 -12.48 -19.34
N ARG D 188 -31.26 -12.26 -20.30
CA ARG D 188 -32.70 -12.33 -20.06
C ARG D 188 -33.30 -13.38 -20.99
N GLN D 189 -34.01 -14.33 -20.42
CA GLN D 189 -34.64 -15.40 -21.20
C GLN D 189 -35.92 -14.88 -21.85
N HIS D 190 -36.04 -15.06 -23.16
CA HIS D 190 -37.21 -14.63 -23.93
C HIS D 190 -38.16 -15.78 -24.21
N LEU D 191 -38.31 -16.71 -23.26
CA LEU D 191 -39.18 -17.87 -23.40
C LEU D 191 -38.81 -18.68 -24.64
N GLY D 192 -37.52 -18.98 -24.77
CA GLY D 192 -37.03 -19.75 -25.89
C GLY D 192 -35.83 -19.13 -26.57
N LYS D 193 -35.22 -18.14 -25.92
CA LYS D 193 -34.05 -17.47 -26.48
C LYS D 193 -33.34 -16.70 -25.37
N GLY D 194 -32.02 -16.81 -25.34
CA GLY D 194 -31.20 -16.08 -24.38
C GLY D 194 -30.66 -14.81 -25.00
N HIS D 195 -30.72 -13.71 -24.25
CA HIS D 195 -30.34 -12.39 -24.73
C HIS D 195 -29.40 -11.74 -23.72
N LEU D 196 -28.15 -11.54 -24.11
CA LEU D 196 -27.16 -10.96 -23.21
C LEU D 196 -27.35 -9.44 -23.13
N LEU D 197 -27.35 -8.92 -21.90
CA LEU D 197 -27.57 -7.50 -21.65
C LEU D 197 -26.29 -6.77 -21.27
N LEU D 198 -25.63 -7.20 -20.19
CA LEU D 198 -24.41 -6.55 -19.73
C LEU D 198 -23.39 -7.61 -19.34
N ALA D 199 -22.13 -7.17 -19.26
CA ALA D 199 -21.04 -8.08 -18.91
C ALA D 199 -19.88 -7.26 -18.37
N ALA D 200 -19.50 -7.53 -17.12
CA ALA D 200 -18.29 -6.94 -16.55
C ALA D 200 -17.07 -7.61 -17.17
N THR D 201 -16.24 -6.83 -17.85
CA THR D 201 -15.09 -7.36 -18.56
C THR D 201 -14.11 -8.08 -17.64
N GLY D 206 -8.53 -6.78 -23.43
CA GLY D 206 -9.39 -6.58 -22.28
C GLY D 206 -10.63 -5.76 -22.59
N GLN D 207 -11.22 -6.01 -23.76
CA GLN D 207 -12.42 -5.28 -24.17
C GLN D 207 -13.22 -6.18 -25.11
N MET D 208 -14.17 -6.92 -24.54
CA MET D 208 -15.11 -7.69 -25.33
C MET D 208 -16.49 -7.74 -24.67
N PRO D 209 -17.13 -6.58 -24.42
CA PRO D 209 -18.45 -6.62 -23.78
C PRO D 209 -19.57 -6.35 -24.77
N ALA D 210 -20.79 -6.24 -24.25
CA ALA D 210 -21.94 -5.82 -25.05
C ALA D 210 -22.97 -5.23 -24.10
N ALA D 211 -23.29 -3.95 -24.29
CA ALA D 211 -24.20 -3.24 -23.41
C ALA D 211 -25.48 -2.90 -24.19
N GLN D 212 -26.60 -3.45 -23.74
CA GLN D 212 -27.88 -3.27 -24.41
C GLN D 212 -28.88 -2.62 -23.47
N GLU D 213 -29.79 -1.84 -24.05
CA GLU D 213 -30.88 -1.20 -23.31
C GLU D 213 -30.36 -0.30 -22.20
N GLY D 214 -29.17 0.26 -22.37
CA GLY D 214 -28.59 1.16 -21.40
C GLY D 214 -28.22 0.51 -20.07
N ALA D 215 -28.18 -0.81 -20.00
CA ALA D 215 -27.82 -1.49 -18.76
C ALA D 215 -26.34 -1.36 -18.47
N VAL D 216 -26.00 -1.40 -17.18
CA VAL D 216 -24.61 -1.42 -16.76
C VAL D 216 -24.41 -2.46 -15.67
N ALA D 217 -23.23 -3.05 -15.63
CA ALA D 217 -22.88 -4.07 -14.66
C ALA D 217 -21.77 -3.55 -13.75
N PHE D 218 -21.91 -3.83 -12.46
CA PHE D 218 -20.89 -3.54 -11.47
C PHE D 218 -20.46 -4.83 -10.81
N ALA D 219 -19.16 -4.98 -10.58
CA ALA D 219 -18.66 -6.20 -9.96
C ALA D 219 -17.32 -5.89 -9.33
N ALA D 220 -17.10 -6.40 -8.12
CA ALA D 220 -15.86 -6.14 -7.42
C ALA D 220 -15.68 -7.11 -6.26
N TRP D 221 -14.47 -7.63 -6.13
CA TRP D 221 -14.08 -8.35 -4.93
C TRP D 221 -14.16 -7.41 -3.72
N ASP D 222 -14.37 -8.00 -2.54
CA ASP D 222 -14.44 -7.19 -1.34
C ASP D 222 -13.06 -6.72 -0.87
N ASP D 223 -11.99 -7.40 -1.27
CA ASP D 223 -10.63 -6.97 -0.99
C ASP D 223 -9.68 -7.72 -1.91
N ASP D 224 -8.48 -7.16 -2.07
CA ASP D 224 -7.45 -7.74 -2.93
C ASP D 224 -6.35 -8.43 -2.11
N GLU D 225 -6.73 -9.10 -1.03
CA GLU D 225 -5.76 -9.77 -0.19
C GLU D 225 -5.17 -10.97 -0.93
N PRO D 226 -3.91 -11.30 -0.68
CA PRO D 226 -3.25 -12.35 -1.46
C PRO D 226 -3.80 -13.75 -1.19
N TRP D 227 -4.24 -14.03 0.03
CA TRP D 227 -4.56 -15.39 0.45
C TRP D 227 -6.06 -15.55 0.69
N GLY D 228 -6.42 -16.76 1.11
CA GLY D 228 -7.73 -17.05 1.65
C GLY D 228 -8.84 -17.00 0.63
N PRO D 229 -10.05 -17.33 1.05
CA PRO D 229 -11.21 -17.16 0.18
C PRO D 229 -11.52 -15.69 -0.01
N TRP D 230 -12.09 -15.37 -1.17
CA TRP D 230 -12.47 -14.00 -1.49
C TRP D 230 -13.97 -13.92 -1.73
N THR D 231 -14.57 -12.82 -1.27
CA THR D 231 -15.98 -12.54 -1.48
C THR D 231 -16.13 -11.28 -2.33
N GLY D 232 -17.20 -11.21 -3.10
CA GLY D 232 -17.40 -10.11 -4.01
C GLY D 232 -18.86 -9.79 -4.24
N ASN D 233 -19.11 -8.55 -4.64
CA ASN D 233 -20.43 -8.05 -4.99
C ASN D 233 -20.59 -7.98 -6.51
N GLY D 234 -21.82 -8.19 -6.96
CA GLY D 234 -22.19 -8.04 -8.36
C GLY D 234 -23.60 -7.49 -8.51
N THR D 235 -23.72 -6.34 -9.17
CA THR D 235 -25.01 -5.67 -9.34
C THR D 235 -25.24 -5.35 -10.81
N PHE D 236 -26.51 -5.16 -11.15
CA PHE D 236 -26.97 -4.98 -12.53
C PHE D 236 -28.01 -3.87 -12.54
N TRP D 237 -27.71 -2.77 -13.22
CA TRP D 237 -28.56 -1.60 -13.25
C TRP D 237 -29.21 -1.49 -14.61
N LEU D 238 -30.54 -1.42 -14.61
CA LEU D 238 -31.33 -1.27 -15.84
C LEU D 238 -32.12 0.03 -15.76
N PRO D 239 -31.99 0.95 -16.71
CA PRO D 239 -32.68 2.23 -16.61
C PRO D 239 -34.07 2.22 -17.24
N ARG D 240 -34.99 2.89 -16.55
CA ARG D 240 -36.34 3.18 -17.03
C ARG D 240 -37.00 1.92 -17.61
N VAL D 241 -37.28 0.99 -16.70
CA VAL D 241 -37.70 -0.36 -17.09
C VAL D 241 -39.06 -0.30 -17.76
N GLN D 242 -39.16 -0.93 -18.93
CA GLN D 242 -40.40 -1.08 -19.67
C GLN D 242 -40.88 -2.53 -19.58
N PRO D 243 -42.19 -2.76 -19.65
CA PRO D 243 -42.73 -4.12 -19.49
C PRO D 243 -42.18 -5.14 -20.48
N PHE D 244 -41.44 -4.73 -21.51
CA PHE D 244 -40.82 -5.72 -22.39
C PHE D 244 -39.55 -6.31 -21.80
N GLN D 245 -39.17 -5.89 -20.60
CA GLN D 245 -37.93 -6.33 -19.96
C GLN D 245 -38.16 -7.17 -18.71
N GLU D 246 -39.40 -7.57 -18.44
CA GLU D 246 -39.69 -8.41 -17.30
C GLU D 246 -39.56 -9.88 -17.67
N GLY D 247 -39.19 -10.69 -16.68
CA GLY D 247 -39.05 -12.11 -16.91
C GLY D 247 -37.88 -12.74 -16.16
N THR D 248 -37.29 -13.78 -16.75
CA THR D 248 -36.20 -14.51 -16.11
C THR D 248 -34.86 -13.89 -16.48
N TYR D 249 -34.05 -13.61 -15.46
CA TYR D 249 -32.72 -13.04 -15.63
C TYR D 249 -31.70 -14.03 -15.10
N LEU D 250 -30.81 -14.50 -15.97
CA LEU D 250 -29.74 -15.41 -15.61
C LEU D 250 -28.46 -14.61 -15.42
N ALA D 251 -27.89 -14.67 -14.23
CA ALA D 251 -26.63 -14.03 -13.93
C ALA D 251 -25.55 -15.10 -13.78
N THR D 252 -24.51 -14.99 -14.61
CA THR D 252 -23.48 -16.02 -14.71
C THR D 252 -22.13 -15.45 -14.24
N ILE D 253 -21.50 -16.18 -13.33
CA ILE D 253 -20.15 -15.89 -12.85
C ILE D 253 -19.19 -16.87 -13.52
N HIS D 254 -18.20 -16.34 -14.22
CA HIS D 254 -17.18 -17.11 -14.92
C HIS D 254 -15.89 -17.02 -14.11
N LEU D 255 -15.55 -18.08 -13.39
CA LEU D 255 -14.22 -18.24 -12.86
C LEU D 255 -13.38 -19.02 -13.85
N PRO D 256 -12.03 -18.88 -13.81
CA PRO D 256 -11.17 -19.45 -14.87
C PRO D 256 -11.59 -20.83 -15.35
N TYR D 257 -11.87 -21.75 -14.43
CA TYR D 257 -12.31 -23.09 -14.79
C TYR D 257 -13.65 -23.44 -14.16
N LEU D 258 -14.45 -22.45 -13.74
CA LEU D 258 -15.66 -22.71 -12.98
C LEU D 258 -16.80 -21.82 -13.45
N GLN D 259 -18.03 -22.28 -13.19
CA GLN D 259 -19.24 -21.59 -13.59
C GLN D 259 -20.20 -21.47 -12.41
N GLY D 260 -20.90 -20.36 -12.33
CA GLY D 260 -21.99 -20.20 -11.39
C GLY D 260 -23.13 -19.46 -12.04
N GLN D 261 -24.36 -19.81 -11.64
CA GLN D 261 -25.53 -19.23 -12.28
C GLN D 261 -26.64 -19.02 -11.25
N VAL D 262 -27.24 -17.83 -11.27
CA VAL D 262 -28.40 -17.52 -10.44
C VAL D 262 -29.51 -16.97 -11.32
N THR D 263 -30.75 -17.12 -10.84
CA THR D 263 -31.93 -16.71 -11.58
C THR D 263 -32.74 -15.71 -10.77
N LEU D 264 -33.25 -14.69 -11.47
CA LEU D 264 -34.11 -13.68 -10.86
C LEU D 264 -35.38 -13.53 -11.71
N GLU D 265 -36.48 -13.20 -11.06
CA GLU D 265 -37.77 -13.03 -11.73
C GLU D 265 -38.18 -11.57 -11.60
N LEU D 266 -37.85 -10.77 -12.61
CA LEU D 266 -38.18 -9.35 -12.59
C LEU D 266 -39.62 -9.14 -13.04
N ALA D 267 -40.39 -8.43 -12.22
CA ALA D 267 -41.79 -8.13 -12.51
C ALA D 267 -42.02 -6.63 -12.45
N VAL D 268 -42.88 -6.13 -13.32
CA VAL D 268 -43.19 -4.71 -13.40
C VAL D 268 -44.64 -4.49 -12.99
N TYR D 269 -44.88 -3.34 -12.38
CA TYR D 269 -46.23 -2.94 -11.98
C TYR D 269 -46.40 -1.46 -12.24
N LYS D 270 -47.66 -1.04 -12.37
CA LYS D 270 -47.99 0.36 -12.58
C LYS D 270 -49.41 0.64 -12.10
N PRO D 271 -49.60 1.63 -11.23
CA PRO D 271 -50.94 1.96 -10.76
C PRO D 271 -51.70 2.77 -11.79
N PRO D 272 -52.99 2.51 -11.96
CA PRO D 272 -53.77 3.24 -12.97
C PRO D 272 -54.18 4.62 -12.49
N LYS D 273 -54.43 5.48 -13.47
CA LYS D 273 -55.04 6.79 -13.22
C LYS D 273 -56.52 6.66 -13.54
N VAL D 274 -57.38 6.91 -12.56
CA VAL D 274 -58.80 6.62 -12.66
C VAL D 274 -59.58 7.94 -12.68
N SER D 275 -60.51 8.06 -13.63
CA SER D 275 -61.36 9.24 -13.75
C SER D 275 -62.79 8.79 -14.02
N LEU D 276 -63.74 9.69 -13.74
CA LEU D 276 -65.16 9.38 -13.87
C LEU D 276 -65.88 10.58 -14.46
N MET D 277 -66.48 10.39 -15.63
CA MET D 277 -67.18 11.46 -16.34
C MET D 277 -68.39 10.88 -17.06
N PRO D 278 -69.44 11.67 -17.28
CA PRO D 278 -70.67 11.12 -17.86
C PRO D 278 -70.86 11.41 -19.35
N ALA D 279 -72.12 11.46 -19.75
CA ALA D 279 -72.58 11.75 -21.11
C ALA D 279 -72.18 10.67 -22.12
N THR D 280 -72.72 10.76 -23.33
CA THR D 280 -72.58 9.68 -24.31
C THR D 280 -72.63 10.25 -25.72
N LEU D 281 -72.09 9.46 -26.65
CA LEU D 281 -72.21 9.67 -28.08
C LEU D 281 -71.59 10.98 -28.57
N ALA D 282 -71.72 11.27 -29.85
CA ALA D 282 -71.09 12.43 -30.46
C ALA D 282 -72.06 13.58 -30.61
N ARG D 283 -72.95 13.50 -31.60
CA ARG D 283 -73.93 14.56 -31.84
C ARG D 283 -75.33 14.10 -31.49
N ALA D 284 -75.51 13.54 -30.29
CA ALA D 284 -76.78 12.99 -29.86
C ALA D 284 -77.46 13.92 -28.86
N ALA D 285 -78.78 14.02 -28.97
CA ALA D 285 -79.55 14.85 -28.05
C ALA D 285 -79.51 14.26 -26.64
N PRO D 286 -79.69 15.08 -25.61
CA PRO D 286 -79.69 14.54 -24.24
C PRO D 286 -80.88 13.61 -24.02
N GLY D 287 -80.62 12.53 -23.30
CA GLY D 287 -81.65 11.55 -22.99
C GLY D 287 -81.99 10.59 -24.12
N GLU D 288 -81.53 10.85 -25.34
CA GLU D 288 -81.74 9.91 -26.43
C GLU D 288 -81.19 8.54 -26.07
N ALA D 289 -79.97 8.50 -25.58
CA ALA D 289 -79.43 7.31 -24.96
C ALA D 289 -79.54 7.40 -23.45
N PRO D 290 -79.75 6.28 -22.75
CA PRO D 290 -79.82 6.32 -21.29
C PRO D 290 -78.55 6.91 -20.72
N PRO D 291 -78.66 7.64 -19.61
CA PRO D 291 -77.48 8.32 -19.04
C PRO D 291 -76.37 7.32 -18.72
N GLU D 292 -75.14 7.66 -19.10
CA GLU D 292 -74.00 6.77 -19.01
C GLU D 292 -72.89 7.40 -18.18
N LEU D 293 -72.27 6.59 -17.33
CA LEU D 293 -71.11 7.00 -16.54
C LEU D 293 -69.92 6.18 -17.00
N LEU D 294 -68.85 6.87 -17.42
CA LEU D 294 -67.63 6.25 -17.90
C LEU D 294 -66.53 6.46 -16.86
N CYS D 295 -66.05 5.37 -16.30
CA CYS D 295 -64.86 5.36 -15.45
C CYS D 295 -63.70 4.88 -16.31
N LEU D 296 -62.80 5.79 -16.64
CA LEU D 296 -61.64 5.51 -17.48
C LEU D 296 -60.41 5.27 -16.62
N VAL D 297 -59.67 4.21 -16.93
CA VAL D 297 -58.40 3.91 -16.28
C VAL D 297 -57.30 4.00 -17.32
N SER D 298 -56.26 4.77 -17.00
CA SER D 298 -55.21 5.10 -17.95
C SER D 298 -53.87 4.65 -17.39
N HIS D 299 -53.07 4.00 -18.25
CA HIS D 299 -51.69 3.67 -17.94
C HIS D 299 -51.55 2.83 -16.68
N PHE D 300 -51.87 1.55 -16.80
CA PHE D 300 -51.56 0.53 -15.80
C PHE D 300 -51.05 -0.69 -16.54
N TYR D 301 -49.99 -1.31 -16.02
CA TYR D 301 -49.40 -2.37 -16.84
C TYR D 301 -50.04 -3.73 -16.64
N PRO D 302 -50.00 -4.33 -15.41
CA PRO D 302 -50.25 -5.78 -15.29
C PRO D 302 -51.42 -6.34 -16.07
N SER D 303 -52.40 -5.49 -16.42
CA SER D 303 -53.46 -5.83 -17.38
C SER D 303 -54.25 -7.06 -16.96
N GLY D 304 -54.33 -7.30 -15.65
CA GLY D 304 -55.06 -8.45 -15.15
C GLY D 304 -55.52 -8.21 -13.73
N GLY D 305 -56.57 -8.92 -13.35
CA GLY D 305 -57.11 -8.78 -12.01
C GLY D 305 -57.61 -7.39 -11.68
N LEU D 306 -57.85 -6.56 -12.70
CA LEU D 306 -58.39 -5.23 -12.48
C LEU D 306 -59.90 -5.32 -12.35
N GLU D 307 -60.40 -5.09 -11.13
CA GLU D 307 -61.82 -5.16 -10.84
C GLU D 307 -62.37 -3.76 -10.66
N VAL D 308 -63.43 -3.45 -11.40
CA VAL D 308 -64.12 -2.16 -11.35
C VAL D 308 -65.42 -2.34 -10.58
N GLU D 309 -65.77 -1.34 -9.76
CA GLU D 309 -66.95 -1.40 -8.92
C GLU D 309 -67.62 -0.03 -8.88
N TRP D 310 -68.93 -0.03 -8.68
CA TRP D 310 -69.71 1.19 -8.66
C TRP D 310 -70.44 1.32 -7.33
N GLU D 311 -70.34 2.49 -6.71
CA GLU D 311 -70.98 2.78 -5.45
C GLU D 311 -71.67 4.15 -5.52
N LEU D 312 -72.58 4.37 -4.58
CA LEU D 312 -73.31 5.62 -4.46
C LEU D 312 -73.25 6.07 -3.02
N ARG D 313 -72.61 7.21 -2.77
CA ARG D 313 -72.39 7.71 -1.41
C ARG D 313 -73.16 9.01 -1.23
N GLY D 314 -74.02 9.04 -0.21
CA GLY D 314 -74.84 10.20 0.07
C GLY D 314 -74.26 11.15 1.08
N GLY D 318 -77.11 9.78 4.48
CA GLY D 318 -77.92 8.62 4.15
C GLY D 318 -77.11 7.36 3.95
N ARG D 319 -75.86 7.39 4.44
CA ARG D 319 -74.93 6.26 4.37
C ARG D 319 -74.60 5.89 2.93
N SER D 320 -73.74 4.89 2.76
CA SER D 320 -73.32 4.45 1.45
C SER D 320 -74.22 3.31 0.94
N GLN D 321 -74.00 2.91 -0.30
CA GLN D 321 -74.79 1.88 -0.95
C GLN D 321 -74.13 1.51 -2.28
N LYS D 322 -74.14 0.22 -2.61
CA LYS D 322 -73.64 -0.23 -3.90
C LYS D 322 -74.54 0.28 -5.02
N ALA D 323 -73.93 0.77 -6.09
CA ALA D 323 -74.68 1.39 -7.16
C ALA D 323 -75.53 0.38 -7.92
N GLU D 324 -76.68 0.84 -8.40
CA GLU D 324 -77.62 0.04 -9.15
C GLU D 324 -77.61 0.46 -10.61
N GLY D 325 -77.93 -0.48 -11.49
CA GLY D 325 -78.01 -0.21 -12.91
C GLY D 325 -77.14 -1.15 -13.72
N GLN D 326 -77.27 -1.03 -15.03
CA GLN D 326 -76.47 -1.87 -15.92
C GLN D 326 -75.00 -1.44 -15.87
N ARG D 327 -74.11 -2.42 -15.99
CA ARG D 327 -72.68 -2.11 -15.94
C ARG D 327 -71.90 -3.11 -16.77
N TRP D 328 -70.84 -2.64 -17.41
CA TRP D 328 -69.93 -3.52 -18.14
C TRP D 328 -68.58 -2.84 -18.28
N LEU D 329 -67.63 -3.57 -18.87
CA LEU D 329 -66.27 -3.09 -19.09
C LEU D 329 -65.98 -3.04 -20.58
N SER D 330 -65.14 -2.10 -20.98
CA SER D 330 -64.77 -1.96 -22.38
C SER D 330 -63.67 -2.96 -22.73
N ALA D 331 -63.06 -2.80 -23.89
CA ALA D 331 -61.94 -3.62 -24.32
C ALA D 331 -60.63 -2.91 -24.02
N LEU D 332 -59.59 -3.70 -23.76
CA LEU D 332 -58.28 -3.15 -23.44
C LEU D 332 -57.70 -2.43 -24.65
N ARG D 333 -57.10 -1.28 -24.41
CA ARG D 333 -56.39 -0.50 -25.43
C ARG D 333 -54.90 -0.58 -25.10
N HIS D 334 -54.16 -1.37 -25.88
CA HIS D 334 -52.74 -1.54 -25.64
C HIS D 334 -51.97 -0.32 -26.12
N HIS D 335 -51.11 0.22 -25.25
CA HIS D 335 -50.31 1.39 -25.57
C HIS D 335 -48.94 0.96 -26.10
N SER D 336 -48.04 1.94 -26.27
CA SER D 336 -46.66 1.67 -26.65
C SER D 336 -45.73 1.62 -25.46
N ASP D 337 -46.02 2.37 -24.40
CA ASP D 337 -45.24 2.33 -23.18
C ASP D 337 -45.55 1.10 -22.34
N GLY D 338 -46.14 0.08 -22.94
CA GLY D 338 -46.36 -1.16 -22.24
C GLY D 338 -47.68 -1.22 -21.51
N SER D 339 -48.09 -0.09 -20.92
CA SER D 339 -49.31 -0.04 -20.15
C SER D 339 -50.53 -0.14 -21.08
N VAL D 340 -51.71 -0.22 -20.47
CA VAL D 340 -52.98 -0.31 -21.19
C VAL D 340 -53.99 0.61 -20.52
N SER D 341 -55.20 0.65 -21.08
CA SER D 341 -56.29 1.47 -20.57
C SER D 341 -57.59 0.69 -20.63
N LEU D 342 -58.59 1.17 -19.91
CA LEU D 342 -59.89 0.49 -19.90
C LEU D 342 -60.99 1.50 -19.58
N SER D 343 -62.22 1.14 -19.96
CA SER D 343 -63.41 1.95 -19.68
C SER D 343 -64.48 1.07 -19.05
N GLY D 344 -65.06 1.53 -17.95
CA GLY D 344 -66.21 0.89 -17.34
C GLY D 344 -67.43 1.78 -17.48
N HIS D 345 -68.50 1.20 -18.01
CA HIS D 345 -69.71 1.94 -18.32
C HIS D 345 -70.84 1.50 -17.39
N LEU D 346 -71.53 2.48 -16.82
CA LEU D 346 -72.63 2.24 -15.89
C LEU D 346 -73.83 3.09 -16.29
N GLN D 347 -74.96 2.43 -16.54
CA GLN D 347 -76.24 3.10 -16.75
C GLN D 347 -77.05 3.00 -15.47
N PRO D 348 -77.22 4.09 -14.72
CA PRO D 348 -77.92 4.01 -13.44
C PRO D 348 -79.38 4.40 -13.60
N PRO D 349 -80.21 4.17 -12.58
CA PRO D 349 -81.60 4.62 -12.63
C PRO D 349 -81.68 6.14 -12.65
N PRO D 350 -82.85 6.71 -12.97
CA PRO D 350 -82.97 8.17 -12.99
C PRO D 350 -82.64 8.78 -11.64
N VAL D 351 -82.14 10.01 -11.69
CA VAL D 351 -81.72 10.72 -10.48
C VAL D 351 -82.96 11.20 -9.72
N THR D 352 -83.21 10.60 -8.56
CA THR D 352 -84.30 11.05 -7.71
C THR D 352 -83.84 12.24 -6.87
N THR D 353 -84.82 12.97 -6.32
CA THR D 353 -84.51 14.14 -5.52
C THR D 353 -83.79 13.76 -4.23
N GLU D 354 -84.04 12.55 -3.72
CA GLU D 354 -83.38 12.13 -2.48
C GLU D 354 -81.87 11.98 -2.67
N GLN D 355 -81.42 11.71 -3.89
CA GLN D 355 -80.00 11.56 -4.18
C GLN D 355 -79.33 12.87 -4.58
N HIS D 356 -79.97 14.01 -4.32
CA HIS D 356 -79.32 15.28 -4.57
C HIS D 356 -78.17 15.49 -3.60
N GLY D 357 -77.04 15.96 -4.13
CA GLY D 357 -75.82 16.06 -3.35
C GLY D 357 -75.07 14.76 -3.19
N ALA D 358 -75.73 13.62 -3.34
CA ALA D 358 -75.04 12.34 -3.34
C ALA D 358 -74.18 12.20 -4.59
N ARG D 359 -73.16 11.37 -4.50
CA ARG D 359 -72.18 11.23 -5.58
C ARG D 359 -72.06 9.76 -5.99
N TYR D 360 -71.83 9.58 -7.29
CA TYR D 360 -71.51 8.27 -7.83
C TYR D 360 -69.99 8.09 -7.81
N ALA D 361 -69.56 6.84 -7.68
CA ALA D 361 -68.13 6.57 -7.58
C ALA D 361 -67.80 5.23 -8.20
N CYS D 362 -66.63 5.16 -8.82
CA CYS D 362 -66.05 3.90 -9.26
C CYS D 362 -64.81 3.62 -8.43
N ARG D 363 -64.86 2.51 -7.71
CA ARG D 363 -63.74 1.98 -6.94
C ARG D 363 -63.06 0.88 -7.75
N ILE D 364 -61.76 0.69 -7.52
CA ILE D 364 -60.98 -0.20 -8.37
C ILE D 364 -59.96 -0.94 -7.53
N HIS D 365 -59.83 -2.24 -7.80
CA HIS D 365 -58.84 -3.08 -7.15
C HIS D 365 -57.94 -3.70 -8.21
N HIS D 366 -56.64 -3.77 -7.89
CA HIS D 366 -55.62 -4.22 -8.83
C HIS D 366 -54.37 -4.55 -8.02
N PRO D 367 -53.59 -5.56 -8.43
CA PRO D 367 -52.36 -5.88 -7.69
C PRO D 367 -51.38 -4.73 -7.58
N SER D 368 -51.43 -3.75 -8.49
CA SER D 368 -50.61 -2.56 -8.39
C SER D 368 -51.25 -1.48 -7.52
N LEU D 369 -52.08 -1.88 -6.56
CA LEU D 369 -52.81 -0.95 -5.72
C LEU D 369 -52.96 -1.59 -4.34
N PRO D 370 -53.13 -0.78 -3.29
CA PRO D 370 -53.28 -1.35 -1.94
C PRO D 370 -54.68 -1.96 -1.77
N ALA D 371 -54.94 -2.47 -0.56
CA ALA D 371 -56.20 -3.14 -0.29
C ALA D 371 -57.40 -2.22 -0.44
N SER D 372 -57.21 -0.91 -0.30
CA SER D 372 -58.31 0.04 -0.44
C SER D 372 -58.64 0.34 -1.89
N GLY D 373 -57.74 0.02 -2.82
CA GLY D 373 -57.93 0.34 -4.21
C GLY D 373 -57.82 1.84 -4.48
N ARG D 374 -58.32 2.23 -5.65
CA ARG D 374 -58.34 3.63 -6.06
C ARG D 374 -59.75 3.99 -6.49
N SER D 375 -60.17 5.21 -6.18
CA SER D 375 -61.55 5.64 -6.41
C SER D 375 -61.60 6.92 -7.21
N ALA D 376 -62.68 7.07 -7.98
CA ALA D 376 -63.03 8.33 -8.61
C ALA D 376 -64.52 8.57 -8.41
N GLU D 377 -64.95 9.83 -8.47
CA GLU D 377 -66.33 10.14 -8.16
C GLU D 377 -66.80 11.36 -8.94
N VAL D 378 -68.13 11.47 -9.05
CA VAL D 378 -68.81 12.62 -9.61
C VAL D 378 -69.98 12.97 -8.71
N THR D 379 -70.09 14.24 -8.33
CA THR D 379 -71.17 14.70 -7.48
C THR D 379 -72.32 15.25 -8.30
N LEU D 380 -73.54 14.94 -7.88
CA LEU D 380 -74.74 15.36 -8.61
C LEU D 380 -75.07 16.80 -8.20
N GLU D 381 -74.32 17.74 -8.76
CA GLU D 381 -74.49 19.17 -8.50
C GLU D 381 -74.42 19.90 -9.83
N GLY D 382 -75.56 20.45 -10.27
CA GLY D 382 -75.62 21.06 -11.58
C GLY D 382 -75.40 20.13 -12.74
N GLY D 383 -75.40 18.80 -12.52
CA GLY D 383 -75.25 17.85 -13.62
C GLY D 383 -76.18 16.67 -13.48
N LEU D 384 -77.14 16.80 -12.58
CA LEU D 384 -78.16 15.78 -12.37
C LEU D 384 -79.32 15.90 -13.34
N GLU D 385 -79.47 17.04 -14.03
CA GLU D 385 -80.49 17.16 -15.05
C GLU D 385 -80.17 16.33 -16.28
N VAL D 386 -78.91 15.94 -16.46
CA VAL D 386 -78.55 15.06 -17.58
C VAL D 386 -79.10 13.66 -17.34
N LEU D 387 -78.87 13.12 -16.14
CA LEU D 387 -79.33 11.77 -15.79
C LEU D 387 -80.73 11.77 -15.17
N PHE D 388 -81.55 12.75 -15.52
CA PHE D 388 -82.92 12.82 -15.01
C PHE D 388 -83.83 13.59 -15.96
N ASP E 1 7.36 -33.06 15.75
CA ASP E 1 7.49 -33.91 14.56
C ASP E 1 8.07 -33.11 13.39
N VAL E 2 7.39 -32.03 13.00
CA VAL E 2 7.84 -31.18 11.91
C VAL E 2 8.75 -30.10 12.47
N GLN E 3 9.95 -29.99 11.93
CA GLN E 3 10.95 -29.05 12.43
C GLN E 3 11.69 -28.41 11.26
N LEU E 4 12.29 -27.27 11.53
CA LEU E 4 13.10 -26.54 10.56
C LEU E 4 14.43 -26.19 11.20
N GLN E 5 15.51 -26.31 10.43
CA GLN E 5 16.85 -26.08 10.94
C GLN E 5 17.64 -25.26 9.93
N GLU E 6 18.08 -24.07 10.34
CA GLU E 6 18.90 -23.20 9.51
C GLU E 6 20.37 -23.53 9.69
N SER E 7 21.16 -23.20 8.67
CA SER E 7 22.59 -23.46 8.70
C SER E 7 23.26 -22.55 7.68
N GLY E 8 24.58 -22.42 7.83
CA GLY E 8 25.35 -21.58 6.94
C GLY E 8 26.45 -20.83 7.68
N PRO E 9 27.26 -20.09 6.93
CA PRO E 9 28.36 -19.33 7.57
C PRO E 9 27.81 -18.15 8.36
N GLY E 10 28.25 -18.03 9.60
CA GLY E 10 27.86 -16.92 10.44
C GLY E 10 28.52 -15.60 10.12
N LEU E 11 29.44 -15.59 9.15
CA LEU E 11 30.21 -14.40 8.82
C LEU E 11 30.39 -14.31 7.31
N VAL E 12 30.19 -13.11 6.77
CA VAL E 12 30.31 -12.86 5.34
C VAL E 12 31.04 -11.54 5.13
N ILE E 13 31.97 -11.52 4.19
CA ILE E 13 32.70 -10.28 3.88
C ILE E 13 31.79 -9.34 3.11
N PRO E 14 31.82 -8.04 3.38
CA PRO E 14 31.00 -7.10 2.60
C PRO E 14 31.26 -7.22 1.10
N SER E 15 30.26 -6.84 0.31
CA SER E 15 30.22 -6.91 -1.14
C SER E 15 30.19 -8.34 -1.66
N GLN E 16 30.23 -9.35 -0.80
CA GLN E 16 30.16 -10.74 -1.21
C GLN E 16 28.71 -11.23 -1.07
N SER E 17 28.51 -12.52 -1.29
CA SER E 17 27.19 -13.13 -1.30
C SER E 17 27.09 -14.15 -0.16
N LEU E 18 25.99 -14.10 0.58
CA LEU E 18 25.69 -15.08 1.61
C LEU E 18 24.74 -16.14 1.06
N SER E 19 24.78 -17.31 1.67
CA SER E 19 23.93 -18.42 1.27
C SER E 19 23.58 -19.24 2.51
N LEU E 20 22.31 -19.22 2.90
CA LEU E 20 21.82 -20.03 4.00
C LEU E 20 20.98 -21.18 3.46
N THR E 21 20.90 -22.25 4.24
CA THR E 21 20.08 -23.40 3.90
C THR E 21 19.17 -23.72 5.07
N CYS E 22 17.94 -24.13 4.77
CA CYS E 22 16.99 -24.59 5.77
C CYS E 22 16.72 -26.06 5.49
N THR E 23 16.90 -26.90 6.50
CA THR E 23 16.60 -28.33 6.40
C THR E 23 15.37 -28.61 7.24
N VAL E 24 14.37 -29.25 6.62
CA VAL E 24 13.09 -29.50 7.27
C VAL E 24 12.90 -31.02 7.36
N THR E 25 12.46 -31.49 8.52
CA THR E 25 12.14 -32.87 8.75
C THR E 25 10.67 -33.01 9.16
N GLY E 26 10.13 -34.21 8.99
CA GLY E 26 8.75 -34.49 9.35
C GLY E 26 7.72 -33.96 8.38
N TYR E 27 8.13 -33.36 7.27
CA TYR E 27 7.21 -32.80 6.29
C TYR E 27 7.99 -32.48 5.02
N SER E 28 7.38 -32.77 3.87
CA SER E 28 8.01 -32.52 2.58
C SER E 28 7.58 -31.17 2.03
N ILE E 29 8.52 -30.47 1.40
CA ILE E 29 8.28 -29.11 0.90
C ILE E 29 7.62 -29.14 -0.47
N THR E 30 7.19 -30.32 -0.91
CA THR E 30 6.48 -30.45 -2.17
C THR E 30 4.98 -30.66 -2.02
N THR E 31 4.51 -30.92 -0.80
CA THR E 31 3.10 -31.26 -0.60
C THR E 31 2.22 -30.02 -0.44
N ASP E 32 2.57 -29.13 0.47
CA ASP E 32 1.71 -27.98 0.79
C ASP E 32 2.57 -26.91 1.46
N TYR E 33 1.93 -25.77 1.75
CA TYR E 33 2.49 -24.66 2.51
C TYR E 33 3.57 -23.90 1.75
N ALA E 34 3.82 -22.66 2.16
CA ALA E 34 4.93 -21.87 1.66
C ALA E 34 6.09 -21.95 2.64
N TRP E 35 7.29 -21.74 2.12
CA TRP E 35 8.52 -21.88 2.90
C TRP E 35 9.30 -20.59 2.80
N ASN E 36 9.37 -19.87 3.92
CA ASN E 36 9.70 -18.45 3.95
C ASN E 36 11.08 -18.22 4.57
N TRP E 37 11.54 -16.97 4.42
CA TRP E 37 12.76 -16.50 5.05
C TRP E 37 12.47 -15.18 5.74
N ILE E 38 12.61 -15.15 7.06
CA ILE E 38 12.40 -13.95 7.86
C ILE E 38 13.66 -13.66 8.65
N ARG E 39 14.10 -12.41 8.64
CA ARG E 39 15.28 -12.01 9.38
C ARG E 39 14.92 -10.95 10.42
N GLN E 40 15.70 -10.92 11.51
CA GLN E 40 15.46 -10.04 12.64
C GLN E 40 16.70 -9.19 12.87
N PHE E 41 16.60 -7.91 12.56
CA PHE E 41 17.72 -6.99 12.70
C PHE E 41 18.05 -6.76 14.17
N PRO E 42 19.25 -6.25 14.47
CA PRO E 42 19.53 -5.78 15.82
C PRO E 42 18.60 -4.63 16.18
N GLY E 43 17.80 -4.84 17.22
CA GLY E 43 16.69 -3.97 17.54
C GLY E 43 15.34 -4.66 17.46
N ASN E 44 15.32 -5.95 17.11
CA ASN E 44 14.11 -6.78 17.12
C ASN E 44 13.06 -6.27 16.12
N ARG E 45 13.52 -5.96 14.91
CA ARG E 45 12.63 -5.55 13.82
C ARG E 45 12.56 -6.70 12.82
N LEU E 46 11.43 -7.41 12.82
CA LEU E 46 11.23 -8.52 11.88
C LEU E 46 10.99 -7.98 10.48
N GLU E 47 11.50 -8.69 9.48
CA GLU E 47 11.32 -8.30 8.09
C GLU E 47 11.20 -9.57 7.25
N TRP E 48 10.15 -9.63 6.44
CA TRP E 48 9.92 -10.77 5.56
C TRP E 48 10.69 -10.56 4.26
N MET E 49 11.44 -11.58 3.87
CA MET E 49 12.26 -11.50 2.66
C MET E 49 11.58 -12.12 1.45
N GLY E 50 11.04 -13.32 1.61
CA GLY E 50 10.42 -14.01 0.50
C GLY E 50 10.11 -15.44 0.88
N TYR E 51 9.54 -16.16 -0.09
CA TYR E 51 9.26 -17.57 0.11
C TYR E 51 9.35 -18.30 -1.22
N ILE E 52 9.57 -19.61 -1.13
CA ILE E 52 9.41 -20.52 -2.25
C ILE E 52 8.22 -21.42 -1.93
N SER E 53 7.39 -21.67 -2.94
CA SER E 53 6.16 -22.43 -2.73
C SER E 53 6.40 -23.91 -2.95
N SER E 54 5.37 -24.71 -2.71
CA SER E 54 5.45 -26.15 -2.91
C SER E 54 5.50 -26.55 -4.38
N SER E 55 5.45 -25.59 -5.29
CA SER E 55 5.54 -25.85 -6.73
C SER E 55 6.79 -25.25 -7.35
N GLY E 56 7.67 -24.66 -6.54
CA GLY E 56 8.85 -23.99 -7.05
C GLY E 56 8.66 -22.53 -7.39
N VAL E 57 7.43 -22.02 -7.32
CA VAL E 57 7.20 -20.61 -7.60
C VAL E 57 7.74 -19.78 -6.45
N THR E 58 8.30 -18.61 -6.77
CA THR E 58 8.92 -17.75 -5.79
C THR E 58 8.24 -16.39 -5.77
N VAL E 59 8.15 -15.80 -4.57
CA VAL E 59 7.58 -14.47 -4.38
C VAL E 59 8.48 -13.73 -3.40
N TYR E 60 8.88 -12.51 -3.76
CA TYR E 60 9.88 -11.77 -3.02
C TYR E 60 9.29 -10.48 -2.46
N ASN E 61 9.95 -9.97 -1.41
CA ASN E 61 9.67 -8.63 -0.93
C ASN E 61 10.07 -7.63 -2.01
N PRO E 62 9.22 -6.66 -2.34
CA PRO E 62 9.57 -5.70 -3.40
C PRO E 62 10.84 -4.91 -3.12
N SER E 63 11.27 -4.81 -1.86
CA SER E 63 12.49 -4.08 -1.53
C SER E 63 13.75 -4.92 -1.72
N LEU E 64 13.62 -6.22 -1.93
CA LEU E 64 14.77 -7.11 -2.06
C LEU E 64 14.83 -7.85 -3.39
N LYS E 65 13.83 -7.69 -4.25
CA LYS E 65 13.73 -8.51 -5.46
C LYS E 65 14.97 -8.43 -6.32
N SER E 66 15.66 -7.29 -6.34
CA SER E 66 16.85 -7.12 -7.15
C SER E 66 18.09 -7.71 -6.51
N ARG E 67 17.97 -8.35 -5.35
CA ARG E 67 19.12 -8.77 -4.57
C ARG E 67 18.95 -10.14 -3.92
N ILE E 68 17.81 -10.80 -4.08
CA ILE E 68 17.47 -12.00 -3.36
C ILE E 68 17.27 -13.14 -4.36
N SER E 69 17.45 -14.37 -3.87
CA SER E 69 17.17 -15.56 -4.68
C SER E 69 16.91 -16.72 -3.73
N ILE E 70 15.70 -17.27 -3.79
CA ILE E 70 15.32 -18.42 -2.98
C ILE E 70 15.13 -19.61 -3.90
N THR E 71 15.85 -20.68 -3.62
CA THR E 71 15.86 -21.91 -4.38
C THR E 71 15.47 -23.06 -3.47
N ARG E 72 15.47 -24.27 -4.02
CA ARG E 72 15.09 -25.44 -3.24
C ARG E 72 15.72 -26.68 -3.85
N ASP E 73 15.84 -27.72 -3.04
CA ASP E 73 16.40 -29.01 -3.45
C ASP E 73 15.50 -30.09 -2.87
N THR E 74 14.59 -30.59 -3.69
CA THR E 74 13.60 -31.56 -3.21
C THR E 74 14.24 -32.88 -2.79
N SER E 75 15.40 -33.23 -3.33
CA SER E 75 16.04 -34.49 -2.96
C SER E 75 16.51 -34.48 -1.51
N LYS E 76 17.07 -33.37 -1.06
CA LYS E 76 17.51 -33.22 0.32
C LYS E 76 16.46 -32.54 1.19
N ASN E 77 15.29 -32.21 0.64
CA ASN E 77 14.22 -31.55 1.37
C ASN E 77 14.71 -30.23 1.98
N GLN E 78 15.38 -29.43 1.15
CA GLN E 78 15.97 -28.18 1.60
C GLN E 78 15.62 -27.06 0.63
N PHE E 79 15.45 -25.86 1.18
CA PHE E 79 15.38 -24.65 0.38
C PHE E 79 16.40 -23.66 0.90
N PHE E 80 16.93 -22.84 0.00
CA PHE E 80 18.07 -22.00 0.31
C PHE E 80 17.73 -20.53 0.12
N LEU E 81 18.51 -19.68 0.78
CA LEU E 81 18.41 -18.24 0.65
C LEU E 81 19.74 -17.70 0.14
N GLN E 82 19.70 -16.91 -0.93
CA GLN E 82 20.89 -16.30 -1.50
C GLN E 82 20.69 -14.80 -1.55
N LEU E 83 21.47 -14.06 -0.77
CA LEU E 83 21.48 -12.61 -0.76
C LEU E 83 22.76 -12.13 -1.42
N ILE E 84 22.63 -11.32 -2.47
CA ILE E 84 23.77 -10.90 -3.27
C ILE E 84 24.26 -9.54 -2.77
N SER E 85 25.57 -9.32 -2.91
CA SER E 85 26.24 -8.06 -2.57
C SER E 85 25.79 -7.51 -1.22
N VAL E 86 26.08 -8.28 -0.17
CA VAL E 86 25.63 -7.90 1.16
C VAL E 86 26.41 -6.69 1.66
N THR E 87 25.83 -6.02 2.66
CA THR E 87 26.43 -4.87 3.31
C THR E 87 26.30 -5.03 4.82
N THR E 88 26.88 -4.07 5.56
CA THR E 88 26.80 -4.10 7.01
C THR E 88 25.35 -4.12 7.49
N GLU E 89 24.46 -3.43 6.78
CA GLU E 89 23.05 -3.38 7.17
C GLU E 89 22.35 -4.73 7.06
N ASP E 90 23.01 -5.75 6.51
CA ASP E 90 22.43 -7.08 6.38
C ASP E 90 22.69 -7.95 7.61
N THR E 91 23.42 -7.46 8.60
CA THR E 91 23.71 -8.23 9.80
C THR E 91 22.42 -8.45 10.59
N ALA E 92 22.04 -9.71 10.75
CA ALA E 92 20.82 -10.05 11.49
C ALA E 92 20.82 -11.56 11.72
N THR E 93 19.88 -12.01 12.53
CA THR E 93 19.61 -13.44 12.71
C THR E 93 18.49 -13.83 11.77
N TYR E 94 18.71 -14.89 11.01
CA TYR E 94 17.81 -15.29 9.93
C TYR E 94 17.02 -16.52 10.35
N TYR E 95 15.72 -16.49 10.08
CA TYR E 95 14.83 -17.61 10.35
C TYR E 95 14.20 -18.09 9.05
N CYS E 96 14.06 -19.40 8.91
CA CYS E 96 13.21 -19.99 7.89
C CYS E 96 11.92 -20.45 8.55
N ALA E 97 10.81 -20.35 7.83
CA ALA E 97 9.52 -20.54 8.46
C ALA E 97 8.48 -20.98 7.44
N ARG E 98 7.40 -21.56 7.96
CA ARG E 98 6.33 -22.15 7.15
C ARG E 98 5.03 -21.39 7.35
N ARG E 99 4.25 -21.26 6.28
CA ARG E 99 2.93 -20.65 6.37
C ARG E 99 2.04 -21.20 5.25
N GLY E 100 0.77 -21.36 5.55
CA GLY E 100 -0.20 -21.86 4.60
C GLY E 100 -0.58 -20.83 3.55
N TYR E 101 -1.59 -21.19 2.76
CA TYR E 101 -1.99 -20.41 1.59
C TYR E 101 -3.26 -19.60 1.82
N TYR E 102 -3.77 -19.53 3.05
CA TYR E 102 -5.03 -18.86 3.32
C TYR E 102 -4.83 -17.71 4.30
N ARG E 103 -5.80 -16.80 4.32
CA ARG E 103 -5.66 -15.58 5.11
C ARG E 103 -5.68 -15.86 6.60
N TYR E 104 -6.44 -16.87 7.03
CA TYR E 104 -6.47 -17.25 8.44
C TYR E 104 -5.25 -18.07 8.84
N ASP E 105 -4.31 -18.31 7.93
CA ASP E 105 -3.12 -19.08 8.25
C ASP E 105 -2.06 -18.18 8.87
N SER E 106 -1.38 -18.70 9.89
CA SER E 106 -0.25 -18.01 10.50
C SER E 106 1.04 -18.72 10.15
N ILE E 107 2.15 -18.03 10.39
CA ILE E 107 3.47 -18.63 10.29
C ILE E 107 3.62 -19.59 11.45
N ASP E 108 3.27 -20.86 11.23
CA ASP E 108 3.06 -21.81 12.30
C ASP E 108 4.31 -22.59 12.71
N TYR E 109 5.38 -22.52 11.94
CA TYR E 109 6.61 -23.24 12.29
C TYR E 109 7.81 -22.39 11.91
N TRP E 110 8.75 -22.25 12.86
CA TRP E 110 9.95 -21.46 12.67
C TRP E 110 11.19 -22.30 12.89
N GLY E 111 12.33 -21.75 12.52
CA GLY E 111 13.61 -22.34 12.85
C GLY E 111 14.18 -21.74 14.13
N GLN E 112 15.35 -22.26 14.52
CA GLN E 112 15.98 -21.77 15.74
C GLN E 112 16.68 -20.44 15.52
N GLY E 113 17.09 -20.14 14.29
CA GLY E 113 17.78 -18.90 13.99
C GLY E 113 19.27 -19.07 13.79
N THR E 114 19.83 -18.31 12.84
CA THR E 114 21.26 -18.32 12.58
C THR E 114 21.77 -16.90 12.55
N THR E 115 22.75 -16.60 13.41
CA THR E 115 23.35 -15.27 13.45
C THR E 115 24.28 -15.07 12.27
N LEU E 116 24.16 -13.92 11.61
CA LEU E 116 24.96 -13.59 10.44
C LEU E 116 25.56 -12.21 10.61
N THR E 117 26.89 -12.13 10.58
CA THR E 117 27.62 -10.89 10.71
C THR E 117 28.32 -10.57 9.39
N VAL E 118 28.45 -9.28 9.09
CA VAL E 118 29.09 -8.81 7.87
C VAL E 118 30.05 -7.69 8.24
N SER E 119 31.35 -7.93 8.03
CA SER E 119 32.40 -6.96 8.30
C SER E 119 33.70 -7.49 7.71
N SER E 120 34.75 -6.66 7.80
CA SER E 120 36.07 -7.09 7.34
C SER E 120 36.62 -8.26 8.17
N ALA E 121 36.04 -8.50 9.34
CA ALA E 121 36.11 -9.79 10.03
C ALA E 121 37.44 -10.04 10.76
N LYS E 122 38.25 -10.94 10.20
CA LYS E 122 39.44 -11.49 10.84
C LYS E 122 39.03 -12.34 12.04
N THR E 123 38.37 -13.47 11.77
CA THR E 123 37.95 -14.40 12.81
C THR E 123 39.11 -14.79 13.73
N THR E 124 38.82 -14.86 15.02
CA THR E 124 39.80 -15.29 16.02
C THR E 124 39.13 -16.23 17.01
N PRO E 125 39.84 -17.27 17.47
CA PRO E 125 39.27 -18.20 18.44
C PRO E 125 39.34 -17.63 19.85
N PRO E 126 38.38 -17.97 20.71
CA PRO E 126 38.30 -17.35 22.04
C PRO E 126 39.33 -17.94 22.99
N SER E 127 39.50 -17.24 24.12
CA SER E 127 40.40 -17.66 25.19
C SER E 127 39.58 -17.83 26.46
N VAL E 128 39.39 -19.07 26.88
CA VAL E 128 38.54 -19.40 28.02
C VAL E 128 39.39 -19.39 29.28
N TYR E 129 38.99 -18.58 30.25
CA TYR E 129 39.71 -18.43 31.50
C TYR E 129 38.81 -18.84 32.67
N PRO E 130 39.30 -19.67 33.59
CA PRO E 130 38.47 -20.06 34.73
C PRO E 130 38.28 -18.90 35.71
N LEU E 131 37.14 -18.92 36.39
CA LEU E 131 36.82 -17.93 37.42
C LEU E 131 36.59 -18.68 38.73
N ALA E 132 37.60 -18.67 39.59
CA ALA E 132 37.56 -19.38 40.86
C ALA E 132 37.46 -18.40 42.03
N PRO E 133 36.83 -18.80 43.14
CA PRO E 133 36.73 -17.90 44.28
C PRO E 133 38.09 -17.54 44.85
N GLY E 134 38.15 -16.39 45.51
CA GLY E 134 39.41 -15.89 46.05
C GLY E 134 39.89 -16.70 47.24
N SER E 135 41.16 -16.48 47.58
CA SER E 135 41.78 -17.22 48.67
C SER E 135 41.26 -16.78 50.03
N ALA E 136 40.68 -15.59 50.14
CA ALA E 136 40.14 -15.11 51.40
C ALA E 136 38.62 -14.98 51.34
N ALA E 137 37.94 -16.08 51.01
CA ALA E 137 36.49 -16.09 50.88
C ALA E 137 35.85 -16.59 52.18
N GLN E 138 34.60 -16.17 52.40
CA GLN E 138 33.84 -16.59 53.57
C GLN E 138 33.22 -17.97 53.40
N THR E 139 33.35 -18.58 52.21
CA THR E 139 32.80 -19.88 51.82
C THR E 139 31.55 -20.27 52.59
N ASN E 140 30.46 -19.51 52.41
CA ASN E 140 29.19 -19.86 53.03
C ASN E 140 28.55 -21.03 52.29
N SER E 141 27.31 -21.36 52.68
CA SER E 141 26.56 -22.43 52.04
C SER E 141 25.98 -21.92 50.74
N MET E 142 26.87 -21.74 49.75
CA MET E 142 26.58 -21.34 48.37
C MET E 142 27.88 -20.96 47.68
N VAL E 143 28.38 -21.80 46.78
CA VAL E 143 29.63 -21.54 46.07
C VAL E 143 29.28 -21.20 44.62
N THR E 144 29.54 -19.96 44.23
CA THR E 144 29.30 -19.49 42.87
C THR E 144 30.60 -19.52 42.09
N LEU E 145 30.58 -20.20 40.95
CA LEU E 145 31.73 -20.29 40.06
C LEU E 145 31.35 -19.81 38.67
N GLY E 146 32.36 -19.65 37.82
CA GLY E 146 32.10 -19.19 36.47
C GLY E 146 33.32 -19.34 35.60
N CYS E 147 33.17 -18.92 34.35
CA CYS E 147 34.29 -18.87 33.41
C CYS E 147 34.09 -17.68 32.49
N LEU E 148 35.21 -17.15 31.99
CA LEU E 148 35.21 -15.95 31.15
C LEU E 148 35.68 -16.34 29.76
N VAL E 149 34.82 -16.11 28.76
CA VAL E 149 35.14 -16.37 27.37
C VAL E 149 35.43 -15.03 26.70
N LYS E 150 36.69 -14.76 26.41
CA LYS E 150 37.12 -13.48 25.88
C LYS E 150 38.07 -13.69 24.71
N GLY E 151 37.85 -12.95 23.63
CA GLY E 151 38.79 -12.92 22.52
C GLY E 151 38.34 -13.67 21.28
N TYR E 152 37.17 -13.35 20.75
CA TYR E 152 36.66 -14.03 19.58
C TYR E 152 35.86 -13.06 18.73
N PHE E 153 35.86 -13.32 17.42
CA PHE E 153 34.89 -12.66 16.55
C PHE E 153 33.82 -13.71 16.24
N PRO E 154 33.15 -13.70 15.03
CA PRO E 154 31.73 -14.07 14.96
C PRO E 154 30.99 -14.27 16.27
N GLU E 155 29.99 -13.39 16.50
CA GLU E 155 29.17 -13.28 17.71
C GLU E 155 28.88 -14.57 18.49
N PRO E 156 28.40 -15.68 17.83
CA PRO E 156 27.88 -16.86 18.56
C PRO E 156 28.45 -17.24 19.93
N VAL E 157 29.26 -18.31 19.95
CA VAL E 157 29.86 -18.95 21.13
C VAL E 157 28.86 -19.29 22.23
N THR E 158 28.29 -20.49 22.14
CA THR E 158 27.44 -21.01 23.22
C THR E 158 28.29 -21.50 24.39
N VAL E 159 27.68 -21.55 25.57
CA VAL E 159 28.37 -21.93 26.80
C VAL E 159 27.43 -22.81 27.63
N THR E 160 27.93 -23.96 28.06
CA THR E 160 27.17 -24.87 28.92
C THR E 160 28.05 -25.35 30.06
N TRP E 161 27.40 -25.82 31.13
CA TRP E 161 28.08 -26.31 32.33
C TRP E 161 27.78 -27.80 32.49
N ASN E 162 28.84 -28.60 32.56
CA ASN E 162 28.73 -30.05 32.67
C ASN E 162 27.90 -30.65 31.53
N SER E 163 27.87 -29.96 30.39
CA SER E 163 27.14 -30.37 29.20
C SER E 163 25.67 -30.65 29.52
N GLY E 164 25.01 -29.63 30.06
CA GLY E 164 23.59 -29.70 30.35
C GLY E 164 23.24 -30.27 31.71
N SER E 165 24.17 -30.98 32.35
CA SER E 165 23.89 -31.50 33.69
C SER E 165 23.67 -30.38 34.69
N LEU E 166 24.46 -29.30 34.58
CA LEU E 166 24.27 -28.12 35.41
C LEU E 166 23.40 -27.14 34.64
N SER E 167 22.09 -27.21 34.86
CA SER E 167 21.13 -26.38 34.17
C SER E 167 20.59 -25.23 35.02
N SER E 168 20.30 -25.50 36.28
CA SER E 168 19.79 -24.47 37.18
C SER E 168 20.94 -23.67 37.78
N GLY E 169 20.60 -22.47 38.28
CA GLY E 169 21.60 -21.60 38.87
C GLY E 169 22.63 -21.08 37.89
N VAL E 170 22.34 -21.12 36.59
CA VAL E 170 23.27 -20.68 35.56
C VAL E 170 22.83 -19.33 35.03
N HIS E 171 23.80 -18.45 34.78
CA HIS E 171 23.53 -17.14 34.19
C HIS E 171 24.58 -16.89 33.11
N THR E 172 24.16 -17.01 31.85
CA THR E 172 25.02 -16.71 30.71
C THR E 172 24.71 -15.29 30.25
N PHE E 173 25.66 -14.38 30.46
CA PHE E 173 25.48 -12.97 30.21
C PHE E 173 25.86 -12.62 28.77
N PRO E 174 25.18 -11.65 28.17
CA PRO E 174 25.44 -11.33 26.76
C PRO E 174 26.83 -10.76 26.54
N ALA E 175 27.33 -10.93 25.33
CA ALA E 175 28.66 -10.48 24.99
C ALA E 175 28.66 -9.00 24.65
N VAL E 176 29.73 -8.31 25.02
CA VAL E 176 29.95 -6.92 24.66
C VAL E 176 31.05 -6.86 23.62
N LEU E 177 30.93 -5.92 22.69
CA LEU E 177 31.88 -5.78 21.59
C LEU E 177 32.84 -4.64 21.89
N GLN E 178 34.08 -4.98 22.24
CA GLN E 178 35.15 -4.02 22.41
C GLN E 178 36.08 -4.10 21.21
N SER E 179 36.38 -2.95 20.61
CA SER E 179 37.12 -2.90 19.36
C SER E 179 36.42 -3.77 18.31
N ASP E 180 37.13 -4.78 17.80
CA ASP E 180 36.55 -5.77 16.89
C ASP E 180 36.38 -7.13 17.54
N LEU E 181 36.44 -7.19 18.87
CA LEU E 181 36.44 -8.44 19.62
C LEU E 181 35.25 -8.49 20.56
N TYR E 182 34.79 -9.71 20.85
CA TYR E 182 33.69 -9.93 21.77
C TYR E 182 34.18 -10.55 23.07
N THR E 183 33.35 -10.47 24.10
CA THR E 183 33.69 -11.02 25.41
C THR E 183 32.42 -11.18 26.23
N LEU E 184 32.25 -12.36 26.84
CA LEU E 184 31.14 -12.61 27.74
C LEU E 184 31.60 -13.53 28.87
N SER E 185 30.83 -13.55 29.95
CA SER E 185 31.10 -14.39 31.09
C SER E 185 29.83 -15.17 31.46
N SER E 186 30.03 -16.30 32.12
CA SER E 186 28.94 -17.14 32.59
C SER E 186 29.14 -17.44 34.06
N SER E 187 28.03 -17.64 34.77
CA SER E 187 28.04 -17.89 36.21
C SER E 187 27.23 -19.13 36.52
N VAL E 188 27.77 -19.96 37.41
CA VAL E 188 27.08 -21.15 37.89
C VAL E 188 27.18 -21.19 39.41
N THR E 189 26.12 -21.70 40.04
CA THR E 189 26.02 -21.71 41.51
C THR E 189 25.77 -23.12 41.98
N VAL E 190 26.63 -23.61 42.87
CA VAL E 190 26.48 -24.94 43.46
C VAL E 190 26.72 -24.82 44.96
N PRO E 191 26.17 -25.76 45.75
CA PRO E 191 26.47 -25.76 47.18
C PRO E 191 27.95 -25.95 47.44
N SER E 192 28.42 -25.39 48.57
CA SER E 192 29.84 -25.44 48.89
C SER E 192 30.33 -26.85 49.18
N SER E 193 29.45 -27.77 49.54
CA SER E 193 29.83 -29.13 49.86
C SER E 193 30.00 -30.03 48.64
N THR E 194 29.71 -29.53 47.44
CA THR E 194 29.77 -30.34 46.23
C THR E 194 30.55 -29.65 45.12
N TRP E 195 31.55 -28.85 45.47
CA TRP E 195 32.46 -28.34 44.45
C TRP E 195 33.86 -28.91 44.65
N PRO E 196 34.42 -28.93 45.86
CA PRO E 196 35.62 -29.75 46.09
C PRO E 196 35.38 -31.23 45.90
N SER E 197 34.12 -31.65 45.75
CA SER E 197 33.76 -32.99 45.31
C SER E 197 33.03 -32.87 43.98
N GLU E 198 33.23 -33.88 43.12
CA GLU E 198 32.70 -33.88 41.75
C GLU E 198 33.31 -32.75 40.92
N THR E 199 33.02 -32.73 39.63
CA THR E 199 33.64 -31.79 38.70
C THR E 199 32.65 -30.73 38.26
N VAL E 200 33.16 -29.51 38.07
CA VAL E 200 32.37 -28.39 37.55
C VAL E 200 33.15 -27.86 36.33
N THR E 201 32.83 -28.36 35.15
CA THR E 201 33.56 -28.04 33.93
C THR E 201 32.80 -27.02 33.11
N CYS E 202 33.52 -26.07 32.53
CA CYS E 202 32.96 -25.01 31.70
C CYS E 202 33.16 -25.39 30.24
N ASN E 203 32.06 -25.69 29.54
CA ASN E 203 32.09 -26.12 28.16
C ASN E 203 31.80 -24.94 27.24
N VAL E 204 32.76 -24.60 26.39
CA VAL E 204 32.63 -23.50 25.44
C VAL E 204 32.87 -24.03 24.03
N ALA E 205 32.09 -23.55 23.08
CA ALA E 205 32.21 -23.97 21.68
C ALA E 205 32.01 -22.76 20.78
N HIS E 206 32.91 -22.57 19.83
CA HIS E 206 32.86 -21.48 18.86
C HIS E 206 32.75 -22.09 17.47
N PRO E 207 31.55 -22.13 16.88
CA PRO E 207 31.38 -22.88 15.62
C PRO E 207 32.16 -22.29 14.46
N ALA E 208 32.28 -20.95 14.39
CA ALA E 208 32.95 -20.34 13.25
C ALA E 208 34.44 -20.61 13.26
N SER E 209 35.06 -20.71 14.45
CA SER E 209 36.48 -21.02 14.56
C SER E 209 36.74 -22.51 14.71
N SER E 210 35.69 -23.33 14.77
CA SER E 210 35.82 -24.78 14.83
C SER E 210 36.60 -25.23 16.07
N THR E 211 36.22 -24.68 17.23
CA THR E 211 36.83 -25.03 18.50
C THR E 211 35.76 -25.47 19.49
N LYS E 212 36.12 -26.41 20.35
CA LYS E 212 35.22 -26.93 21.39
C LYS E 212 36.10 -27.28 22.59
N VAL E 213 36.36 -26.28 23.43
CA VAL E 213 37.28 -26.41 24.55
C VAL E 213 36.49 -26.58 25.84
N ASP E 214 37.11 -27.25 26.81
CA ASP E 214 36.54 -27.47 28.14
C ASP E 214 37.54 -27.01 29.18
N LYS E 215 37.04 -26.33 30.22
CA LYS E 215 37.88 -25.78 31.27
C LYS E 215 37.38 -26.26 32.62
N LYS E 216 38.21 -27.03 33.32
CA LYS E 216 37.86 -27.53 34.65
C LYS E 216 38.15 -26.44 35.68
N ILE E 217 37.13 -26.07 36.46
CA ILE E 217 37.29 -25.06 37.49
C ILE E 217 37.99 -25.67 38.70
N VAL E 218 39.19 -25.19 38.99
CA VAL E 218 39.99 -25.71 40.10
C VAL E 218 40.24 -24.58 41.09
N PRO E 219 40.29 -24.84 42.39
CA PRO E 219 40.63 -23.76 43.33
C PRO E 219 42.06 -23.26 43.13
N ARG E 220 42.31 -22.06 43.63
CA ARG E 220 43.62 -21.43 43.50
C ARG E 220 44.60 -22.05 44.49
N ASP E 221 45.89 -21.77 44.27
CA ASP E 221 46.95 -22.29 45.12
C ASP E 221 47.01 -21.53 46.44
N GLN F 1 2.21 -0.80 1.45
CA GLN F 1 2.82 -1.48 2.59
C GLN F 1 2.10 -1.13 3.89
N ILE F 2 1.25 -2.05 4.36
CA ILE F 2 0.52 -1.82 5.60
C ILE F 2 1.49 -1.81 6.77
N VAL F 3 1.35 -0.82 7.64
CA VAL F 3 2.24 -0.63 8.79
C VAL F 3 1.43 -0.88 10.06
N LEU F 4 1.91 -1.82 10.87
CA LEU F 4 1.31 -2.12 12.16
C LEU F 4 2.01 -1.36 13.28
N SER F 5 1.25 -0.96 14.28
CA SER F 5 1.76 -0.21 15.42
C SER F 5 1.20 -0.81 16.70
N GLN F 6 2.07 -1.02 17.68
CA GLN F 6 1.68 -1.56 18.98
C GLN F 6 1.65 -0.42 20.00
N SER F 7 0.58 -0.37 20.81
CA SER F 7 0.32 0.84 21.57
C SER F 7 1.39 1.14 22.62
N PRO F 8 1.69 0.24 23.56
CA PRO F 8 2.80 0.53 24.48
C PRO F 8 4.10 -0.07 23.99
N ALA F 9 5.19 0.68 24.17
CA ALA F 9 6.51 0.11 23.90
C ALA F 9 6.81 -1.03 24.87
N ILE F 10 6.50 -0.84 26.14
CA ILE F 10 6.69 -1.85 27.17
C ILE F 10 5.54 -1.74 28.17
N LEU F 11 4.91 -2.87 28.47
CA LEU F 11 3.78 -2.93 29.40
C LEU F 11 4.23 -3.61 30.69
N SER F 12 4.19 -2.87 31.79
CA SER F 12 4.54 -3.41 33.09
C SER F 12 3.29 -3.89 33.82
N ALA F 13 3.39 -5.05 34.46
CA ALA F 13 2.26 -5.65 35.15
C ALA F 13 2.77 -6.53 36.29
N SER F 14 1.85 -6.89 37.17
CA SER F 14 2.13 -7.77 38.30
C SER F 14 1.49 -9.13 38.10
N PRO F 15 2.01 -10.18 38.73
CA PRO F 15 1.41 -11.51 38.59
C PRO F 15 -0.01 -11.53 39.14
N GLY F 16 -0.97 -11.85 38.27
CA GLY F 16 -2.38 -11.85 38.60
C GLY F 16 -3.18 -10.72 37.98
N GLU F 17 -2.52 -9.79 37.31
CA GLU F 17 -3.18 -8.64 36.71
C GLU F 17 -3.66 -8.96 35.30
N LYS F 18 -4.77 -8.33 34.91
CA LYS F 18 -5.32 -8.45 33.56
C LYS F 18 -4.90 -7.22 32.77
N VAL F 19 -4.04 -7.43 31.76
CA VAL F 19 -3.48 -6.34 30.97
C VAL F 19 -3.78 -6.62 29.51
N THR F 20 -3.94 -5.54 28.73
CA THR F 20 -4.28 -5.61 27.33
C THR F 20 -3.23 -4.87 26.50
N MET F 21 -2.77 -5.51 25.43
CA MET F 21 -1.89 -4.90 24.45
C MET F 21 -2.63 -4.82 23.12
N THR F 22 -2.41 -3.74 22.38
CA THR F 22 -3.17 -3.48 21.16
C THR F 22 -2.24 -3.38 19.94
N CYS F 23 -2.84 -3.54 18.76
CA CYS F 23 -2.14 -3.47 17.49
C CYS F 23 -3.06 -2.78 16.49
N ARG F 24 -2.58 -1.68 15.89
CA ARG F 24 -3.39 -0.88 14.98
C ARG F 24 -2.75 -0.87 13.59
N ALA F 25 -3.57 -1.10 12.57
CA ALA F 25 -3.11 -1.18 11.20
C ALA F 25 -3.49 0.08 10.43
N THR F 26 -2.65 0.44 9.46
CA THR F 26 -2.93 1.61 8.64
C THR F 26 -4.11 1.36 7.71
N SER F 27 -4.21 0.16 7.16
CA SER F 27 -5.32 -0.24 6.30
C SER F 27 -6.04 -1.43 6.91
N SER F 28 -7.24 -1.68 6.41
CA SER F 28 -8.04 -2.79 6.93
C SER F 28 -7.41 -4.13 6.55
N VAL F 29 -7.36 -5.03 7.53
CA VAL F 29 -6.86 -6.38 7.33
C VAL F 29 -7.90 -7.36 7.85
N SER F 30 -7.87 -8.58 7.31
CA SER F 30 -8.87 -9.58 7.68
C SER F 30 -8.52 -10.24 9.01
N TYR F 31 -7.27 -10.67 9.17
CA TYR F 31 -6.83 -11.37 10.36
C TYR F 31 -5.51 -10.81 10.86
N ILE F 32 -5.30 -10.93 12.16
CA ILE F 32 -4.04 -10.52 12.80
C ILE F 32 -3.54 -11.69 13.63
N HIS F 33 -2.27 -12.04 13.43
CA HIS F 33 -1.64 -13.14 14.15
C HIS F 33 -0.61 -12.60 15.13
N TRP F 34 -0.54 -13.24 16.30
CA TRP F 34 0.34 -12.80 17.38
C TRP F 34 1.42 -13.84 17.64
N TYR F 35 2.60 -13.36 18.02
CA TYR F 35 3.75 -14.21 18.29
C TYR F 35 4.40 -13.80 19.60
N GLN F 36 4.79 -14.80 20.39
CA GLN F 36 5.56 -14.58 21.61
C GLN F 36 7.01 -14.92 21.34
N GLN F 37 7.92 -14.03 21.77
CA GLN F 37 9.34 -14.22 21.56
C GLN F 37 10.09 -13.94 22.85
N LYS F 38 10.60 -14.99 23.49
CA LYS F 38 11.57 -14.83 24.56
C LYS F 38 12.96 -14.63 23.98
N PRO F 39 13.83 -13.88 24.67
CA PRO F 39 15.12 -13.55 24.08
C PRO F 39 16.02 -14.77 23.95
N GLY F 40 16.82 -14.76 22.88
CA GLY F 40 17.67 -15.89 22.55
C GLY F 40 16.96 -17.07 21.94
N SER F 41 15.64 -17.00 21.79
CA SER F 41 14.83 -18.07 21.24
C SER F 41 14.13 -17.57 19.97
N SER F 42 13.32 -18.43 19.41
CA SER F 42 12.60 -18.14 18.18
C SER F 42 11.21 -17.61 18.49
N PRO F 43 10.67 -16.72 17.65
CA PRO F 43 9.29 -16.26 17.85
C PRO F 43 8.33 -17.43 17.73
N LYS F 44 7.56 -17.65 18.80
CA LYS F 44 6.61 -18.75 18.77
C LYS F 44 5.23 -18.26 18.34
N PRO F 45 4.55 -19.00 17.46
CA PRO F 45 3.18 -18.63 17.08
C PRO F 45 2.24 -18.74 18.28
N TRP F 46 1.69 -17.60 18.69
CA TRP F 46 0.88 -17.56 19.90
C TRP F 46 -0.62 -17.53 19.61
N ILE F 47 -1.06 -16.69 18.67
CA ILE F 47 -2.47 -16.61 18.30
C ILE F 47 -2.57 -16.42 16.80
N TYR F 48 -3.37 -17.26 16.15
CA TYR F 48 -3.65 -17.15 14.73
C TYR F 48 -5.13 -16.85 14.53
N ALA F 49 -5.44 -16.23 13.38
CA ALA F 49 -6.81 -15.85 13.03
C ALA F 49 -7.46 -14.98 14.10
N THR F 50 -6.71 -14.00 14.58
CA THR F 50 -7.21 -12.93 15.45
C THR F 50 -7.60 -13.41 16.85
N SER F 51 -8.33 -14.53 16.95
CA SER F 51 -8.86 -14.98 18.23
C SER F 51 -8.56 -16.44 18.58
N SER F 52 -7.95 -17.20 17.69
CA SER F 52 -7.70 -18.62 17.95
C SER F 52 -6.32 -18.82 18.59
N LEU F 53 -6.27 -19.69 19.58
CA LEU F 53 -5.03 -20.00 20.28
C LEU F 53 -4.28 -21.12 19.58
N THR F 54 -2.95 -21.02 19.58
CA THR F 54 -2.15 -22.12 19.05
C THR F 54 -2.14 -23.29 20.03
N SER F 55 -1.87 -24.49 19.49
CA SER F 55 -1.82 -25.69 20.30
C SER F 55 -0.74 -25.59 21.37
N GLY F 56 -1.15 -25.44 22.62
CA GLY F 56 -0.24 -25.33 23.75
C GLY F 56 -0.30 -23.99 24.46
N VAL F 57 -0.82 -22.96 23.82
CA VAL F 57 -0.93 -21.64 24.45
C VAL F 57 -1.89 -21.71 25.62
N PRO F 58 -1.56 -21.14 26.77
CA PRO F 58 -2.48 -21.20 27.93
C PRO F 58 -3.80 -20.50 27.65
N VAL F 59 -4.85 -21.01 28.27
CA VAL F 59 -6.20 -20.48 28.05
C VAL F 59 -6.38 -19.06 28.58
N ARG F 60 -5.44 -18.57 29.38
CA ARG F 60 -5.51 -17.20 29.87
C ARG F 60 -5.19 -16.16 28.80
N PHE F 61 -4.82 -16.59 27.60
CA PHE F 61 -4.57 -15.69 26.49
C PHE F 61 -5.79 -15.61 25.58
N SER F 62 -6.02 -14.42 25.03
CA SER F 62 -7.18 -14.20 24.18
C SER F 62 -6.93 -12.99 23.28
N GLY F 63 -7.40 -13.07 22.05
CA GLY F 63 -7.23 -11.99 21.10
C GLY F 63 -8.54 -11.58 20.48
N SER F 64 -8.62 -10.29 20.10
CA SER F 64 -9.81 -9.74 19.48
C SER F 64 -9.40 -8.57 18.60
N GLY F 65 -10.35 -8.10 17.80
CA GLY F 65 -10.11 -6.97 16.92
C GLY F 65 -10.82 -7.09 15.59
N SER F 66 -10.83 -6.00 14.83
CA SER F 66 -11.48 -5.98 13.52
C SER F 66 -11.00 -4.76 12.76
N GLY F 67 -11.04 -4.85 11.43
CA GLY F 67 -10.69 -3.74 10.57
C GLY F 67 -9.25 -3.26 10.71
N THR F 68 -9.04 -2.23 11.52
CA THR F 68 -7.71 -1.64 11.70
C THR F 68 -7.29 -1.58 13.15
N SER F 69 -8.05 -2.17 14.07
CA SER F 69 -7.74 -2.16 15.49
C SER F 69 -7.87 -3.57 16.04
N TYR F 70 -6.76 -4.12 16.53
CA TYR F 70 -6.73 -5.44 17.13
C TYR F 70 -6.06 -5.36 18.49
N SER F 71 -6.29 -6.38 19.31
CA SER F 71 -5.82 -6.36 20.68
C SER F 71 -5.49 -7.77 21.15
N LEU F 72 -4.62 -7.85 22.16
CA LEU F 72 -4.23 -9.09 22.80
C LEU F 72 -4.41 -8.92 24.31
N THR F 73 -5.09 -9.88 24.93
CA THR F 73 -5.48 -9.78 26.33
C THR F 73 -4.98 -10.99 27.11
N ILE F 74 -4.40 -10.74 28.29
CA ILE F 74 -4.03 -11.78 29.23
C ILE F 74 -4.94 -11.62 30.45
N SER F 75 -5.74 -12.65 30.73
CA SER F 75 -6.66 -12.58 31.85
C SER F 75 -5.94 -12.63 33.20
N ARG F 76 -4.69 -13.11 33.22
CA ARG F 76 -3.94 -13.21 34.47
C ARG F 76 -2.45 -13.30 34.12
N VAL F 77 -1.71 -12.22 34.36
CA VAL F 77 -0.29 -12.19 34.05
C VAL F 77 0.45 -13.13 34.99
N GLU F 78 1.34 -13.96 34.43
CA GLU F 78 2.16 -14.86 35.21
C GLU F 78 3.61 -14.76 34.77
N ALA F 79 4.51 -15.20 35.66
CA ALA F 79 5.95 -14.96 35.49
C ALA F 79 6.45 -15.48 34.15
N GLU F 80 6.00 -16.68 33.74
CA GLU F 80 6.45 -17.26 32.48
C GLU F 80 5.92 -16.54 31.25
N ASP F 81 5.08 -15.51 31.43
CA ASP F 81 4.59 -14.75 30.29
C ASP F 81 5.54 -13.64 29.86
N ALA F 82 6.53 -13.30 30.70
CA ALA F 82 7.47 -12.24 30.38
C ALA F 82 8.21 -12.51 29.07
N ALA F 83 7.88 -11.76 28.04
CA ALA F 83 8.48 -11.90 26.71
C ALA F 83 8.12 -10.66 25.92
N THR F 84 8.36 -10.71 24.61
CA THR F 84 7.98 -9.64 23.69
C THR F 84 7.01 -10.20 22.68
N TYR F 85 5.90 -9.50 22.47
CA TYR F 85 4.80 -9.97 21.64
C TYR F 85 4.72 -9.12 20.37
N TYR F 86 4.59 -9.79 19.22
CA TYR F 86 4.50 -9.14 17.93
C TYR F 86 3.19 -9.50 17.24
N CYS F 87 2.59 -8.52 16.57
CA CYS F 87 1.44 -8.77 15.72
C CYS F 87 1.89 -8.79 14.26
N GLN F 88 1.23 -9.61 13.46
CA GLN F 88 1.62 -9.80 12.06
C GLN F 88 0.38 -9.89 11.19
N GLN F 89 0.44 -9.24 10.02
CA GLN F 89 -0.60 -9.31 9.01
C GLN F 89 0.00 -9.77 7.69
N TRP F 90 -0.86 -10.30 6.80
CA TRP F 90 -0.49 -10.62 5.44
C TRP F 90 -1.69 -10.30 4.53
N SER F 91 -2.04 -9.02 4.45
CA SER F 91 -3.07 -8.54 3.55
C SER F 91 -2.53 -7.79 2.35
N SER F 92 -1.28 -7.35 2.39
CA SER F 92 -0.57 -6.76 1.27
C SER F 92 0.46 -7.74 0.74
N ASN F 93 1.24 -7.30 -0.25
CA ASN F 93 2.27 -8.17 -0.82
C ASN F 93 3.40 -8.42 0.18
N PRO F 94 3.90 -7.41 0.89
CA PRO F 94 4.88 -7.69 1.94
C PRO F 94 4.21 -7.78 3.30
N PRO F 95 4.06 -8.98 3.86
CA PRO F 95 3.57 -9.10 5.23
C PRO F 95 4.50 -8.39 6.19
N THR F 96 3.94 -7.56 7.05
CA THR F 96 4.73 -6.77 7.99
C THR F 96 4.41 -7.17 9.42
N PHE F 97 5.34 -6.86 10.32
CA PHE F 97 5.20 -7.11 11.74
C PHE F 97 5.09 -5.79 12.50
N GLY F 98 4.57 -5.88 13.71
CA GLY F 98 4.59 -4.74 14.60
C GLY F 98 5.95 -4.53 15.21
N GLY F 99 6.11 -3.38 15.86
CA GLY F 99 7.38 -3.07 16.50
C GLY F 99 7.68 -3.92 17.71
N GLY F 100 6.68 -4.61 18.25
CA GLY F 100 6.84 -5.41 19.44
C GLY F 100 6.33 -4.69 20.69
N THR F 101 6.03 -5.49 21.71
CA THR F 101 5.57 -4.97 23.00
C THR F 101 6.17 -5.87 24.08
N LYS F 102 7.10 -5.32 24.86
CA LYS F 102 7.80 -6.09 25.87
C LYS F 102 6.98 -6.10 27.16
N LEU F 103 6.61 -7.30 27.62
CA LEU F 103 5.83 -7.43 28.86
C LEU F 103 6.84 -7.59 30.00
N GLU F 104 7.06 -6.50 30.73
CA GLU F 104 7.86 -6.54 31.94
C GLU F 104 6.94 -6.80 33.14
N ILE F 105 7.40 -7.64 34.06
CA ILE F 105 6.57 -8.13 35.15
C ILE F 105 7.05 -7.49 36.45
N LYS F 106 6.15 -6.72 37.08
CA LYS F 106 6.44 -6.17 38.39
C LYS F 106 6.59 -7.30 39.41
N ARG F 107 7.44 -7.06 40.40
CA ARG F 107 7.79 -8.11 41.36
C ARG F 107 8.30 -7.45 42.64
N ALA F 108 8.16 -8.17 43.75
CA ALA F 108 8.72 -7.69 45.01
C ALA F 108 10.23 -7.53 44.88
N ASP F 109 10.75 -6.45 45.45
CA ASP F 109 12.17 -6.14 45.33
C ASP F 109 13.02 -7.18 46.03
N ALA F 110 14.11 -7.58 45.37
CA ALA F 110 15.00 -8.61 45.89
C ALA F 110 16.44 -8.12 45.84
N ALA F 111 17.19 -8.37 46.91
CA ALA F 111 18.59 -7.98 46.97
C ALA F 111 19.44 -8.97 46.19
N PRO F 112 20.48 -8.51 45.50
CA PRO F 112 21.34 -9.41 44.74
C PRO F 112 22.44 -10.03 45.59
N THR F 113 22.93 -11.17 45.12
CA THR F 113 24.06 -11.86 45.73
C THR F 113 25.31 -11.56 44.90
N VAL F 114 26.29 -10.90 45.53
CA VAL F 114 27.48 -10.44 44.84
C VAL F 114 28.57 -11.51 44.92
N SER F 115 29.39 -11.59 43.87
CA SER F 115 30.50 -12.54 43.83
C SER F 115 31.61 -11.95 42.97
N ILE F 116 32.80 -11.82 43.54
CA ILE F 116 33.96 -11.30 42.84
C ILE F 116 34.90 -12.46 42.54
N PHE F 117 35.65 -12.33 41.42
CA PHE F 117 36.59 -13.35 41.00
C PHE F 117 37.88 -12.68 40.52
N PRO F 118 39.04 -13.13 41.00
CA PRO F 118 40.31 -12.56 40.55
C PRO F 118 40.67 -13.07 39.16
N PRO F 119 41.67 -12.47 38.51
CA PRO F 119 42.09 -12.97 37.20
C PRO F 119 42.57 -14.42 37.25
N SER F 120 42.35 -15.13 36.14
CA SER F 120 42.74 -16.53 36.05
C SER F 120 44.23 -16.65 35.80
N SER F 121 44.84 -17.66 36.44
CA SER F 121 46.29 -17.86 36.31
C SER F 121 46.71 -17.99 34.86
N GLU F 122 45.89 -18.62 34.03
CA GLU F 122 46.19 -18.71 32.61
C GLU F 122 46.07 -17.37 31.90
N GLN F 123 45.32 -16.42 32.48
CA GLN F 123 45.16 -15.12 31.85
C GLN F 123 46.38 -14.24 32.03
N LEU F 124 46.98 -14.26 33.23
CA LEU F 124 48.17 -13.45 33.48
C LEU F 124 49.33 -13.86 32.57
N THR F 125 49.37 -15.13 32.15
CA THR F 125 50.45 -15.57 31.27
C THR F 125 50.36 -14.94 29.89
N SER F 126 49.14 -14.63 29.42
CA SER F 126 49.00 -13.99 28.12
C SER F 126 49.50 -12.56 28.15
N GLY F 127 49.06 -11.78 29.14
CA GLY F 127 49.46 -10.40 29.26
C GLY F 127 48.32 -9.49 29.69
N GLY F 128 47.23 -10.09 30.16
CA GLY F 128 46.07 -9.33 30.60
C GLY F 128 45.50 -9.89 31.88
N ALA F 129 44.65 -9.09 32.51
CA ALA F 129 44.01 -9.47 33.76
C ALA F 129 42.62 -8.86 33.81
N SER F 130 41.61 -9.70 33.98
CA SER F 130 40.22 -9.26 34.04
C SER F 130 39.62 -9.70 35.37
N VAL F 131 39.08 -8.74 36.12
CA VAL F 131 38.40 -9.00 37.38
C VAL F 131 36.90 -8.98 37.12
N VAL F 132 36.23 -10.08 37.48
CA VAL F 132 34.81 -10.27 37.18
C VAL F 132 34.02 -10.17 38.48
N CYS F 133 32.91 -9.43 38.42
CA CYS F 133 31.95 -9.34 39.51
C CYS F 133 30.58 -9.71 39.00
N PHE F 134 29.85 -10.51 39.77
CA PHE F 134 28.54 -11.01 39.38
C PHE F 134 27.47 -10.47 40.33
N LEU F 135 26.39 -9.95 39.75
CA LEU F 135 25.25 -9.43 40.49
C LEU F 135 24.05 -10.29 40.10
N ASN F 136 23.62 -11.18 40.99
CA ASN F 136 22.70 -12.24 40.64
C ASN F 136 21.35 -12.07 41.33
N ASN F 137 20.28 -12.24 40.55
CA ASN F 137 18.92 -12.38 41.07
C ASN F 137 18.42 -11.16 41.82
N PHE F 138 18.13 -10.08 41.10
CA PHE F 138 17.50 -8.89 41.64
C PHE F 138 16.46 -8.40 40.64
N TYR F 139 15.32 -7.91 41.14
CA TYR F 139 14.27 -7.47 40.22
C TYR F 139 14.38 -6.00 39.83
N PRO F 140 14.54 -5.05 40.79
CA PRO F 140 14.40 -3.63 40.43
C PRO F 140 15.30 -3.11 39.30
N LYS F 141 15.99 -4.02 38.59
CA LYS F 141 16.65 -3.71 37.34
C LYS F 141 17.74 -2.65 37.48
N ASP F 142 17.33 -1.41 37.74
CA ASP F 142 18.28 -0.31 37.84
C ASP F 142 19.25 -0.55 38.98
N ILE F 143 20.53 -0.69 38.65
CA ILE F 143 21.58 -0.98 39.62
C ILE F 143 22.84 -0.22 39.22
N ASN F 144 23.68 0.06 40.21
CA ASN F 144 24.94 0.76 40.00
C ASN F 144 26.10 -0.09 40.51
N VAL F 145 27.22 -0.01 39.82
CA VAL F 145 28.43 -0.76 40.17
C VAL F 145 29.59 0.21 40.25
N LYS F 146 30.22 0.30 41.42
CA LYS F 146 31.37 1.15 41.63
C LYS F 146 32.59 0.25 41.84
N TRP F 147 33.60 0.42 40.98
CA TRP F 147 34.84 -0.33 41.13
C TRP F 147 35.84 0.52 41.91
N LYS F 148 36.43 -0.09 42.94
CA LYS F 148 37.37 0.60 43.82
C LYS F 148 38.71 -0.13 43.77
N ILE F 149 39.63 0.38 42.95
CA ILE F 149 41.00 -0.14 42.92
C ILE F 149 41.74 0.46 44.11
N ASP F 150 42.16 -0.40 45.04
CA ASP F 150 42.79 0.01 46.29
C ASP F 150 41.89 0.99 47.06
N GLY F 151 41.78 2.22 46.58
CA GLY F 151 40.93 3.20 47.21
C GLY F 151 40.13 4.03 46.21
N SER F 152 40.81 4.55 45.19
CA SER F 152 40.15 5.41 44.21
C SER F 152 39.21 4.59 43.33
N GLU F 153 38.30 5.30 42.67
CA GLU F 153 37.33 4.67 41.78
C GLU F 153 37.88 4.60 40.36
N ARG F 154 37.63 3.48 39.70
CA ARG F 154 38.08 3.26 38.33
C ARG F 154 36.90 3.51 37.39
N GLN F 155 36.97 4.60 36.63
CA GLN F 155 35.91 5.00 35.72
C GLN F 155 36.28 4.75 34.26
N ASN F 156 37.30 3.92 34.01
CA ASN F 156 37.71 3.57 32.66
C ASN F 156 38.08 2.10 32.61
N GLY F 157 37.72 1.43 31.52
CA GLY F 157 37.96 0.02 31.39
C GLY F 157 36.93 -0.86 32.05
N VAL F 158 35.69 -0.39 32.14
CA VAL F 158 34.60 -1.10 32.80
C VAL F 158 33.53 -1.42 31.77
N LEU F 159 33.23 -2.70 31.61
CA LEU F 159 32.16 -3.16 30.74
C LEU F 159 31.23 -4.07 31.54
N ASN F 160 29.96 -4.06 31.17
CA ASN F 160 28.97 -4.85 31.89
C ASN F 160 27.77 -5.11 31.00
N SER F 161 26.93 -6.05 31.42
CA SER F 161 25.74 -6.43 30.66
C SER F 161 24.70 -7.01 31.60
N TRP F 162 23.47 -7.08 31.11
CA TRP F 162 22.33 -7.55 31.88
C TRP F 162 21.68 -8.75 31.21
N THR F 163 20.96 -9.54 32.00
CA THR F 163 20.03 -10.52 31.47
C THR F 163 18.67 -9.86 31.23
N ASP F 164 17.88 -10.46 30.36
CA ASP F 164 16.63 -9.82 29.95
C ASP F 164 15.55 -9.95 31.03
N GLN F 165 15.48 -11.09 31.72
CA GLN F 165 14.70 -11.30 32.93
C GLN F 165 14.80 -12.75 33.38
N ASP F 166 13.65 -13.36 33.68
CA ASP F 166 13.60 -14.74 34.13
C ASP F 166 12.16 -15.25 34.13
N SER F 167 11.93 -16.40 33.51
CA SER F 167 10.58 -16.97 33.44
C SER F 167 10.12 -17.53 34.78
N LYS F 168 11.02 -17.70 35.75
CA LYS F 168 10.67 -18.26 37.05
C LYS F 168 10.91 -17.29 38.20
N ASP F 169 11.98 -16.51 38.15
CA ASP F 169 12.30 -15.58 39.23
C ASP F 169 11.76 -14.18 38.97
N SER F 170 11.57 -13.81 37.71
CA SER F 170 11.21 -12.44 37.30
C SER F 170 12.26 -11.43 37.76
N THR F 171 13.48 -11.89 38.02
CA THR F 171 14.57 -11.04 38.48
C THR F 171 15.52 -10.76 37.33
N TYR F 172 16.65 -10.13 37.64
CA TYR F 172 17.66 -9.79 36.65
C TYR F 172 19.03 -10.12 37.21
N SER F 173 20.01 -10.20 36.31
CA SER F 173 21.38 -10.46 36.67
C SER F 173 22.31 -9.57 35.88
N MET F 174 23.40 -9.17 36.50
CA MET F 174 24.37 -8.26 35.92
C MET F 174 25.77 -8.81 36.09
N SER F 175 26.67 -8.42 35.20
CA SER F 175 28.05 -8.93 35.19
C SER F 175 28.98 -7.79 34.80
N SER F 176 29.65 -7.21 35.78
CA SER F 176 30.63 -6.15 35.54
C SER F 176 32.01 -6.78 35.41
N THR F 177 32.76 -6.35 34.39
CA THR F 177 34.07 -6.92 34.08
C THR F 177 35.09 -5.78 33.97
N LEU F 178 35.85 -5.58 35.04
CA LEU F 178 36.93 -4.59 35.03
C LEU F 178 38.16 -5.24 34.41
N THR F 179 38.49 -4.85 33.18
CA THR F 179 39.62 -5.41 32.46
C THR F 179 40.81 -4.47 32.54
N LEU F 180 42.00 -5.06 32.68
CA LEU F 180 43.24 -4.31 32.80
C LEU F 180 44.34 -5.03 32.03
N THR F 181 45.54 -4.45 32.05
CA THR F 181 46.72 -5.07 31.47
C THR F 181 47.63 -5.57 32.58
N LYS F 182 48.41 -6.60 32.27
CA LYS F 182 49.25 -7.24 33.29
C LYS F 182 50.31 -6.29 33.82
N ASP F 183 50.73 -5.31 33.02
CA ASP F 183 51.73 -4.36 33.48
C ASP F 183 51.14 -3.31 34.40
N GLU F 184 49.85 -2.98 34.24
CA GLU F 184 49.18 -2.00 35.06
C GLU F 184 48.24 -2.63 36.07
N TYR F 185 48.48 -3.88 36.45
CA TYR F 185 47.66 -4.60 37.42
C TYR F 185 48.41 -4.96 38.69
N GLU F 186 49.68 -5.36 38.57
CA GLU F 186 50.47 -5.70 39.75
C GLU F 186 50.86 -4.48 40.58
N ARG F 187 50.65 -3.27 40.06
CA ARG F 187 51.03 -2.06 40.79
C ARG F 187 50.11 -1.77 41.97
N HIS F 188 48.93 -2.39 42.01
CA HIS F 188 47.97 -2.17 43.09
C HIS F 188 47.60 -3.51 43.72
N ASN F 189 47.02 -3.44 44.92
CA ASN F 189 46.77 -4.63 45.72
C ASN F 189 45.29 -4.90 45.93
N SER F 190 44.55 -3.95 46.50
CA SER F 190 43.15 -4.20 46.84
C SER F 190 42.24 -3.95 45.65
N TYR F 191 41.15 -4.72 45.59
CA TYR F 191 40.16 -4.60 44.53
C TYR F 191 38.78 -4.86 45.14
N THR F 192 37.96 -3.82 45.20
CA THR F 192 36.66 -3.89 45.86
C THR F 192 35.55 -3.74 44.83
N CYS F 193 34.53 -4.58 44.93
CA CYS F 193 33.34 -4.52 44.07
C CYS F 193 32.18 -4.01 44.91
N GLU F 194 31.72 -2.79 44.60
CA GLU F 194 30.64 -2.15 45.35
C GLU F 194 29.37 -2.12 44.53
N ALA F 195 28.24 -2.33 45.19
CA ALA F 195 26.93 -2.29 44.56
C ALA F 195 26.05 -1.26 45.28
N THR F 196 25.03 -0.79 44.57
CA THR F 196 24.09 0.17 45.12
C THR F 196 22.71 -0.14 44.55
N HIS F 197 21.80 -0.60 45.41
CA HIS F 197 20.47 -1.02 44.99
C HIS F 197 19.41 -0.27 45.78
N LYS F 198 18.16 -0.42 45.34
CA LYS F 198 17.03 0.19 46.02
C LYS F 198 16.54 -0.62 47.21
N THR F 199 17.20 -1.73 47.53
CA THR F 199 16.82 -2.56 48.68
C THR F 199 17.52 -2.06 49.94
N SER F 200 18.84 -2.23 49.99
CA SER F 200 19.67 -1.69 51.05
C SER F 200 20.78 -0.86 50.41
N THR F 201 21.72 -0.40 51.22
CA THR F 201 22.79 0.47 50.74
C THR F 201 24.15 -0.20 50.98
N SER F 202 24.86 -0.48 49.89
CA SER F 202 26.28 -0.82 49.83
C SER F 202 26.59 -2.23 50.31
N PRO F 203 26.45 -3.24 49.44
CA PRO F 203 27.08 -4.54 49.71
C PRO F 203 28.44 -4.64 49.02
N ILE F 204 29.51 -4.75 49.80
CA ILE F 204 30.87 -4.71 49.28
C ILE F 204 31.49 -6.10 49.35
N VAL F 205 32.13 -6.52 48.27
CA VAL F 205 32.90 -7.77 48.22
C VAL F 205 34.23 -7.47 47.55
N LYS F 206 35.33 -7.84 48.20
CA LYS F 206 36.66 -7.46 47.74
C LYS F 206 37.58 -8.67 47.73
N SER F 207 38.79 -8.46 47.20
CA SER F 207 39.82 -9.49 47.12
C SER F 207 41.18 -8.86 47.37
N PHE F 208 42.07 -9.62 47.99
CA PHE F 208 43.42 -9.19 48.31
C PHE F 208 44.41 -9.86 47.36
N ASN F 209 45.23 -9.06 46.69
CA ASN F 209 46.20 -9.58 45.73
C ASN F 209 47.18 -10.54 46.39
N ARG F 210 46.85 -11.83 46.34
CA ARG F 210 47.68 -12.89 46.93
C ARG F 210 47.98 -12.61 48.41
#